data_1ZNH
# 
_entry.id   1ZNH 
# 
_audit_conform.dict_name       mmcif_pdbx.dic 
_audit_conform.dict_version    5.399 
_audit_conform.dict_location   http://mmcif.pdb.org/dictionaries/ascii/mmcif_pdbx.dic 
# 
loop_
_database_2.database_id 
_database_2.database_code 
_database_2.pdbx_database_accession 
_database_2.pdbx_DOI 
PDB   1ZNH         pdb_00001znh 10.2210/pdb1znh/pdb 
RCSB  RCSB032924   ?            ?                   
WWPDB D_1000032924 ?            ?                   
# 
loop_
_pdbx_audit_revision_history.ordinal 
_pdbx_audit_revision_history.data_content_type 
_pdbx_audit_revision_history.major_revision 
_pdbx_audit_revision_history.minor_revision 
_pdbx_audit_revision_history.revision_date 
1 'Structure model' 1 0 2005-12-20 
2 'Structure model' 1 1 2008-04-30 
3 'Structure model' 1 2 2011-07-13 
4 'Structure model' 1 3 2023-08-23 
5 'Structure model' 1 4 2024-11-20 
# 
_pdbx_audit_revision_details.ordinal             1 
_pdbx_audit_revision_details.revision_ordinal    1 
_pdbx_audit_revision_details.data_content_type   'Structure model' 
_pdbx_audit_revision_details.provider            repository 
_pdbx_audit_revision_details.type                'Initial release' 
_pdbx_audit_revision_details.description         ? 
_pdbx_audit_revision_details.details             ? 
# 
loop_
_pdbx_audit_revision_group.ordinal 
_pdbx_audit_revision_group.revision_ordinal 
_pdbx_audit_revision_group.data_content_type 
_pdbx_audit_revision_group.group 
1 2 'Structure model' 'Version format compliance' 
2 3 'Structure model' 'Version format compliance' 
3 4 'Structure model' 'Data collection'           
4 4 'Structure model' 'Database references'       
5 4 'Structure model' 'Derived calculations'      
6 4 'Structure model' 'Refinement description'    
7 5 'Structure model' 'Structure summary'         
# 
loop_
_pdbx_audit_revision_category.ordinal 
_pdbx_audit_revision_category.revision_ordinal 
_pdbx_audit_revision_category.data_content_type 
_pdbx_audit_revision_category.category 
1  4 'Structure model' chem_comp_atom                
2  4 'Structure model' chem_comp_bond                
3  4 'Structure model' database_2                    
4  4 'Structure model' pdbx_initial_refinement_model 
5  4 'Structure model' pdbx_struct_conn_angle        
6  4 'Structure model' struct_conn                   
7  4 'Structure model' struct_ref_seq_dif            
8  4 'Structure model' struct_site                   
9  5 'Structure model' pdbx_entry_details            
10 5 'Structure model' pdbx_modification_feature     
# 
loop_
_pdbx_audit_revision_item.ordinal 
_pdbx_audit_revision_item.revision_ordinal 
_pdbx_audit_revision_item.data_content_type 
_pdbx_audit_revision_item.item 
1  4 'Structure model' '_database_2.pdbx_DOI'                        
2  4 'Structure model' '_database_2.pdbx_database_accession'         
3  4 'Structure model' '_pdbx_struct_conn_angle.ptnr1_auth_comp_id'  
4  4 'Structure model' '_pdbx_struct_conn_angle.ptnr1_auth_seq_id'   
5  4 'Structure model' '_pdbx_struct_conn_angle.ptnr1_label_asym_id' 
6  4 'Structure model' '_pdbx_struct_conn_angle.ptnr1_label_atom_id' 
7  4 'Structure model' '_pdbx_struct_conn_angle.ptnr1_label_comp_id' 
8  4 'Structure model' '_pdbx_struct_conn_angle.ptnr1_label_seq_id'  
9  4 'Structure model' '_pdbx_struct_conn_angle.ptnr1_symmetry'      
10 4 'Structure model' '_pdbx_struct_conn_angle.ptnr2_auth_seq_id'   
11 4 'Structure model' '_pdbx_struct_conn_angle.ptnr2_label_asym_id' 
12 4 'Structure model' '_pdbx_struct_conn_angle.ptnr3_auth_comp_id'  
13 4 'Structure model' '_pdbx_struct_conn_angle.ptnr3_auth_seq_id'   
14 4 'Structure model' '_pdbx_struct_conn_angle.ptnr3_label_asym_id' 
15 4 'Structure model' '_pdbx_struct_conn_angle.ptnr3_label_atom_id' 
16 4 'Structure model' '_pdbx_struct_conn_angle.ptnr3_label_comp_id' 
17 4 'Structure model' '_pdbx_struct_conn_angle.ptnr3_label_seq_id'  
18 4 'Structure model' '_pdbx_struct_conn_angle.ptnr3_symmetry'      
19 4 'Structure model' '_pdbx_struct_conn_angle.value'               
20 4 'Structure model' '_struct_conn.pdbx_dist_value'                
21 4 'Structure model' '_struct_conn.ptnr1_auth_comp_id'             
22 4 'Structure model' '_struct_conn.ptnr1_auth_seq_id'              
23 4 'Structure model' '_struct_conn.ptnr1_label_asym_id'            
24 4 'Structure model' '_struct_conn.ptnr1_label_atom_id'            
25 4 'Structure model' '_struct_conn.ptnr1_label_comp_id'            
26 4 'Structure model' '_struct_conn.ptnr1_label_seq_id'             
27 4 'Structure model' '_struct_conn.ptnr1_symmetry'                 
28 4 'Structure model' '_struct_conn.ptnr2_auth_comp_id'             
29 4 'Structure model' '_struct_conn.ptnr2_auth_seq_id'              
30 4 'Structure model' '_struct_conn.ptnr2_label_asym_id'            
31 4 'Structure model' '_struct_conn.ptnr2_label_atom_id'            
32 4 'Structure model' '_struct_conn.ptnr2_label_comp_id'            
33 4 'Structure model' '_struct_conn.ptnr2_label_seq_id'             
34 4 'Structure model' '_struct_conn.ptnr2_symmetry'                 
35 4 'Structure model' '_struct_ref_seq_dif.details'                 
36 4 'Structure model' '_struct_site.pdbx_auth_asym_id'              
37 4 'Structure model' '_struct_site.pdbx_auth_comp_id'              
38 4 'Structure model' '_struct_site.pdbx_auth_seq_id'               
# 
_pdbx_database_status.status_code                     REL 
_pdbx_database_status.entry_id                        1ZNH 
_pdbx_database_status.recvd_initial_deposition_date   2005-05-11 
_pdbx_database_status.deposit_site                    RCSB 
_pdbx_database_status.process_site                    RCSB 
_pdbx_database_status.status_code_sf                  REL 
_pdbx_database_status.status_code_mr                  ? 
_pdbx_database_status.SG_entry                        ? 
_pdbx_database_status.pdb_format_compatible           Y 
_pdbx_database_status.status_code_cs                  ? 
_pdbx_database_status.status_code_nmr_data            ? 
_pdbx_database_status.methods_development_category    ? 
# 
loop_
_pdbx_database_related.db_name 
_pdbx_database_related.db_id 
_pdbx_database_related.details 
_pdbx_database_related.content_type 
PDB 1ZND . unspecified 
PDB 1ZNG . unspecified 
PDB 1ZNE . unspecified 
PDB 1ZNK . unspecified 
PDB 1ZNL . unspecified 
# 
loop_
_audit_author.name 
_audit_author.pdbx_ordinal 
'Malham, R.'     1 
'Johnstone, S.'  2 
'Bingham, R.J.'  3 
'Barratt, E.'    4 
'Phillips, S.E.' 5 
'Laughton, C.A.' 6 
'Homans, S.W.'   7 
# 
_citation.id                        primary 
_citation.title                     'Strong Solute-Solute Dispersive Interactions in a Protein-Ligand Complex.' 
_citation.journal_abbrev            J.Am.Chem.Soc. 
_citation.journal_volume            127 
_citation.page_first                17061 
_citation.page_last                 17067 
_citation.year                      2005 
_citation.journal_id_ASTM           JACSAT 
_citation.country                   US 
_citation.journal_id_ISSN           0002-7863 
_citation.journal_id_CSD            0004 
_citation.book_publisher            ? 
_citation.pdbx_database_id_PubMed   16316253 
_citation.pdbx_database_id_DOI      10.1021/ja055454g 
# 
loop_
_citation_author.citation_id 
_citation_author.name 
_citation_author.ordinal 
_citation_author.identifier_ORCID 
primary 'Malham, R.'     1 ? 
primary 'Johnstone, S.'  2 ? 
primary 'Bingham, R.J.'  3 ? 
primary 'Barratt, E.'    4 ? 
primary 'Phillips, S.E.' 5 ? 
primary 'Laughton, C.A.' 6 ? 
primary 'Homans, S.W.'   7 ? 
# 
loop_
_entity.id 
_entity.type 
_entity.src_method 
_entity.pdbx_description 
_entity.formula_weight 
_entity.pdbx_number_of_molecules 
_entity.pdbx_ec 
_entity.pdbx_mutation 
_entity.pdbx_fragment 
_entity.details 
1 polymer     man 'Major Urinary Protein' 20139.400 1   ? ? ? ? 
2 non-polymer syn 'CADMIUM ION'           112.411   6   ? ? ? ? 
3 non-polymer syn OCTAN-1-OL              130.228   1   ? ? ? ? 
4 water       nat water                   18.015    176 ? ? ? ? 
# 
_entity_poly.entity_id                      1 
_entity_poly.type                           'polypeptide(L)' 
_entity_poly.nstd_linkage                   no 
_entity_poly.nstd_monomer                   no 
_entity_poly.pdbx_seq_one_letter_code       
;MRGSHHHHHHGSEEASSTGRNFNVEKINGEWHTIILASDKREKIEDNGNFRLFLEQIHVLEKSLVLKFHTVRDEECSELS
MVADKTEKAGEYSVTYDGFNTFTIPKTDYDNFLMAHLINEKDGETFQLMGLYGREPDLSSDIKERFAQLCEEHGILRENI
IDLSNANRCLQARE
;
_entity_poly.pdbx_seq_one_letter_code_can   
;MRGSHHHHHHGSEEASSTGRNFNVEKINGEWHTIILASDKREKIEDNGNFRLFLEQIHVLEKSLVLKFHTVRDEECSELS
MVADKTEKAGEYSVTYDGFNTFTIPKTDYDNFLMAHLINEKDGETFQLMGLYGREPDLSSDIKERFAQLCEEHGILRENI
IDLSNANRCLQARE
;
_entity_poly.pdbx_strand_id                 A 
_entity_poly.pdbx_target_identifier         ? 
# 
loop_
_pdbx_entity_nonpoly.entity_id 
_pdbx_entity_nonpoly.name 
_pdbx_entity_nonpoly.comp_id 
2 'CADMIUM ION' CD  
3 OCTAN-1-OL    OC9 
4 water         HOH 
# 
loop_
_entity_poly_seq.entity_id 
_entity_poly_seq.num 
_entity_poly_seq.mon_id 
_entity_poly_seq.hetero 
1 1   MET n 
1 2   ARG n 
1 3   GLY n 
1 4   SER n 
1 5   HIS n 
1 6   HIS n 
1 7   HIS n 
1 8   HIS n 
1 9   HIS n 
1 10  HIS n 
1 11  GLY n 
1 12  SER n 
1 13  GLU n 
1 14  GLU n 
1 15  ALA n 
1 16  SER n 
1 17  SER n 
1 18  THR n 
1 19  GLY n 
1 20  ARG n 
1 21  ASN n 
1 22  PHE n 
1 23  ASN n 
1 24  VAL n 
1 25  GLU n 
1 26  LYS n 
1 27  ILE n 
1 28  ASN n 
1 29  GLY n 
1 30  GLU n 
1 31  TRP n 
1 32  HIS n 
1 33  THR n 
1 34  ILE n 
1 35  ILE n 
1 36  LEU n 
1 37  ALA n 
1 38  SER n 
1 39  ASP n 
1 40  LYS n 
1 41  ARG n 
1 42  GLU n 
1 43  LYS n 
1 44  ILE n 
1 45  GLU n 
1 46  ASP n 
1 47  ASN n 
1 48  GLY n 
1 49  ASN n 
1 50  PHE n 
1 51  ARG n 
1 52  LEU n 
1 53  PHE n 
1 54  LEU n 
1 55  GLU n 
1 56  GLN n 
1 57  ILE n 
1 58  HIS n 
1 59  VAL n 
1 60  LEU n 
1 61  GLU n 
1 62  LYS n 
1 63  SER n 
1 64  LEU n 
1 65  VAL n 
1 66  LEU n 
1 67  LYS n 
1 68  PHE n 
1 69  HIS n 
1 70  THR n 
1 71  VAL n 
1 72  ARG n 
1 73  ASP n 
1 74  GLU n 
1 75  GLU n 
1 76  CYS n 
1 77  SER n 
1 78  GLU n 
1 79  LEU n 
1 80  SER n 
1 81  MET n 
1 82  VAL n 
1 83  ALA n 
1 84  ASP n 
1 85  LYS n 
1 86  THR n 
1 87  GLU n 
1 88  LYS n 
1 89  ALA n 
1 90  GLY n 
1 91  GLU n 
1 92  TYR n 
1 93  SER n 
1 94  VAL n 
1 95  THR n 
1 96  TYR n 
1 97  ASP n 
1 98  GLY n 
1 99  PHE n 
1 100 ASN n 
1 101 THR n 
1 102 PHE n 
1 103 THR n 
1 104 ILE n 
1 105 PRO n 
1 106 LYS n 
1 107 THR n 
1 108 ASP n 
1 109 TYR n 
1 110 ASP n 
1 111 ASN n 
1 112 PHE n 
1 113 LEU n 
1 114 MET n 
1 115 ALA n 
1 116 HIS n 
1 117 LEU n 
1 118 ILE n 
1 119 ASN n 
1 120 GLU n 
1 121 LYS n 
1 122 ASP n 
1 123 GLY n 
1 124 GLU n 
1 125 THR n 
1 126 PHE n 
1 127 GLN n 
1 128 LEU n 
1 129 MET n 
1 130 GLY n 
1 131 LEU n 
1 132 TYR n 
1 133 GLY n 
1 134 ARG n 
1 135 GLU n 
1 136 PRO n 
1 137 ASP n 
1 138 LEU n 
1 139 SER n 
1 140 SER n 
1 141 ASP n 
1 142 ILE n 
1 143 LYS n 
1 144 GLU n 
1 145 ARG n 
1 146 PHE n 
1 147 ALA n 
1 148 GLN n 
1 149 LEU n 
1 150 CYS n 
1 151 GLU n 
1 152 GLU n 
1 153 HIS n 
1 154 GLY n 
1 155 ILE n 
1 156 LEU n 
1 157 ARG n 
1 158 GLU n 
1 159 ASN n 
1 160 ILE n 
1 161 ILE n 
1 162 ASP n 
1 163 LEU n 
1 164 SER n 
1 165 ASN n 
1 166 ALA n 
1 167 ASN n 
1 168 ARG n 
1 169 CYS n 
1 170 LEU n 
1 171 GLN n 
1 172 ALA n 
1 173 ARG n 
1 174 GLU n 
# 
_entity_src_gen.entity_id                          1 
_entity_src_gen.pdbx_src_id                        1 
_entity_src_gen.pdbx_alt_source_flag               sample 
_entity_src_gen.pdbx_seq_type                      ? 
_entity_src_gen.pdbx_beg_seq_num                   ? 
_entity_src_gen.pdbx_end_seq_num                   ? 
_entity_src_gen.gene_src_common_name               'house mouse' 
_entity_src_gen.gene_src_genus                     Mus 
_entity_src_gen.pdbx_gene_src_gene                 MUP1 
_entity_src_gen.gene_src_species                   ? 
_entity_src_gen.gene_src_strain                    ? 
_entity_src_gen.gene_src_tissue                    ? 
_entity_src_gen.gene_src_tissue_fraction           ? 
_entity_src_gen.gene_src_details                   ? 
_entity_src_gen.pdbx_gene_src_fragment             ? 
_entity_src_gen.pdbx_gene_src_scientific_name      'Mus musculus' 
_entity_src_gen.pdbx_gene_src_ncbi_taxonomy_id     10090 
_entity_src_gen.pdbx_gene_src_variant              ? 
_entity_src_gen.pdbx_gene_src_cell_line            ? 
_entity_src_gen.pdbx_gene_src_atcc                 ? 
_entity_src_gen.pdbx_gene_src_organ                ? 
_entity_src_gen.pdbx_gene_src_organelle            ? 
_entity_src_gen.pdbx_gene_src_cell                 ? 
_entity_src_gen.pdbx_gene_src_cellular_location    ? 
_entity_src_gen.host_org_common_name               ? 
_entity_src_gen.pdbx_host_org_scientific_name      'Escherichia coli' 
_entity_src_gen.pdbx_host_org_ncbi_taxonomy_id     562 
_entity_src_gen.host_org_genus                     Escherichia 
_entity_src_gen.pdbx_host_org_gene                 ? 
_entity_src_gen.pdbx_host_org_organ                ? 
_entity_src_gen.host_org_species                   ? 
_entity_src_gen.pdbx_host_org_tissue               ? 
_entity_src_gen.pdbx_host_org_tissue_fraction      ? 
_entity_src_gen.pdbx_host_org_strain               SG13009 
_entity_src_gen.pdbx_host_org_variant              ? 
_entity_src_gen.pdbx_host_org_cell_line            ? 
_entity_src_gen.pdbx_host_org_atcc                 ? 
_entity_src_gen.pdbx_host_org_culture_collection   ? 
_entity_src_gen.pdbx_host_org_cell                 ? 
_entity_src_gen.pdbx_host_org_organelle            ? 
_entity_src_gen.pdbx_host_org_cellular_location    ? 
_entity_src_gen.pdbx_host_org_vector_type          PLASMID 
_entity_src_gen.pdbx_host_org_vector               ? 
_entity_src_gen.host_org_details                   ? 
_entity_src_gen.expression_system_id               ? 
_entity_src_gen.plasmid_name                       pQE30 
_entity_src_gen.plasmid_details                    ? 
_entity_src_gen.pdbx_description                   ? 
# 
loop_
_chem_comp.id 
_chem_comp.type 
_chem_comp.mon_nstd_flag 
_chem_comp.name 
_chem_comp.pdbx_synonyms 
_chem_comp.formula 
_chem_comp.formula_weight 
ALA 'L-peptide linking' y ALANINE         ? 'C3 H7 N O2'     89.093  
ARG 'L-peptide linking' y ARGININE        ? 'C6 H15 N4 O2 1' 175.209 
ASN 'L-peptide linking' y ASPARAGINE      ? 'C4 H8 N2 O3'    132.118 
ASP 'L-peptide linking' y 'ASPARTIC ACID' ? 'C4 H7 N O4'     133.103 
CD  non-polymer         . 'CADMIUM ION'   ? 'Cd 2'           112.411 
CYS 'L-peptide linking' y CYSTEINE        ? 'C3 H7 N O2 S'   121.158 
GLN 'L-peptide linking' y GLUTAMINE       ? 'C5 H10 N2 O3'   146.144 
GLU 'L-peptide linking' y 'GLUTAMIC ACID' ? 'C5 H9 N O4'     147.129 
GLY 'peptide linking'   y GLYCINE         ? 'C2 H5 N O2'     75.067  
HIS 'L-peptide linking' y HISTIDINE       ? 'C6 H10 N3 O2 1' 156.162 
HOH non-polymer         . WATER           ? 'H2 O'           18.015  
ILE 'L-peptide linking' y ISOLEUCINE      ? 'C6 H13 N O2'    131.173 
LEU 'L-peptide linking' y LEUCINE         ? 'C6 H13 N O2'    131.173 
LYS 'L-peptide linking' y LYSINE          ? 'C6 H15 N2 O2 1' 147.195 
MET 'L-peptide linking' y METHIONINE      ? 'C5 H11 N O2 S'  149.211 
OC9 non-polymer         . OCTAN-1-OL      ? 'C8 H18 O'       130.228 
PHE 'L-peptide linking' y PHENYLALANINE   ? 'C9 H11 N O2'    165.189 
PRO 'L-peptide linking' y PROLINE         ? 'C5 H9 N O2'     115.130 
SER 'L-peptide linking' y SERINE          ? 'C3 H7 N O3'     105.093 
THR 'L-peptide linking' y THREONINE       ? 'C4 H9 N O3'     119.119 
TRP 'L-peptide linking' y TRYPTOPHAN      ? 'C11 H12 N2 O2'  204.225 
TYR 'L-peptide linking' y TYROSINE        ? 'C9 H11 N O3'    181.189 
VAL 'L-peptide linking' y VALINE          ? 'C5 H11 N O2'    117.146 
# 
loop_
_pdbx_poly_seq_scheme.asym_id 
_pdbx_poly_seq_scheme.entity_id 
_pdbx_poly_seq_scheme.seq_id 
_pdbx_poly_seq_scheme.mon_id 
_pdbx_poly_seq_scheme.ndb_seq_num 
_pdbx_poly_seq_scheme.pdb_seq_num 
_pdbx_poly_seq_scheme.auth_seq_num 
_pdbx_poly_seq_scheme.pdb_mon_id 
_pdbx_poly_seq_scheme.auth_mon_id 
_pdbx_poly_seq_scheme.pdb_strand_id 
_pdbx_poly_seq_scheme.pdb_ins_code 
_pdbx_poly_seq_scheme.hetero 
A 1 1   MET 1   -11 ?   ?   ?   A . n 
A 1 2   ARG 2   -10 ?   ?   ?   A . n 
A 1 3   GLY 3   -9  ?   ?   ?   A . n 
A 1 4   SER 4   -8  ?   ?   ?   A . n 
A 1 5   HIS 5   -7  ?   ?   ?   A . n 
A 1 6   HIS 6   -6  ?   ?   ?   A . n 
A 1 7   HIS 7   -5  ?   ?   ?   A . n 
A 1 8   HIS 8   -4  ?   ?   ?   A . n 
A 1 9   HIS 9   -3  ?   ?   ?   A . n 
A 1 10  HIS 10  -2  ?   ?   ?   A . n 
A 1 11  GLY 11  -1  ?   ?   ?   A . n 
A 1 12  SER 12  0   ?   ?   ?   A . n 
A 1 13  GLU 13  1   1   GLU GLU A . n 
A 1 14  GLU 14  2   2   GLU GLU A . n 
A 1 15  ALA 15  3   3   ALA ALA A . n 
A 1 16  SER 16  4   4   SER SER A . n 
A 1 17  SER 17  5   5   SER SER A . n 
A 1 18  THR 18  6   6   THR THR A . n 
A 1 19  GLY 19  7   7   GLY GLY A . n 
A 1 20  ARG 20  8   8   ARG ARG A . n 
A 1 21  ASN 21  9   9   ASN ASN A . n 
A 1 22  PHE 22  10  10  PHE PHE A . n 
A 1 23  ASN 23  11  11  ASN ASN A . n 
A 1 24  VAL 24  12  12  VAL VAL A . n 
A 1 25  GLU 25  13  13  GLU GLU A . n 
A 1 26  LYS 26  14  14  LYS LYS A . n 
A 1 27  ILE 27  15  15  ILE ILE A . n 
A 1 28  ASN 28  16  16  ASN ASN A . n 
A 1 29  GLY 29  17  17  GLY GLY A . n 
A 1 30  GLU 30  18  18  GLU GLU A . n 
A 1 31  TRP 31  19  19  TRP TRP A . n 
A 1 32  HIS 32  20  20  HIS HIS A . n 
A 1 33  THR 33  21  21  THR THR A . n 
A 1 34  ILE 34  22  22  ILE ILE A . n 
A 1 35  ILE 35  23  23  ILE ILE A . n 
A 1 36  LEU 36  24  24  LEU LEU A . n 
A 1 37  ALA 37  25  25  ALA ALA A . n 
A 1 38  SER 38  26  26  SER SER A . n 
A 1 39  ASP 39  27  27  ASP ASP A . n 
A 1 40  LYS 40  28  28  LYS LYS A . n 
A 1 41  ARG 41  29  29  ARG ARG A . n 
A 1 42  GLU 42  30  30  GLU GLU A . n 
A 1 43  LYS 43  31  31  LYS LYS A . n 
A 1 44  ILE 44  32  32  ILE ILE A . n 
A 1 45  GLU 45  33  33  GLU GLU A . n 
A 1 46  ASP 46  34  34  ASP ASP A . n 
A 1 47  ASN 47  35  35  ASN ASN A . n 
A 1 48  GLY 48  36  36  GLY GLY A . n 
A 1 49  ASN 49  37  37  ASN ASN A . n 
A 1 50  PHE 50  38  38  PHE PHE A . n 
A 1 51  ARG 51  39  39  ARG ARG A . n 
A 1 52  LEU 52  40  40  LEU LEU A . n 
A 1 53  PHE 53  41  41  PHE PHE A . n 
A 1 54  LEU 54  42  42  LEU LEU A . n 
A 1 55  GLU 55  43  43  GLU GLU A . n 
A 1 56  GLN 56  44  44  GLN GLN A . n 
A 1 57  ILE 57  45  45  ILE ILE A . n 
A 1 58  HIS 58  46  46  HIS HIS A . n 
A 1 59  VAL 59  47  47  VAL VAL A . n 
A 1 60  LEU 60  48  48  LEU LEU A . n 
A 1 61  GLU 61  49  49  GLU GLU A . n 
A 1 62  LYS 62  50  50  LYS LYS A . n 
A 1 63  SER 63  51  51  SER SER A . n 
A 1 64  LEU 64  52  52  LEU LEU A . n 
A 1 65  VAL 65  53  53  VAL VAL A . n 
A 1 66  LEU 66  54  54  LEU LEU A . n 
A 1 67  LYS 67  55  55  LYS LYS A . n 
A 1 68  PHE 68  56  56  PHE PHE A . n 
A 1 69  HIS 69  57  57  HIS HIS A . n 
A 1 70  THR 70  58  58  THR THR A . n 
A 1 71  VAL 71  59  59  VAL VAL A . n 
A 1 72  ARG 72  60  60  ARG ARG A . n 
A 1 73  ASP 73  61  61  ASP ASP A . n 
A 1 74  GLU 74  62  62  GLU GLU A . n 
A 1 75  GLU 75  63  63  GLU GLU A . n 
A 1 76  CYS 76  64  64  CYS CYS A . n 
A 1 77  SER 77  65  65  SER SER A . n 
A 1 78  GLU 78  66  66  GLU GLU A . n 
A 1 79  LEU 79  67  67  LEU LEU A . n 
A 1 80  SER 80  68  68  SER SER A . n 
A 1 81  MET 81  69  69  MET MET A . n 
A 1 82  VAL 82  70  70  VAL VAL A . n 
A 1 83  ALA 83  71  71  ALA ALA A . n 
A 1 84  ASP 84  72  72  ASP ASP A . n 
A 1 85  LYS 85  73  73  LYS LYS A . n 
A 1 86  THR 86  74  74  THR THR A . n 
A 1 87  GLU 87  75  75  GLU GLU A . n 
A 1 88  LYS 88  76  76  LYS LYS A . n 
A 1 89  ALA 89  77  77  ALA ALA A . n 
A 1 90  GLY 90  78  78  GLY GLY A . n 
A 1 91  GLU 91  79  79  GLU GLU A . n 
A 1 92  TYR 92  80  80  TYR TYR A . n 
A 1 93  SER 93  81  81  SER SER A . n 
A 1 94  VAL 94  82  82  VAL VAL A . n 
A 1 95  THR 95  83  83  THR THR A . n 
A 1 96  TYR 96  84  84  TYR TYR A . n 
A 1 97  ASP 97  85  85  ASP ASP A . n 
A 1 98  GLY 98  86  86  GLY GLY A . n 
A 1 99  PHE 99  87  87  PHE PHE A . n 
A 1 100 ASN 100 88  88  ASN ASN A . n 
A 1 101 THR 101 89  89  THR THR A . n 
A 1 102 PHE 102 90  90  PHE PHE A . n 
A 1 103 THR 103 91  91  THR THR A . n 
A 1 104 ILE 104 92  92  ILE ILE A . n 
A 1 105 PRO 105 93  93  PRO PRO A . n 
A 1 106 LYS 106 94  94  LYS LYS A . n 
A 1 107 THR 107 95  95  THR THR A . n 
A 1 108 ASP 108 96  96  ASP ASP A . n 
A 1 109 TYR 109 97  97  TYR TYR A . n 
A 1 110 ASP 110 98  98  ASP ASP A . n 
A 1 111 ASN 111 99  99  ASN ASN A . n 
A 1 112 PHE 112 100 100 PHE PHE A . n 
A 1 113 LEU 113 101 101 LEU LEU A . n 
A 1 114 MET 114 102 102 MET MET A . n 
A 1 115 ALA 115 103 103 ALA ALA A . n 
A 1 116 HIS 116 104 104 HIS HIS A . n 
A 1 117 LEU 117 105 105 LEU LEU A . n 
A 1 118 ILE 118 106 106 ILE ILE A . n 
A 1 119 ASN 119 107 107 ASN ASN A . n 
A 1 120 GLU 120 108 108 GLU GLU A . n 
A 1 121 LYS 121 109 109 LYS LYS A . n 
A 1 122 ASP 122 110 110 ASP ASP A . n 
A 1 123 GLY 123 111 111 GLY GLY A . n 
A 1 124 GLU 124 112 112 GLU GLU A . n 
A 1 125 THR 125 113 113 THR THR A . n 
A 1 126 PHE 126 114 114 PHE PHE A . n 
A 1 127 GLN 127 115 115 GLN GLN A . n 
A 1 128 LEU 128 116 116 LEU LEU A . n 
A 1 129 MET 129 117 117 MET MET A . n 
A 1 130 GLY 130 118 118 GLY GLY A . n 
A 1 131 LEU 131 119 119 LEU LEU A . n 
A 1 132 TYR 132 120 120 TYR TYR A . n 
A 1 133 GLY 133 121 121 GLY GLY A . n 
A 1 134 ARG 134 122 122 ARG ARG A . n 
A 1 135 GLU 135 123 123 GLU GLU A . n 
A 1 136 PRO 136 124 124 PRO PRO A . n 
A 1 137 ASP 137 125 125 ASP ASP A . n 
A 1 138 LEU 138 126 126 LEU LEU A . n 
A 1 139 SER 139 127 127 SER SER A . n 
A 1 140 SER 140 128 128 SER SER A . n 
A 1 141 ASP 141 129 129 ASP ASP A . n 
A 1 142 ILE 142 130 130 ILE ILE A . n 
A 1 143 LYS 143 131 131 LYS LYS A . n 
A 1 144 GLU 144 132 132 GLU GLU A . n 
A 1 145 ARG 145 133 133 ARG ARG A . n 
A 1 146 PHE 146 134 134 PHE PHE A . n 
A 1 147 ALA 147 135 135 ALA ALA A . n 
A 1 148 GLN 148 136 136 GLN GLN A . n 
A 1 149 LEU 149 137 137 LEU LEU A . n 
A 1 150 CYS 150 138 138 CYS CYS A . n 
A 1 151 GLU 151 139 139 GLU GLU A . n 
A 1 152 GLU 152 140 140 GLU GLU A . n 
A 1 153 HIS 153 141 141 HIS HIS A . n 
A 1 154 GLY 154 142 142 GLY GLY A . n 
A 1 155 ILE 155 143 143 ILE ILE A . n 
A 1 156 LEU 156 144 144 LEU LEU A . n 
A 1 157 ARG 157 145 145 ARG ARG A . n 
A 1 158 GLU 158 146 146 GLU GLU A . n 
A 1 159 ASN 159 147 147 ASN ASN A . n 
A 1 160 ILE 160 148 148 ILE ILE A . n 
A 1 161 ILE 161 149 149 ILE ILE A . n 
A 1 162 ASP 162 150 150 ASP ASP A . n 
A 1 163 LEU 163 151 151 LEU LEU A . n 
A 1 164 SER 164 152 152 SER SER A . n 
A 1 165 ASN 165 153 153 ASN ASN A . n 
A 1 166 ALA 166 154 154 ALA ALA A . n 
A 1 167 ASN 167 155 155 ASN ASN A . n 
A 1 168 ARG 168 156 156 ARG ARG A . n 
A 1 169 CYS 169 157 157 CYS CYS A . n 
A 1 170 LEU 170 158 ?   ?   ?   A . n 
A 1 171 GLN 171 159 ?   ?   ?   A . n 
A 1 172 ALA 172 160 ?   ?   ?   A . n 
A 1 173 ARG 173 161 ?   ?   ?   A . n 
A 1 174 GLU 174 162 ?   ?   ?   A . n 
# 
loop_
_pdbx_nonpoly_scheme.asym_id 
_pdbx_nonpoly_scheme.entity_id 
_pdbx_nonpoly_scheme.mon_id 
_pdbx_nonpoly_scheme.ndb_seq_num 
_pdbx_nonpoly_scheme.pdb_seq_num 
_pdbx_nonpoly_scheme.auth_seq_num 
_pdbx_nonpoly_scheme.pdb_mon_id 
_pdbx_nonpoly_scheme.auth_mon_id 
_pdbx_nonpoly_scheme.pdb_strand_id 
_pdbx_nonpoly_scheme.pdb_ins_code 
B 2 CD  1   200 200 CD  CD  A . 
C 2 CD  1   201 201 CD  CD  A . 
D 2 CD  1   204 204 CD  CD  A . 
E 2 CD  1   205 205 CD  CD  A . 
F 2 CD  1   415 415 CD  CD  A . 
G 2 CD  1   416 416 CD  CD  A . 
H 3 OC9 1   401 401 OC9 OCT A . 
I 4 HOH 1   206 206 HOH WAT A . 
I 4 HOH 2   208 208 HOH WAT A . 
I 4 HOH 3   209 209 HOH WAT A . 
I 4 HOH 4   210 210 HOH WAT A . 
I 4 HOH 5   211 211 HOH WAT A . 
I 4 HOH 6   212 212 HOH WAT A . 
I 4 HOH 7   213 213 HOH WAT A . 
I 4 HOH 8   214 214 HOH WAT A . 
I 4 HOH 9   215 215 HOH WAT A . 
I 4 HOH 10  216 216 HOH WAT A . 
I 4 HOH 11  217 217 HOH WAT A . 
I 4 HOH 12  218 218 HOH WAT A . 
I 4 HOH 13  219 219 HOH WAT A . 
I 4 HOH 14  220 220 HOH WAT A . 
I 4 HOH 15  221 221 HOH WAT A . 
I 4 HOH 16  222 222 HOH WAT A . 
I 4 HOH 17  223 223 HOH WAT A . 
I 4 HOH 18  224 224 HOH WAT A . 
I 4 HOH 19  225 225 HOH WAT A . 
I 4 HOH 20  226 226 HOH WAT A . 
I 4 HOH 21  227 227 HOH WAT A . 
I 4 HOH 22  228 228 HOH WAT A . 
I 4 HOH 23  229 229 HOH WAT A . 
I 4 HOH 24  230 230 HOH WAT A . 
I 4 HOH 25  231 231 HOH WAT A . 
I 4 HOH 26  232 232 HOH WAT A . 
I 4 HOH 27  234 234 HOH WAT A . 
I 4 HOH 28  235 235 HOH WAT A . 
I 4 HOH 29  236 236 HOH WAT A . 
I 4 HOH 30  237 237 HOH WAT A . 
I 4 HOH 31  239 239 HOH WAT A . 
I 4 HOH 32  240 240 HOH WAT A . 
I 4 HOH 33  241 241 HOH WAT A . 
I 4 HOH 34  242 242 HOH WAT A . 
I 4 HOH 35  243 243 HOH WAT A . 
I 4 HOH 36  244 244 HOH WAT A . 
I 4 HOH 37  245 245 HOH WAT A . 
I 4 HOH 38  246 246 HOH WAT A . 
I 4 HOH 39  247 247 HOH WAT A . 
I 4 HOH 40  248 248 HOH WAT A . 
I 4 HOH 41  249 249 HOH WAT A . 
I 4 HOH 42  250 250 HOH WAT A . 
I 4 HOH 43  251 251 HOH WAT A . 
I 4 HOH 44  253 253 HOH WAT A . 
I 4 HOH 45  254 254 HOH WAT A . 
I 4 HOH 46  255 255 HOH WAT A . 
I 4 HOH 47  256 256 HOH WAT A . 
I 4 HOH 48  257 257 HOH WAT A . 
I 4 HOH 49  258 258 HOH WAT A . 
I 4 HOH 50  259 259 HOH WAT A . 
I 4 HOH 51  260 260 HOH WAT A . 
I 4 HOH 52  261 261 HOH WAT A . 
I 4 HOH 53  262 262 HOH WAT A . 
I 4 HOH 54  263 263 HOH WAT A . 
I 4 HOH 55  264 264 HOH WAT A . 
I 4 HOH 56  265 265 HOH WAT A . 
I 4 HOH 57  266 266 HOH WAT A . 
I 4 HOH 58  267 267 HOH WAT A . 
I 4 HOH 59  268 268 HOH WAT A . 
I 4 HOH 60  269 269 HOH WAT A . 
I 4 HOH 61  270 270 HOH WAT A . 
I 4 HOH 62  271 271 HOH WAT A . 
I 4 HOH 63  272 272 HOH WAT A . 
I 4 HOH 64  273 273 HOH WAT A . 
I 4 HOH 65  274 274 HOH WAT A . 
I 4 HOH 66  275 275 HOH WAT A . 
I 4 HOH 67  276 276 HOH WAT A . 
I 4 HOH 68  277 277 HOH WAT A . 
I 4 HOH 69  278 278 HOH WAT A . 
I 4 HOH 70  279 279 HOH WAT A . 
I 4 HOH 71  280 280 HOH WAT A . 
I 4 HOH 72  281 281 HOH WAT A . 
I 4 HOH 73  282 282 HOH WAT A . 
I 4 HOH 74  283 283 HOH WAT A . 
I 4 HOH 75  284 284 HOH WAT A . 
I 4 HOH 76  285 285 HOH WAT A . 
I 4 HOH 77  286 286 HOH WAT A . 
I 4 HOH 78  287 287 HOH WAT A . 
I 4 HOH 79  288 288 HOH WAT A . 
I 4 HOH 80  289 289 HOH WAT A . 
I 4 HOH 81  290 290 HOH WAT A . 
I 4 HOH 82  291 291 HOH WAT A . 
I 4 HOH 83  292 292 HOH WAT A . 
I 4 HOH 84  293 293 HOH WAT A . 
I 4 HOH 85  294 294 HOH WAT A . 
I 4 HOH 86  295 295 HOH WAT A . 
I 4 HOH 87  296 296 HOH WAT A . 
I 4 HOH 88  297 297 HOH WAT A . 
I 4 HOH 89  298 298 HOH WAT A . 
I 4 HOH 90  299 299 HOH WAT A . 
I 4 HOH 91  300 300 HOH WAT A . 
I 4 HOH 92  301 301 HOH WAT A . 
I 4 HOH 93  302 302 HOH WAT A . 
I 4 HOH 94  303 303 HOH WAT A . 
I 4 HOH 95  304 304 HOH WAT A . 
I 4 HOH 96  305 305 HOH WAT A . 
I 4 HOH 97  306 306 HOH WAT A . 
I 4 HOH 98  307 307 HOH WAT A . 
I 4 HOH 99  308 308 HOH WAT A . 
I 4 HOH 100 309 309 HOH WAT A . 
I 4 HOH 101 310 310 HOH WAT A . 
I 4 HOH 102 311 311 HOH WAT A . 
I 4 HOH 103 312 312 HOH WAT A . 
I 4 HOH 104 313 313 HOH WAT A . 
I 4 HOH 105 314 314 HOH WAT A . 
I 4 HOH 106 316 316 HOH WAT A . 
I 4 HOH 107 317 317 HOH WAT A . 
I 4 HOH 108 318 318 HOH WAT A . 
I 4 HOH 109 319 319 HOH WAT A . 
I 4 HOH 110 320 320 HOH WAT A . 
I 4 HOH 111 321 321 HOH WAT A . 
I 4 HOH 112 322 322 HOH WAT A . 
I 4 HOH 113 323 323 HOH WAT A . 
I 4 HOH 114 324 324 HOH WAT A . 
I 4 HOH 115 325 325 HOH WAT A . 
I 4 HOH 116 326 326 HOH WAT A . 
I 4 HOH 117 327 327 HOH WAT A . 
I 4 HOH 118 328 328 HOH WAT A . 
I 4 HOH 119 329 329 HOH WAT A . 
I 4 HOH 120 330 330 HOH WAT A . 
I 4 HOH 121 331 331 HOH WAT A . 
I 4 HOH 122 332 332 HOH WAT A . 
I 4 HOH 123 333 333 HOH WAT A . 
I 4 HOH 124 334 334 HOH WAT A . 
I 4 HOH 125 335 335 HOH WAT A . 
I 4 HOH 126 336 336 HOH WAT A . 
I 4 HOH 127 337 337 HOH WAT A . 
I 4 HOH 128 338 338 HOH WAT A . 
I 4 HOH 129 339 339 HOH WAT A . 
I 4 HOH 130 340 340 HOH WAT A . 
I 4 HOH 131 341 341 HOH WAT A . 
I 4 HOH 132 342 342 HOH WAT A . 
I 4 HOH 133 343 343 HOH WAT A . 
I 4 HOH 134 344 344 HOH WAT A . 
I 4 HOH 135 345 345 HOH WAT A . 
I 4 HOH 136 346 346 HOH WAT A . 
I 4 HOH 137 347 347 HOH WAT A . 
I 4 HOH 138 348 348 HOH WAT A . 
I 4 HOH 139 349 349 HOH WAT A . 
I 4 HOH 140 350 350 HOH WAT A . 
I 4 HOH 141 351 351 HOH WAT A . 
I 4 HOH 142 352 352 HOH WAT A . 
I 4 HOH 143 353 353 HOH WAT A . 
I 4 HOH 144 354 354 HOH WAT A . 
I 4 HOH 145 355 355 HOH WAT A . 
I 4 HOH 146 356 356 HOH WAT A . 
I 4 HOH 147 357 357 HOH WAT A . 
I 4 HOH 148 358 358 HOH WAT A . 
I 4 HOH 149 359 359 HOH WAT A . 
I 4 HOH 150 360 360 HOH WAT A . 
I 4 HOH 151 361 361 HOH WAT A . 
I 4 HOH 152 362 362 HOH WAT A . 
I 4 HOH 153 364 364 HOH WAT A . 
I 4 HOH 154 365 365 HOH WAT A . 
I 4 HOH 155 366 366 HOH WAT A . 
I 4 HOH 156 367 367 HOH WAT A . 
I 4 HOH 157 368 368 HOH WAT A . 
I 4 HOH 158 369 369 HOH WAT A . 
I 4 HOH 159 370 370 HOH WAT A . 
I 4 HOH 160 371 371 HOH WAT A . 
I 4 HOH 161 372 372 HOH WAT A . 
I 4 HOH 162 373 373 HOH WAT A . 
I 4 HOH 163 374 374 HOH WAT A . 
I 4 HOH 164 375 375 HOH WAT A . 
I 4 HOH 165 376 376 HOH WAT A . 
I 4 HOH 166 402 402 HOH WAT A . 
I 4 HOH 167 403 403 HOH WAT A . 
I 4 HOH 168 404 404 HOH WAT A . 
I 4 HOH 169 405 405 HOH WAT A . 
I 4 HOH 170 406 406 HOH WAT A . 
I 4 HOH 171 407 407 HOH WAT A . 
I 4 HOH 172 408 408 HOH WAT A . 
I 4 HOH 173 413 413 HOH WAT A . 
I 4 HOH 174 414 414 HOH WAT A . 
I 4 HOH 175 417 417 HOH WAT A . 
I 4 HOH 176 515 515 HOH WAT A . 
# 
loop_
_software.name 
_software.classification 
_software.version 
_software.citation_id 
_software.pdbx_ordinal 
MOSFLM 'data reduction' .         ? 1 
SCALA  'data scaling'   .         ? 2 
CNS    refinement       .         ? 3 
CCP4   'data scaling'   '(SCALA)' ? 4 
CNS    phasing          .         ? 5 
# 
_cell.entry_id           1ZNH 
_cell.length_a           53.662 
_cell.length_b           53.662 
_cell.length_c           137.610 
_cell.angle_alpha        90.00 
_cell.angle_beta         90.00 
_cell.angle_gamma        90.00 
_cell.Z_PDB              8 
_cell.pdbx_unique_axis   ? 
# 
_symmetry.entry_id                         1ZNH 
_symmetry.space_group_name_H-M             'P 43 21 2' 
_symmetry.pdbx_full_space_group_name_H-M   ? 
_symmetry.cell_setting                     ? 
_symmetry.Int_Tables_number                96 
_symmetry.space_group_name_Hall            ? 
# 
_exptl.entry_id          1ZNH 
_exptl.method            'X-RAY DIFFRACTION' 
_exptl.crystals_number   1 
# 
_exptl_crystal.id                    1 
_exptl_crystal.density_meas          ? 
_exptl_crystal.density_Matthews      2.75 
_exptl_crystal.density_percent_sol   54.9 
_exptl_crystal.description           ? 
_exptl_crystal.F_000                 ? 
_exptl_crystal.preparation           ? 
# 
_exptl_crystal_grow.crystal_id      1 
_exptl_crystal_grow.method          'VAPOR DIFFUSION, HANGING DROP' 
_exptl_crystal_grow.temp            291 
_exptl_crystal_grow.temp_details    ? 
_exptl_crystal_grow.pH              4.9 
_exptl_crystal_grow.pdbx_details    'CdCl Malate/HCl, pH 4.9, VAPOR DIFFUSION, HANGING DROP, temperature 291K' 
_exptl_crystal_grow.pdbx_pH_range   . 
# 
_diffrn.id                     1 
_diffrn.ambient_temp           100 
_diffrn.ambient_temp_details   ? 
_diffrn.crystal_id             1 
# 
_diffrn_detector.diffrn_id              1 
_diffrn_detector.detector               CCD 
_diffrn_detector.type                   'ADSC QUANTUM 4' 
_diffrn_detector.pdbx_collection_date   2004-11-19 
_diffrn_detector.details                mirrors 
# 
_diffrn_radiation.diffrn_id                        1 
_diffrn_radiation.wavelength_id                    1 
_diffrn_radiation.pdbx_monochromatic_or_laue_m_l   M 
_diffrn_radiation.monochromator                    Si111 
_diffrn_radiation.pdbx_diffrn_protocol             'SINGLE WAVELENGTH' 
_diffrn_radiation.pdbx_scattering_type             x-ray 
# 
_diffrn_radiation_wavelength.id           1 
_diffrn_radiation_wavelength.wavelength   1.488 
_diffrn_radiation_wavelength.wt           1.0 
# 
_diffrn_source.diffrn_id                   1 
_diffrn_source.source                      SYNCHROTRON 
_diffrn_source.type                        'SRS BEAMLINE PX14.1' 
_diffrn_source.pdbx_synchrotron_site       SRS 
_diffrn_source.pdbx_synchrotron_beamline   PX14.1 
_diffrn_source.pdbx_wavelength             ? 
_diffrn_source.pdbx_wavelength_list        1.488 
# 
_reflns.entry_id                     1ZNH 
_reflns.observed_criterion_sigma_F   0 
_reflns.observed_criterion_sigma_I   0 
_reflns.d_resolution_high            2.1 
_reflns.d_resolution_low             29 
_reflns.number_all                   12103 
_reflns.number_obs                   12103 
_reflns.percent_possible_obs         97.4 
_reflns.pdbx_Rmerge_I_obs            ? 
_reflns.pdbx_Rsym_value              0.092 
_reflns.pdbx_netI_over_sigmaI        4.2 
_reflns.B_iso_Wilson_estimate        ? 
_reflns.pdbx_redundancy              5.9 
_reflns.R_free_details               ? 
_reflns.limit_h_max                  ? 
_reflns.limit_h_min                  ? 
_reflns.limit_k_max                  ? 
_reflns.limit_k_min                  ? 
_reflns.limit_l_max                  ? 
_reflns.limit_l_min                  ? 
_reflns.observed_criterion_F_max     ? 
_reflns.observed_criterion_F_min     ? 
_reflns.pdbx_chi_squared             ? 
_reflns.pdbx_scaling_rejects         ? 
_reflns.pdbx_diffrn_id               1 
_reflns.pdbx_ordinal                 1 
# 
_reflns_shell.d_res_high             2.1 
_reflns_shell.d_res_low              2.21 
_reflns_shell.percent_possible_all   93.1 
_reflns_shell.Rmerge_I_obs           ? 
_reflns_shell.pdbx_Rsym_value        0.133 
_reflns_shell.meanI_over_sigI_obs    4.7 
_reflns_shell.pdbx_redundancy        5.8 
_reflns_shell.percent_possible_obs   ? 
_reflns_shell.number_unique_all      1633 
_reflns_shell.number_measured_all    ? 
_reflns_shell.number_measured_obs    ? 
_reflns_shell.number_unique_obs      ? 
_reflns_shell.pdbx_chi_squared       ? 
_reflns_shell.pdbx_diffrn_id         ? 
_reflns_shell.pdbx_ordinal           1 
# 
_refine.entry_id                                 1ZNH 
_refine.ls_d_res_high                            2.1 
_refine.ls_d_res_low                             29.0 
_refine.pdbx_ls_sigma_F                          0 
_refine.pdbx_ls_sigma_I                          0 
_refine.ls_number_reflns_all                     12103 
_refine.ls_number_reflns_obs                     12103 
_refine.ls_number_reflns_R_free                  614 
_refine.ls_percent_reflns_obs                    97.4 
_refine.ls_R_factor_all                          0.1917 
_refine.ls_R_factor_obs                          0.1917 
_refine.ls_R_factor_R_work                       0.1901 
_refine.ls_R_factor_R_free                       0.222 
_refine.ls_redundancy_reflns_obs                 ? 
_refine.pdbx_data_cutoff_high_absF               ? 
_refine.pdbx_data_cutoff_low_absF                ? 
_refine.ls_number_parameters                     ? 
_refine.ls_number_restraints                     ? 
_refine.ls_percent_reflns_R_free                 ? 
_refine.ls_R_factor_R_free_error                 ? 
_refine.ls_R_factor_R_free_error_details         ? 
_refine.pdbx_method_to_determine_struct          'MOLECULAR REPLACEMENT' 
_refine.pdbx_starting_model                      1QY0 
_refine.pdbx_ls_cross_valid_method               THROUGHOUT 
_refine.pdbx_R_Free_selection_details            random 
_refine.pdbx_stereochem_target_val_spec_case     ? 
_refine.pdbx_stereochemistry_target_values       'Engh & Huber' 
_refine.solvent_model_details                    ? 
_refine.solvent_model_param_bsol                 ? 
_refine.solvent_model_param_ksol                 ? 
_refine.occupancy_max                            ? 
_refine.occupancy_min                            ? 
_refine.pdbx_isotropic_thermal_model             Isotropic 
_refine.B_iso_mean                               21.9 
_refine.aniso_B[1][1]                            -1.218 
_refine.aniso_B[1][2]                            0 
_refine.aniso_B[1][3]                            0 
_refine.aniso_B[2][2]                            -1.218 
_refine.aniso_B[2][3]                            0 
_refine.aniso_B[3][3]                            2.437 
_refine.details                                  ? 
_refine.B_iso_min                                ? 
_refine.B_iso_max                                ? 
_refine.correlation_coeff_Fo_to_Fc               ? 
_refine.correlation_coeff_Fo_to_Fc_free          ? 
_refine.pdbx_solvent_vdw_probe_radii             ? 
_refine.pdbx_solvent_ion_probe_radii             ? 
_refine.pdbx_solvent_shrinkage_radii             ? 
_refine.overall_SU_R_Cruickshank_DPI             ? 
_refine.overall_SU_R_free                        ? 
_refine.overall_SU_ML                            ? 
_refine.overall_SU_B                             ? 
_refine.pdbx_overall_ESU_R_Free                  ? 
_refine.pdbx_data_cutoff_high_rms_absF           ? 
_refine.pdbx_overall_ESU_R                       ? 
_refine.ls_wR_factor_R_free                      ? 
_refine.ls_wR_factor_R_work                      ? 
_refine.overall_FOM_free_R_set                   ? 
_refine.overall_FOM_work_R_set                   ? 
_refine.pdbx_refine_id                           'X-RAY DIFFRACTION' 
_refine.pdbx_diffrn_id                           1 
_refine.pdbx_TLS_residual_ADP_flag               ? 
_refine.pdbx_overall_phase_error                 ? 
_refine.pdbx_overall_SU_R_free_Cruickshank_DPI   ? 
_refine.pdbx_overall_SU_R_Blow_DPI               ? 
_refine.pdbx_overall_SU_R_free_Blow_DPI          ? 
# 
_refine_analyze.entry_id                        1ZNH 
_refine_analyze.Luzzati_coordinate_error_obs    0.2 
_refine_analyze.Luzzati_sigma_a_obs             0.15 
_refine_analyze.Luzzati_d_res_low_obs           5 
_refine_analyze.Luzzati_coordinate_error_free   0.26 
_refine_analyze.Luzzati_sigma_a_free            0.2 
_refine_analyze.Luzzati_d_res_low_free          ? 
_refine_analyze.number_disordered_residues      ? 
_refine_analyze.occupancy_sum_non_hydrogen      ? 
_refine_analyze.occupancy_sum_hydrogen          ? 
_refine_analyze.pdbx_Luzzati_d_res_high_obs     ? 
_refine_analyze.pdbx_refine_id                  'X-RAY DIFFRACTION' 
# 
_refine_hist.pdbx_refine_id                   'X-RAY DIFFRACTION' 
_refine_hist.cycle_id                         LAST 
_refine_hist.pdbx_number_atoms_protein        1272 
_refine_hist.pdbx_number_atoms_nucleic_acid   0 
_refine_hist.pdbx_number_atoms_ligand         15 
_refine_hist.number_atoms_solvent             176 
_refine_hist.number_atoms_total               1463 
_refine_hist.d_res_high                       2.1 
_refine_hist.d_res_low                        29.0 
# 
loop_
_refine_ls_restr.type 
_refine_ls_restr.dev_ideal 
_refine_ls_restr.dev_ideal_target 
_refine_ls_restr.weight 
_refine_ls_restr.number 
_refine_ls_restr.pdbx_refine_id 
_refine_ls_restr.pdbx_restraint_function 
c_bond_d    0.012 ? ? ? 'X-RAY DIFFRACTION' ? 
c_angle_deg 1.63  ? ? ? 'X-RAY DIFFRACTION' ? 
# 
_refine_ls_shell.pdbx_total_number_of_bins_used   ? 
_refine_ls_shell.d_res_high                       2.1 
_refine_ls_shell.d_res_low                        2.23 
_refine_ls_shell.number_reflns_R_work             ? 
_refine_ls_shell.R_factor_R_work                  0.195 
_refine_ls_shell.percent_reflns_obs               93.2 
_refine_ls_shell.R_factor_R_free                  0.282 
_refine_ls_shell.R_factor_R_free_error            0.03 
_refine_ls_shell.percent_reflns_R_free            ? 
_refine_ls_shell.number_reflns_R_free             90 
_refine_ls_shell.number_reflns_obs                1886 
_refine_ls_shell.redundancy_reflns_obs            ? 
_refine_ls_shell.number_reflns_all                ? 
_refine_ls_shell.pdbx_refine_id                   'X-RAY DIFFRACTION' 
_refine_ls_shell.R_factor_all                     ? 
# 
_struct.entry_id                  1ZNH 
_struct.title                     'Strong Solute-Solute Dispersive Interactions in a Protein-Ligand Complex' 
_struct.pdbx_model_details        ? 
_struct.pdbx_CASP_flag            ? 
_struct.pdbx_model_type_details   ? 
# 
_struct_keywords.entry_id        1ZNH 
_struct_keywords.pdbx_keywords   'TRANSPORT PROTEIN' 
_struct_keywords.text            'lIPOCALIN, BETA-BARREL, Transport Protein' 
# 
loop_
_struct_asym.id 
_struct_asym.pdbx_blank_PDB_chainid_flag 
_struct_asym.pdbx_modified 
_struct_asym.entity_id 
_struct_asym.details 
A N N 1 ? 
B N N 2 ? 
C N N 2 ? 
D N N 2 ? 
E N N 2 ? 
F N N 2 ? 
G N N 2 ? 
H N N 3 ? 
I N N 4 ? 
# 
_struct_ref.id                         1 
_struct_ref.db_name                    UNP 
_struct_ref.db_code                    MUP2_MOUSE 
_struct_ref.pdbx_db_accession          P11589 
_struct_ref.entity_id                  1 
_struct_ref.pdbx_seq_one_letter_code   
;EEASSTGRNFNVEKINGEWHTIILASDKREKIEDNGNFRLFLEQIHVLEKSLVLKFHTVRDEECSELSMVADKTEKAGEY
SVTYDGFNTFTIPKTDYDNFLMAHLINEKDGETFQLMGLYGREPDLSSDIKERFAQLCEEHGILRENIIDLSNANRCLQA
RE
;
_struct_ref.pdbx_align_begin           19 
_struct_ref.pdbx_db_isoform            ? 
# 
_struct_ref_seq.align_id                      1 
_struct_ref_seq.ref_id                        1 
_struct_ref_seq.pdbx_PDB_id_code              1ZNH 
_struct_ref_seq.pdbx_strand_id                A 
_struct_ref_seq.seq_align_beg                 13 
_struct_ref_seq.pdbx_seq_align_beg_ins_code   ? 
_struct_ref_seq.seq_align_end                 174 
_struct_ref_seq.pdbx_seq_align_end_ins_code   ? 
_struct_ref_seq.pdbx_db_accession             P11589 
_struct_ref_seq.db_align_beg                  19 
_struct_ref_seq.pdbx_db_align_beg_ins_code    ? 
_struct_ref_seq.db_align_end                  180 
_struct_ref_seq.pdbx_db_align_end_ins_code    ? 
_struct_ref_seq.pdbx_auth_seq_align_beg       1 
_struct_ref_seq.pdbx_auth_seq_align_end       162 
# 
loop_
_struct_ref_seq_dif.align_id 
_struct_ref_seq_dif.pdbx_pdb_id_code 
_struct_ref_seq_dif.mon_id 
_struct_ref_seq_dif.pdbx_pdb_strand_id 
_struct_ref_seq_dif.seq_num 
_struct_ref_seq_dif.pdbx_pdb_ins_code 
_struct_ref_seq_dif.pdbx_seq_db_name 
_struct_ref_seq_dif.pdbx_seq_db_accession_code 
_struct_ref_seq_dif.db_mon_id 
_struct_ref_seq_dif.pdbx_seq_db_seq_num 
_struct_ref_seq_dif.details 
_struct_ref_seq_dif.pdbx_auth_seq_num 
_struct_ref_seq_dif.pdbx_ordinal 
1 1ZNH MET A 1  ? UNP P11589 ? ? 'cloning artifact' -11 1  
1 1ZNH ARG A 2  ? UNP P11589 ? ? 'cloning artifact' -10 2  
1 1ZNH GLY A 3  ? UNP P11589 ? ? 'cloning artifact' -9  3  
1 1ZNH SER A 4  ? UNP P11589 ? ? 'cloning artifact' -8  4  
1 1ZNH HIS A 5  ? UNP P11589 ? ? 'expression tag'   -7  5  
1 1ZNH HIS A 6  ? UNP P11589 ? ? 'expression tag'   -6  6  
1 1ZNH HIS A 7  ? UNP P11589 ? ? 'expression tag'   -5  7  
1 1ZNH HIS A 8  ? UNP P11589 ? ? 'expression tag'   -4  8  
1 1ZNH HIS A 9  ? UNP P11589 ? ? 'expression tag'   -3  9  
1 1ZNH HIS A 10 ? UNP P11589 ? ? 'expression tag'   -2  10 
1 1ZNH GLY A 11 ? UNP P11589 ? ? 'cloning artifact' -1  11 
1 1ZNH SER A 12 ? UNP P11589 ? ? 'cloning artifact' 0   12 
# 
_pdbx_struct_assembly.id                   1 
_pdbx_struct_assembly.details              author_defined_assembly 
_pdbx_struct_assembly.method_details       ? 
_pdbx_struct_assembly.oligomeric_details   monomeric 
_pdbx_struct_assembly.oligomeric_count     1 
# 
_pdbx_struct_assembly_gen.assembly_id       1 
_pdbx_struct_assembly_gen.oper_expression   1 
_pdbx_struct_assembly_gen.asym_id_list      A,B,C,D,E,F,G,H,I 
# 
_pdbx_struct_oper_list.id                   1 
_pdbx_struct_oper_list.type                 'identity operation' 
_pdbx_struct_oper_list.name                 1_555 
_pdbx_struct_oper_list.symmetry_operation   x,y,z 
_pdbx_struct_oper_list.matrix[1][1]         1.0000000000 
_pdbx_struct_oper_list.matrix[1][2]         0.0000000000 
_pdbx_struct_oper_list.matrix[1][3]         0.0000000000 
_pdbx_struct_oper_list.vector[1]            0.0000000000 
_pdbx_struct_oper_list.matrix[2][1]         0.0000000000 
_pdbx_struct_oper_list.matrix[2][2]         1.0000000000 
_pdbx_struct_oper_list.matrix[2][3]         0.0000000000 
_pdbx_struct_oper_list.vector[2]            0.0000000000 
_pdbx_struct_oper_list.matrix[3][1]         0.0000000000 
_pdbx_struct_oper_list.matrix[3][2]         0.0000000000 
_pdbx_struct_oper_list.matrix[3][3]         1.0000000000 
_pdbx_struct_oper_list.vector[3]            0.0000000000 
# 
_struct_biol.id                    1 
_struct_biol.pdbx_parent_biol_id   ? 
_struct_biol.details               ? 
# 
loop_
_struct_conf.conf_type_id 
_struct_conf.id 
_struct_conf.pdbx_PDB_helix_id 
_struct_conf.beg_label_comp_id 
_struct_conf.beg_label_asym_id 
_struct_conf.beg_label_seq_id 
_struct_conf.pdbx_beg_PDB_ins_code 
_struct_conf.end_label_comp_id 
_struct_conf.end_label_asym_id 
_struct_conf.end_label_seq_id 
_struct_conf.pdbx_end_PDB_ins_code 
_struct_conf.beg_auth_comp_id 
_struct_conf.beg_auth_asym_id 
_struct_conf.beg_auth_seq_id 
_struct_conf.end_auth_comp_id 
_struct_conf.end_auth_asym_id 
_struct_conf.end_auth_seq_id 
_struct_conf.pdbx_PDB_helix_class 
_struct_conf.details 
_struct_conf.pdbx_PDB_helix_length 
HELX_P HELX_P1 1 ASN A 23  ? ASN A 28  ? ASN A 11  ASN A 16  5 ? 6  
HELX_P HELX_P2 2 LYS A 40  ? GLU A 45  ? LYS A 28  GLU A 33  5 ? 6  
HELX_P HELX_P3 3 SER A 139 ? GLU A 152 ? SER A 127 GLU A 140 1 ? 14 
HELX_P HELX_P4 4 LEU A 156 ? GLU A 158 ? LEU A 144 GLU A 146 5 ? 3  
# 
_struct_conf_type.id          HELX_P 
_struct_conf_type.criteria    ? 
_struct_conf_type.reference   ? 
# 
loop_
_struct_conn.id 
_struct_conn.conn_type_id 
_struct_conn.pdbx_leaving_atom_flag 
_struct_conn.pdbx_PDB_id 
_struct_conn.ptnr1_label_asym_id 
_struct_conn.ptnr1_label_comp_id 
_struct_conn.ptnr1_label_seq_id 
_struct_conn.ptnr1_label_atom_id 
_struct_conn.pdbx_ptnr1_label_alt_id 
_struct_conn.pdbx_ptnr1_PDB_ins_code 
_struct_conn.pdbx_ptnr1_standard_comp_id 
_struct_conn.ptnr1_symmetry 
_struct_conn.ptnr2_label_asym_id 
_struct_conn.ptnr2_label_comp_id 
_struct_conn.ptnr2_label_seq_id 
_struct_conn.ptnr2_label_atom_id 
_struct_conn.pdbx_ptnr2_label_alt_id 
_struct_conn.pdbx_ptnr2_PDB_ins_code 
_struct_conn.ptnr1_auth_asym_id 
_struct_conn.ptnr1_auth_comp_id 
_struct_conn.ptnr1_auth_seq_id 
_struct_conn.ptnr2_auth_asym_id 
_struct_conn.ptnr2_auth_comp_id 
_struct_conn.ptnr2_auth_seq_id 
_struct_conn.ptnr2_symmetry 
_struct_conn.pdbx_ptnr3_label_atom_id 
_struct_conn.pdbx_ptnr3_label_seq_id 
_struct_conn.pdbx_ptnr3_label_comp_id 
_struct_conn.pdbx_ptnr3_label_asym_id 
_struct_conn.pdbx_ptnr3_label_alt_id 
_struct_conn.pdbx_ptnr3_PDB_ins_code 
_struct_conn.details 
_struct_conn.pdbx_dist_value 
_struct_conn.pdbx_value_order 
_struct_conn.pdbx_role 
disulf1  disulf ? ? A CYS 76  SG  ? ? ? 1_555 A CYS 169 SG ? ? A CYS 64  A CYS 157 1_555 ? ? ? ? ? ? ? 2.036 ? ? 
metalc1  metalc ? ? A GLU 25  OE1 ? ? ? 1_555 C CD  .   CD ? ? A GLU 13  A CD  201 1_555 ? ? ? ? ? ? ? 2.567 ? ? 
metalc2  metalc ? ? A GLU 25  OE2 ? ? ? 1_555 C CD  .   CD ? ? A GLU 13  A CD  201 1_555 ? ? ? ? ? ? ? 2.621 ? ? 
metalc3  metalc ? ? A GLU 30  OE2 ? ? ? 5_645 B CD  .   CD ? ? A GLU 18  A CD  200 1_555 ? ? ? ? ? ? ? 2.363 ? ? 
metalc4  metalc ? ? A GLU 30  OE1 ? ? ? 5_645 B CD  .   CD ? ? A GLU 18  A CD  200 1_555 ? ? ? ? ? ? ? 2.432 ? ? 
metalc5  metalc ? ? A ASP 97  OD1 ? ? ? 1_555 D CD  .   CD ? ? A ASP 85  A CD  204 1_555 ? ? ? ? ? ? ? 2.540 ? ? 
metalc6  metalc ? ? A ASP 110 OD2 ? ? ? 1_555 E CD  .   CD ? ? A ASP 98  A CD  205 1_555 ? ? ? ? ? ? ? 2.848 ? ? 
metalc7  metalc ? ? A HIS 116 ND1 ? ? ? 1_555 F CD  .   CD ? ? A HIS 104 A CD  415 1_555 ? ? ? ? ? ? ? 2.567 ? ? 
metalc8  metalc ? ? A ASP 122 OD2 ? ? ? 8_675 C CD  .   CD ? ? A ASP 110 A CD  201 1_555 ? ? ? ? ? ? ? 2.400 ? ? 
metalc9  metalc ? ? A ASP 122 OD1 ? ? ? 8_675 C CD  .   CD ? ? A ASP 110 A CD  201 1_555 ? ? ? ? ? ? ? 3.144 ? ? 
metalc10 metalc ? ? A GLU 151 OE1 ? ? ? 1_555 B CD  .   CD ? ? A GLU 139 A CD  200 1_555 ? ? ? ? ? ? ? 2.351 ? ? 
metalc11 metalc ? ? A GLU 151 OE2 ? ? ? 1_555 B CD  .   CD ? ? A GLU 139 A CD  200 1_555 ? ? ? ? ? ? ? 2.454 ? ? 
metalc12 metalc ? ? A HIS 153 NE2 ? ? ? 1_555 G CD  .   CD ? ? A HIS 141 A CD  416 1_555 ? ? ? ? ? ? ? 3.103 ? ? 
metalc13 metalc ? ? B CD  .   CD  ? ? ? 1_555 I HOH .   O  ? ? A CD  200 A HOH 402 1_555 ? ? ? ? ? ? ? 2.316 ? ? 
metalc14 metalc ? ? B CD  .   CD  ? ? ? 1_555 I HOH .   O  ? ? A CD  200 A HOH 403 1_555 ? ? ? ? ? ? ? 2.266 ? ? 
metalc15 metalc ? ? B CD  .   CD  ? ? ? 1_555 I HOH .   O  ? ? A CD  200 A HOH 404 1_555 ? ? ? ? ? ? ? 2.259 ? ? 
metalc16 metalc ? ? B CD  .   CD  ? ? ? 1_555 I HOH .   O  ? ? A CD  200 A HOH 417 1_555 ? ? ? ? ? ? ? 2.937 ? ? 
metalc17 metalc ? ? C CD  .   CD  ? ? ? 1_555 I HOH .   O  ? ? A CD  201 A HOH 208 1_555 ? ? ? ? ? ? ? 2.266 ? ? 
metalc18 metalc ? ? C CD  .   CD  ? ? ? 1_555 I HOH .   O  ? ? A CD  201 A HOH 406 1_555 ? ? ? ? ? ? ? 2.672 ? ? 
metalc19 metalc ? ? C CD  .   CD  ? ? ? 1_555 I HOH .   O  ? ? A CD  201 A HOH 407 1_555 ? ? ? ? ? ? ? 2.369 ? ? 
metalc20 metalc ? ? C CD  .   CD  ? ? ? 1_555 I HOH .   O  ? ? A CD  201 A HOH 408 1_555 ? ? ? ? ? ? ? 2.467 ? ? 
metalc21 metalc ? ? D CD  .   CD  ? ? ? 1_555 I HOH .   O  ? ? A CD  204 A HOH 367 1_555 ? ? ? ? ? ? ? 2.815 ? ? 
metalc22 metalc ? ? E CD  .   CD  ? ? ? 1_555 I HOH .   O  ? ? A CD  205 A HOH 323 1_555 ? ? ? ? ? ? ? 2.691 ? ? 
metalc23 metalc ? ? I HOH .   O   ? ? ? 8_665 F CD  .   CD ? ? A HOH 211 A CD  415 1_555 ? ? ? ? ? ? ? 2.625 ? ? 
metalc24 metalc ? ? I HOH .   O   ? ? ? 8_665 G CD  .   CD ? ? A HOH 211 A CD  416 1_555 ? ? ? ? ? ? ? 2.909 ? ? 
metalc25 metalc ? ? I HOH .   O   ? ? ? 1_555 F CD  .   CD ? ? A HOH 212 A CD  415 1_555 ? ? ? ? ? ? ? 2.579 ? ? 
metalc26 metalc ? ? I HOH .   O   ? ? ? 1_555 G CD  .   CD ? ? A HOH 212 A CD  416 1_555 ? ? ? ? ? ? ? 2.653 ? ? 
metalc27 metalc ? ? I HOH .   O   ? ? ? 1_555 G CD  .   CD ? ? A HOH 316 A CD  416 1_555 ? ? ? ? ? ? ? 2.637 ? ? 
metalc28 metalc ? ? I HOH .   O   ? ? ? 1_555 F CD  .   CD ? ? A HOH 414 A CD  415 1_555 ? ? ? ? ? ? ? 2.697 ? ? 
# 
loop_
_struct_conn_type.id 
_struct_conn_type.criteria 
_struct_conn_type.reference 
disulf ? ? 
metalc ? ? 
# 
loop_
_pdbx_struct_conn_angle.id 
_pdbx_struct_conn_angle.ptnr1_label_atom_id 
_pdbx_struct_conn_angle.ptnr1_label_alt_id 
_pdbx_struct_conn_angle.ptnr1_label_asym_id 
_pdbx_struct_conn_angle.ptnr1_label_comp_id 
_pdbx_struct_conn_angle.ptnr1_label_seq_id 
_pdbx_struct_conn_angle.ptnr1_auth_atom_id 
_pdbx_struct_conn_angle.ptnr1_auth_asym_id 
_pdbx_struct_conn_angle.ptnr1_auth_comp_id 
_pdbx_struct_conn_angle.ptnr1_auth_seq_id 
_pdbx_struct_conn_angle.ptnr1_PDB_ins_code 
_pdbx_struct_conn_angle.ptnr1_symmetry 
_pdbx_struct_conn_angle.ptnr2_label_atom_id 
_pdbx_struct_conn_angle.ptnr2_label_alt_id 
_pdbx_struct_conn_angle.ptnr2_label_asym_id 
_pdbx_struct_conn_angle.ptnr2_label_comp_id 
_pdbx_struct_conn_angle.ptnr2_label_seq_id 
_pdbx_struct_conn_angle.ptnr2_auth_atom_id 
_pdbx_struct_conn_angle.ptnr2_auth_asym_id 
_pdbx_struct_conn_angle.ptnr2_auth_comp_id 
_pdbx_struct_conn_angle.ptnr2_auth_seq_id 
_pdbx_struct_conn_angle.ptnr2_PDB_ins_code 
_pdbx_struct_conn_angle.ptnr2_symmetry 
_pdbx_struct_conn_angle.ptnr3_label_atom_id 
_pdbx_struct_conn_angle.ptnr3_label_alt_id 
_pdbx_struct_conn_angle.ptnr3_label_asym_id 
_pdbx_struct_conn_angle.ptnr3_label_comp_id 
_pdbx_struct_conn_angle.ptnr3_label_seq_id 
_pdbx_struct_conn_angle.ptnr3_auth_atom_id 
_pdbx_struct_conn_angle.ptnr3_auth_asym_id 
_pdbx_struct_conn_angle.ptnr3_auth_comp_id 
_pdbx_struct_conn_angle.ptnr3_auth_seq_id 
_pdbx_struct_conn_angle.ptnr3_PDB_ins_code 
_pdbx_struct_conn_angle.ptnr3_symmetry 
_pdbx_struct_conn_angle.value 
_pdbx_struct_conn_angle.value_esd 
1  OE1 ? A GLU 25  ? A GLU 13  ? 1_555 CD ? C CD . ? A CD 201 ? 1_555 OE2 ? A GLU 25  ? A GLU 13  ? 1_555 50.3  ? 
2  OE1 ? A GLU 25  ? A GLU 13  ? 1_555 CD ? C CD . ? A CD 201 ? 1_555 OD2 ? A ASP 122 ? A ASP 110 ? 8_675 109.4 ? 
3  OE2 ? A GLU 25  ? A GLU 13  ? 1_555 CD ? C CD . ? A CD 201 ? 1_555 OD2 ? A ASP 122 ? A ASP 110 ? 8_675 88.8  ? 
4  OE1 ? A GLU 25  ? A GLU 13  ? 1_555 CD ? C CD . ? A CD 201 ? 1_555 OD1 ? A ASP 122 ? A ASP 110 ? 8_675 118.1 ? 
5  OE2 ? A GLU 25  ? A GLU 13  ? 1_555 CD ? C CD . ? A CD 201 ? 1_555 OD1 ? A ASP 122 ? A ASP 110 ? 8_675 71.3  ? 
6  OD2 ? A ASP 122 ? A ASP 110 ? 8_675 CD ? C CD . ? A CD 201 ? 1_555 OD1 ? A ASP 122 ? A ASP 110 ? 8_675 44.2  ? 
7  OE1 ? A GLU 25  ? A GLU 13  ? 1_555 CD ? C CD . ? A CD 201 ? 1_555 O   ? I HOH .   ? A HOH 208 ? 1_555 81.4  ? 
8  OE2 ? A GLU 25  ? A GLU 13  ? 1_555 CD ? C CD . ? A CD 201 ? 1_555 O   ? I HOH .   ? A HOH 208 ? 1_555 119.0 ? 
9  OD2 ? A ASP 122 ? A ASP 110 ? 8_675 CD ? C CD . ? A CD 201 ? 1_555 O   ? I HOH .   ? A HOH 208 ? 1_555 73.0  ? 
10 OD1 ? A ASP 122 ? A ASP 110 ? 8_675 CD ? C CD . ? A CD 201 ? 1_555 O   ? I HOH .   ? A HOH 208 ? 1_555 117.1 ? 
11 OE1 ? A GLU 25  ? A GLU 13  ? 1_555 CD ? C CD . ? A CD 201 ? 1_555 O   ? I HOH .   ? A HOH 406 ? 1_555 151.8 ? 
12 OE2 ? A GLU 25  ? A GLU 13  ? 1_555 CD ? C CD . ? A CD 201 ? 1_555 O   ? I HOH .   ? A HOH 406 ? 1_555 149.7 ? 
13 OD2 ? A ASP 122 ? A ASP 110 ? 8_675 CD ? C CD . ? A CD 201 ? 1_555 O   ? I HOH .   ? A HOH 406 ? 1_555 93.6  ? 
14 OD1 ? A ASP 122 ? A ASP 110 ? 8_675 CD ? C CD . ? A CD 201 ? 1_555 O   ? I HOH .   ? A HOH 406 ? 1_555 89.7  ? 
15 O   ? I HOH .   ? A HOH 208 ? 1_555 CD ? C CD . ? A CD 201 ? 1_555 O   ? I HOH .   ? A HOH 406 ? 1_555 90.4  ? 
16 OE1 ? A GLU 25  ? A GLU 13  ? 1_555 CD ? C CD . ? A CD 201 ? 1_555 O   ? I HOH .   ? A HOH 407 ? 1_555 102.0 ? 
17 OE2 ? A GLU 25  ? A GLU 13  ? 1_555 CD ? C CD . ? A CD 201 ? 1_555 O   ? I HOH .   ? A HOH 407 ? 1_555 60.4  ? 
18 OD2 ? A ASP 122 ? A ASP 110 ? 8_675 CD ? C CD . ? A CD 201 ? 1_555 O   ? I HOH .   ? A HOH 407 ? 1_555 99.6  ? 
19 OD1 ? A ASP 122 ? A ASP 110 ? 8_675 CD ? C CD . ? A CD 201 ? 1_555 O   ? I HOH .   ? A HOH 407 ? 1_555 55.5  ? 
20 O   ? I HOH .   ? A HOH 208 ? 1_555 CD ? C CD . ? A CD 201 ? 1_555 O   ? I HOH .   ? A HOH 407 ? 1_555 172.6 ? 
21 O   ? I HOH .   ? A HOH 406 ? 1_555 CD ? C CD . ? A CD 201 ? 1_555 O   ? I HOH .   ? A HOH 407 ? 1_555 89.5  ? 
22 OE1 ? A GLU 25  ? A GLU 13  ? 1_555 CD ? C CD . ? A CD 201 ? 1_555 O   ? I HOH .   ? A HOH 408 ? 1_555 94.3  ? 
23 OE2 ? A GLU 25  ? A GLU 13  ? 1_555 CD ? C CD . ? A CD 201 ? 1_555 O   ? I HOH .   ? A HOH 408 ? 1_555 125.8 ? 
24 OD2 ? A ASP 122 ? A ASP 110 ? 8_675 CD ? C CD . ? A CD 201 ? 1_555 O   ? I HOH .   ? A HOH 408 ? 1_555 145.3 ? 
25 OD1 ? A ASP 122 ? A ASP 110 ? 8_675 CD ? C CD . ? A CD 201 ? 1_555 O   ? I HOH .   ? A HOH 408 ? 1_555 141.3 ? 
26 O   ? I HOH .   ? A HOH 208 ? 1_555 CD ? C CD . ? A CD 201 ? 1_555 O   ? I HOH .   ? A HOH 408 ? 1_555 86.5  ? 
27 O   ? I HOH .   ? A HOH 406 ? 1_555 CD ? C CD . ? A CD 201 ? 1_555 O   ? I HOH .   ? A HOH 408 ? 1_555 58.1  ? 
28 O   ? I HOH .   ? A HOH 407 ? 1_555 CD ? C CD . ? A CD 201 ? 1_555 O   ? I HOH .   ? A HOH 408 ? 1_555 99.8  ? 
29 OE2 ? A GLU 30  ? A GLU 18  ? 5_645 CD ? B CD . ? A CD 200 ? 1_555 OE1 ? A GLU 30  ? A GLU 18  ? 5_645 54.2  ? 
30 OE2 ? A GLU 30  ? A GLU 18  ? 5_645 CD ? B CD . ? A CD 200 ? 1_555 OE1 ? A GLU 151 ? A GLU 139 ? 1_555 161.4 ? 
31 OE1 ? A GLU 30  ? A GLU 18  ? 5_645 CD ? B CD . ? A CD 200 ? 1_555 OE1 ? A GLU 151 ? A GLU 139 ? 1_555 144.3 ? 
32 OE2 ? A GLU 30  ? A GLU 18  ? 5_645 CD ? B CD . ? A CD 200 ? 1_555 OE2 ? A GLU 151 ? A GLU 139 ? 1_555 143.8 ? 
33 OE1 ? A GLU 30  ? A GLU 18  ? 5_645 CD ? B CD . ? A CD 200 ? 1_555 OE2 ? A GLU 151 ? A GLU 139 ? 1_555 89.8  ? 
34 OE1 ? A GLU 151 ? A GLU 139 ? 1_555 CD ? B CD . ? A CD 200 ? 1_555 OE2 ? A GLU 151 ? A GLU 139 ? 1_555 54.6  ? 
35 OE2 ? A GLU 30  ? A GLU 18  ? 5_645 CD ? B CD . ? A CD 200 ? 1_555 O   ? I HOH .   ? A HOH 402 ? 1_555 92.4  ? 
36 OE1 ? A GLU 30  ? A GLU 18  ? 5_645 CD ? B CD . ? A CD 200 ? 1_555 O   ? I HOH .   ? A HOH 402 ? 1_555 82.8  ? 
37 OE1 ? A GLU 151 ? A GLU 139 ? 1_555 CD ? B CD . ? A CD 200 ? 1_555 O   ? I HOH .   ? A HOH 402 ? 1_555 92.3  ? 
38 OE2 ? A GLU 151 ? A GLU 139 ? 1_555 CD ? B CD . ? A CD 200 ? 1_555 O   ? I HOH .   ? A HOH 402 ? 1_555 85.7  ? 
39 OE2 ? A GLU 30  ? A GLU 18  ? 5_645 CD ? B CD . ? A CD 200 ? 1_555 O   ? I HOH .   ? A HOH 403 ? 1_555 85.2  ? 
40 OE1 ? A GLU 30  ? A GLU 18  ? 5_645 CD ? B CD . ? A CD 200 ? 1_555 O   ? I HOH .   ? A HOH 403 ? 1_555 139.5 ? 
41 OE1 ? A GLU 151 ? A GLU 139 ? 1_555 CD ? B CD . ? A CD 200 ? 1_555 O   ? I HOH .   ? A HOH 403 ? 1_555 76.2  ? 
42 OE2 ? A GLU 151 ? A GLU 139 ? 1_555 CD ? B CD . ? A CD 200 ? 1_555 O   ? I HOH .   ? A HOH 403 ? 1_555 130.7 ? 
43 O   ? I HOH .   ? A HOH 402 ? 1_555 CD ? B CD . ? A CD 200 ? 1_555 O   ? I HOH .   ? A HOH 403 ? 1_555 99.6  ? 
44 OE2 ? A GLU 30  ? A GLU 18  ? 5_645 CD ? B CD . ? A CD 200 ? 1_555 O   ? I HOH .   ? A HOH 404 ? 1_555 89.5  ? 
45 OE1 ? A GLU 30  ? A GLU 18  ? 5_645 CD ? B CD . ? A CD 200 ? 1_555 O   ? I HOH .   ? A HOH 404 ? 1_555 84.8  ? 
46 OE1 ? A GLU 151 ? A GLU 139 ? 1_555 CD ? B CD . ? A CD 200 ? 1_555 O   ? I HOH .   ? A HOH 404 ? 1_555 91.2  ? 
47 OE2 ? A GLU 151 ? A GLU 139 ? 1_555 CD ? B CD . ? A CD 200 ? 1_555 O   ? I HOH .   ? A HOH 404 ? 1_555 82.9  ? 
48 O   ? I HOH .   ? A HOH 402 ? 1_555 CD ? B CD . ? A CD 200 ? 1_555 O   ? I HOH .   ? A HOH 404 ? 1_555 163.1 ? 
49 O   ? I HOH .   ? A HOH 403 ? 1_555 CD ? B CD . ? A CD 200 ? 1_555 O   ? I HOH .   ? A HOH 404 ? 1_555 97.3  ? 
50 OE2 ? A GLU 30  ? A GLU 18  ? 5_645 CD ? B CD . ? A CD 200 ? 1_555 O   ? I HOH .   ? A HOH 417 ? 1_555 80.1  ? 
51 OE1 ? A GLU 30  ? A GLU 18  ? 5_645 CD ? B CD . ? A CD 200 ? 1_555 O   ? I HOH .   ? A HOH 417 ? 1_555 113.1 ? 
52 OE1 ? A GLU 151 ? A GLU 139 ? 1_555 CD ? B CD . ? A CD 200 ? 1_555 O   ? I HOH .   ? A HOH 417 ? 1_555 89.2  ? 
53 OE2 ? A GLU 151 ? A GLU 139 ? 1_555 CD ? B CD . ? A CD 200 ? 1_555 O   ? I HOH .   ? A HOH 417 ? 1_555 123.2 ? 
54 O   ? I HOH .   ? A HOH 402 ? 1_555 CD ? B CD . ? A CD 200 ? 1_555 O   ? I HOH .   ? A HOH 417 ? 1_555 50.1  ? 
55 O   ? I HOH .   ? A HOH 403 ? 1_555 CD ? B CD . ? A CD 200 ? 1_555 O   ? I HOH .   ? A HOH 417 ? 1_555 50.5  ? 
56 O   ? I HOH .   ? A HOH 404 ? 1_555 CD ? B CD . ? A CD 200 ? 1_555 O   ? I HOH .   ? A HOH 417 ? 1_555 146.6 ? 
57 OD1 ? A ASP 97  ? A ASP 85  ? 1_555 CD ? D CD . ? A CD 204 ? 1_555 O   ? I HOH .   ? A HOH 367 ? 1_555 99.5  ? 
58 OD2 ? A ASP 110 ? A ASP 98  ? 1_555 CD ? E CD . ? A CD 205 ? 1_555 O   ? I HOH .   ? A HOH 323 ? 1_555 87.9  ? 
59 ND1 ? A HIS 116 ? A HIS 104 ? 1_555 CD ? F CD . ? A CD 415 ? 1_555 O   ? I HOH .   ? A HOH 211 ? 8_665 104.8 ? 
60 ND1 ? A HIS 116 ? A HIS 104 ? 1_555 CD ? F CD . ? A CD 415 ? 1_555 O   ? I HOH .   ? A HOH 212 ? 1_555 106.1 ? 
61 O   ? I HOH .   ? A HOH 211 ? 8_665 CD ? F CD . ? A CD 415 ? 1_555 O   ? I HOH .   ? A HOH 212 ? 1_555 97.8  ? 
62 ND1 ? A HIS 116 ? A HIS 104 ? 1_555 CD ? F CD . ? A CD 415 ? 1_555 O   ? I HOH .   ? A HOH 414 ? 1_555 76.5  ? 
63 O   ? I HOH .   ? A HOH 211 ? 8_665 CD ? F CD . ? A CD 415 ? 1_555 O   ? I HOH .   ? A HOH 414 ? 1_555 87.1  ? 
64 O   ? I HOH .   ? A HOH 212 ? 1_555 CD ? F CD . ? A CD 415 ? 1_555 O   ? I HOH .   ? A HOH 414 ? 1_555 173.4 ? 
65 NE2 ? A HIS 153 ? A HIS 141 ? 1_555 CD ? G CD . ? A CD 416 ? 1_555 O   ? I HOH .   ? A HOH 211 ? 8_665 105.0 ? 
66 NE2 ? A HIS 153 ? A HIS 141 ? 1_555 CD ? G CD . ? A CD 416 ? 1_555 O   ? I HOH .   ? A HOH 212 ? 1_555 99.5  ? 
67 O   ? I HOH .   ? A HOH 211 ? 8_665 CD ? G CD . ? A CD 416 ? 1_555 O   ? I HOH .   ? A HOH 212 ? 1_555 89.6  ? 
68 NE2 ? A HIS 153 ? A HIS 141 ? 1_555 CD ? G CD . ? A CD 416 ? 1_555 O   ? I HOH .   ? A HOH 316 ? 1_555 75.1  ? 
69 O   ? I HOH .   ? A HOH 211 ? 8_665 CD ? G CD . ? A CD 416 ? 1_555 O   ? I HOH .   ? A HOH 316 ? 1_555 179.6 ? 
70 O   ? I HOH .   ? A HOH 212 ? 1_555 CD ? G CD . ? A CD 416 ? 1_555 O   ? I HOH .   ? A HOH 316 ? 1_555 90.7  ? 
# 
_pdbx_modification_feature.ordinal                            1 
_pdbx_modification_feature.label_comp_id                      CYS 
_pdbx_modification_feature.label_asym_id                      A 
_pdbx_modification_feature.label_seq_id                       76 
_pdbx_modification_feature.label_alt_id                       ? 
_pdbx_modification_feature.modified_residue_label_comp_id     CYS 
_pdbx_modification_feature.modified_residue_label_asym_id     A 
_pdbx_modification_feature.modified_residue_label_seq_id      169 
_pdbx_modification_feature.modified_residue_label_alt_id      ? 
_pdbx_modification_feature.auth_comp_id                       CYS 
_pdbx_modification_feature.auth_asym_id                       A 
_pdbx_modification_feature.auth_seq_id                        64 
_pdbx_modification_feature.PDB_ins_code                       ? 
_pdbx_modification_feature.symmetry                           1_555 
_pdbx_modification_feature.modified_residue_auth_comp_id      CYS 
_pdbx_modification_feature.modified_residue_auth_asym_id      A 
_pdbx_modification_feature.modified_residue_auth_seq_id       157 
_pdbx_modification_feature.modified_residue_PDB_ins_code      ? 
_pdbx_modification_feature.modified_residue_symmetry          1_555 
_pdbx_modification_feature.comp_id_linking_atom               SG 
_pdbx_modification_feature.modified_residue_id_linking_atom   SG 
_pdbx_modification_feature.modified_residue_id                . 
_pdbx_modification_feature.ref_pcm_id                         . 
_pdbx_modification_feature.ref_comp_id                        . 
_pdbx_modification_feature.type                               None 
_pdbx_modification_feature.category                           'Disulfide bridge' 
# 
_struct_sheet.id               A 
_struct_sheet.type             ? 
_struct_sheet.number_strands   10 
_struct_sheet.details          ? 
# 
loop_
_struct_sheet_order.sheet_id 
_struct_sheet_order.range_id_1 
_struct_sheet_order.range_id_2 
_struct_sheet_order.offset 
_struct_sheet_order.sense 
A 1 2  ? anti-parallel 
A 2 3  ? anti-parallel 
A 3 4  ? anti-parallel 
A 4 5  ? anti-parallel 
A 5 6  ? anti-parallel 
A 6 7  ? anti-parallel 
A 7 8  ? anti-parallel 
A 8 9  ? anti-parallel 
A 9 10 ? anti-parallel 
# 
loop_
_struct_sheet_range.sheet_id 
_struct_sheet_range.id 
_struct_sheet_range.beg_label_comp_id 
_struct_sheet_range.beg_label_asym_id 
_struct_sheet_range.beg_label_seq_id 
_struct_sheet_range.pdbx_beg_PDB_ins_code 
_struct_sheet_range.end_label_comp_id 
_struct_sheet_range.end_label_asym_id 
_struct_sheet_range.end_label_seq_id 
_struct_sheet_range.pdbx_end_PDB_ins_code 
_struct_sheet_range.beg_auth_comp_id 
_struct_sheet_range.beg_auth_asym_id 
_struct_sheet_range.beg_auth_seq_id 
_struct_sheet_range.end_auth_comp_id 
_struct_sheet_range.end_auth_asym_id 
_struct_sheet_range.end_auth_seq_id 
A 1  GLY A 29  ? GLU A 30  ? GLY A 17  GLU A 18  
A 2  PHE A 53  ? VAL A 59  ? PHE A 41  VAL A 47  
A 3  SER A 63  ? ARG A 72  ? SER A 51  ARG A 60  
A 4  GLU A 75  ? LYS A 85  ? GLU A 63  LYS A 73  
A 5  TYR A 92  ? THR A 95  ? TYR A 80  THR A 83  
A 6  PHE A 99  ? THR A 107 ? PHE A 87  THR A 95  
A 7  PHE A 112 ? LYS A 121 ? PHE A 100 LYS A 109 
A 8  GLU A 124 ? GLY A 133 ? GLU A 112 GLY A 121 
A 9  HIS A 32  ? SER A 38  ? HIS A 20  SER A 26  
A 10 ILE A 160 ? ASP A 162 ? ILE A 148 ASP A 150 
# 
loop_
_pdbx_struct_sheet_hbond.sheet_id 
_pdbx_struct_sheet_hbond.range_id_1 
_pdbx_struct_sheet_hbond.range_id_2 
_pdbx_struct_sheet_hbond.range_1_label_atom_id 
_pdbx_struct_sheet_hbond.range_1_label_comp_id 
_pdbx_struct_sheet_hbond.range_1_label_asym_id 
_pdbx_struct_sheet_hbond.range_1_label_seq_id 
_pdbx_struct_sheet_hbond.range_1_PDB_ins_code 
_pdbx_struct_sheet_hbond.range_1_auth_atom_id 
_pdbx_struct_sheet_hbond.range_1_auth_comp_id 
_pdbx_struct_sheet_hbond.range_1_auth_asym_id 
_pdbx_struct_sheet_hbond.range_1_auth_seq_id 
_pdbx_struct_sheet_hbond.range_2_label_atom_id 
_pdbx_struct_sheet_hbond.range_2_label_comp_id 
_pdbx_struct_sheet_hbond.range_2_label_asym_id 
_pdbx_struct_sheet_hbond.range_2_label_seq_id 
_pdbx_struct_sheet_hbond.range_2_PDB_ins_code 
_pdbx_struct_sheet_hbond.range_2_auth_atom_id 
_pdbx_struct_sheet_hbond.range_2_auth_comp_id 
_pdbx_struct_sheet_hbond.range_2_auth_asym_id 
_pdbx_struct_sheet_hbond.range_2_auth_seq_id 
A 1 2  N GLY A 29  ? N GLY A 17  O ILE A 57  ? O ILE A 45  
A 2 3  N GLU A 55  ? N GLU A 43  O LYS A 67  ? O LYS A 55  
A 3 4  N PHE A 68  ? N PHE A 56  O LEU A 79  ? O LEU A 67  
A 4 5  N ASP A 84  ? N ASP A 72  O SER A 93  ? O SER A 81  
A 5 6  N TYR A 92  ? N TYR A 80  O PHE A 102 ? O PHE A 90  
A 6 7  N THR A 101 ? N THR A 89  O ILE A 118 ? O ILE A 106 
A 7 8  N LEU A 117 ? N LEU A 105 O LEU A 128 ? O LEU A 116 
A 8 9  O LEU A 131 ? O LEU A 119 N ILE A 34  ? N ILE A 22  
A 9 10 N LEU A 36  ? N LEU A 24  O ILE A 161 ? O ILE A 149 
# 
loop_
_struct_site.id 
_struct_site.pdbx_evidence_code 
_struct_site.pdbx_auth_asym_id 
_struct_site.pdbx_auth_comp_id 
_struct_site.pdbx_auth_seq_id 
_struct_site.pdbx_auth_ins_code 
_struct_site.pdbx_num_residues 
_struct_site.details 
AC1 Software A CD  200 ? 6 'BINDING SITE FOR RESIDUE CD A 200'  
AC2 Software A CD  201 ? 6 'BINDING SITE FOR RESIDUE CD A 201'  
AC3 Software A CD  204 ? 3 'BINDING SITE FOR RESIDUE CD A 204'  
AC4 Software A CD  205 ? 2 'BINDING SITE FOR RESIDUE CD A 205'  
AC5 Software A CD  415 ? 6 'BINDING SITE FOR RESIDUE CD A 415'  
AC6 Software A CD  416 ? 5 'BINDING SITE FOR RESIDUE CD A 416'  
AC7 Software A OC9 401 ? 4 'BINDING SITE FOR RESIDUE OC9 A 401' 
# 
loop_
_struct_site_gen.id 
_struct_site_gen.site_id 
_struct_site_gen.pdbx_num_res 
_struct_site_gen.label_comp_id 
_struct_site_gen.label_asym_id 
_struct_site_gen.label_seq_id 
_struct_site_gen.pdbx_auth_ins_code 
_struct_site_gen.auth_comp_id 
_struct_site_gen.auth_asym_id 
_struct_site_gen.auth_seq_id 
_struct_site_gen.label_atom_id 
_struct_site_gen.label_alt_id 
_struct_site_gen.symmetry 
_struct_site_gen.details 
1  AC1 6 GLU A 30  ? GLU A 18  . ? 5_645 ? 
2  AC1 6 GLU A 151 ? GLU A 139 . ? 1_555 ? 
3  AC1 6 HOH I .   ? HOH A 402 . ? 1_555 ? 
4  AC1 6 HOH I .   ? HOH A 403 . ? 1_555 ? 
5  AC1 6 HOH I .   ? HOH A 404 . ? 1_555 ? 
6  AC1 6 HOH I .   ? HOH A 417 . ? 1_555 ? 
7  AC2 6 GLU A 25  ? GLU A 13  . ? 1_555 ? 
8  AC2 6 ASP A 122 ? ASP A 110 . ? 8_675 ? 
9  AC2 6 HOH I .   ? HOH A 208 . ? 1_555 ? 
10 AC2 6 HOH I .   ? HOH A 406 . ? 1_555 ? 
11 AC2 6 HOH I .   ? HOH A 407 . ? 1_555 ? 
12 AC2 6 HOH I .   ? HOH A 408 . ? 1_555 ? 
13 AC3 3 ASP A 97  ? ASP A 85  . ? 1_555 ? 
14 AC3 3 LYS A 121 ? LYS A 109 . ? 1_555 ? 
15 AC3 3 HOH I .   ? HOH A 367 . ? 1_555 ? 
16 AC4 2 ASP A 110 ? ASP A 98  . ? 1_555 ? 
17 AC4 2 HOH I .   ? HOH A 323 . ? 1_555 ? 
18 AC5 6 THR A 103 ? THR A 91  . ? 1_555 ? 
19 AC5 6 HIS A 116 ? HIS A 104 . ? 1_555 ? 
20 AC5 6 HOH I .   ? HOH A 211 . ? 8_665 ? 
21 AC5 6 HOH I .   ? HOH A 212 . ? 1_555 ? 
22 AC5 6 HOH I .   ? HOH A 414 . ? 1_555 ? 
23 AC5 6 CD  G .   ? CD  A 416 . ? 1_555 ? 
24 AC6 5 HIS A 153 ? HIS A 141 . ? 1_555 ? 
25 AC6 5 HOH I .   ? HOH A 211 . ? 8_665 ? 
26 AC6 5 HOH I .   ? HOH A 212 . ? 1_555 ? 
27 AC6 5 HOH I .   ? HOH A 316 . ? 1_555 ? 
28 AC6 5 CD  F .   ? CD  A 415 . ? 1_555 ? 
29 AC7 4 PHE A 50  ? PHE A 38  . ? 1_555 ? 
30 AC7 4 LEU A 52  ? LEU A 40  . ? 1_555 ? 
31 AC7 4 ALA A 115 ? ALA A 103 . ? 1_555 ? 
32 AC7 4 TYR A 132 ? TYR A 120 . ? 1_555 ? 
# 
_pdbx_entry_details.entry_id                   1ZNH 
_pdbx_entry_details.compound_details           ? 
_pdbx_entry_details.source_details             ? 
_pdbx_entry_details.nonpolymer_details         ? 
_pdbx_entry_details.sequence_details           ? 
_pdbx_entry_details.has_ligand_of_interest     ? 
_pdbx_entry_details.has_protein_modification   Y 
# 
loop_
_pdbx_validate_symm_contact.id 
_pdbx_validate_symm_contact.PDB_model_num 
_pdbx_validate_symm_contact.auth_atom_id_1 
_pdbx_validate_symm_contact.auth_asym_id_1 
_pdbx_validate_symm_contact.auth_comp_id_1 
_pdbx_validate_symm_contact.auth_seq_id_1 
_pdbx_validate_symm_contact.PDB_ins_code_1 
_pdbx_validate_symm_contact.label_alt_id_1 
_pdbx_validate_symm_contact.site_symmetry_1 
_pdbx_validate_symm_contact.auth_atom_id_2 
_pdbx_validate_symm_contact.auth_asym_id_2 
_pdbx_validate_symm_contact.auth_comp_id_2 
_pdbx_validate_symm_contact.auth_seq_id_2 
_pdbx_validate_symm_contact.PDB_ins_code_2 
_pdbx_validate_symm_contact.label_alt_id_2 
_pdbx_validate_symm_contact.site_symmetry_2 
_pdbx_validate_symm_contact.dist 
1 1 O A HOH 324 ? ? 1_555 O A HOH 324 ? ? 8_665 1.66 
2 1 O A HOH 218 ? ? 1_555 O A HOH 346 ? ? 5_645 2.19 
# 
loop_
_pdbx_validate_torsion.id 
_pdbx_validate_torsion.PDB_model_num 
_pdbx_validate_torsion.auth_comp_id 
_pdbx_validate_torsion.auth_asym_id 
_pdbx_validate_torsion.auth_seq_id 
_pdbx_validate_torsion.PDB_ins_code 
_pdbx_validate_torsion.label_alt_id 
_pdbx_validate_torsion.phi 
_pdbx_validate_torsion.psi 
1 1 TYR A 84  ? ? -172.95 111.65 
2 1 TYR A 97  ? ? 68.84   -49.28 
3 1 ASN A 99  ? ? -127.27 -53.97 
4 1 ALA A 154 ? ? -148.25 27.55  
# 
loop_
_pdbx_unobs_or_zero_occ_residues.id 
_pdbx_unobs_or_zero_occ_residues.PDB_model_num 
_pdbx_unobs_or_zero_occ_residues.polymer_flag 
_pdbx_unobs_or_zero_occ_residues.occupancy_flag 
_pdbx_unobs_or_zero_occ_residues.auth_asym_id 
_pdbx_unobs_or_zero_occ_residues.auth_comp_id 
_pdbx_unobs_or_zero_occ_residues.auth_seq_id 
_pdbx_unobs_or_zero_occ_residues.PDB_ins_code 
_pdbx_unobs_or_zero_occ_residues.label_asym_id 
_pdbx_unobs_or_zero_occ_residues.label_comp_id 
_pdbx_unobs_or_zero_occ_residues.label_seq_id 
1  1 Y 1 A MET -11 ? A MET 1   
2  1 Y 1 A ARG -10 ? A ARG 2   
3  1 Y 1 A GLY -9  ? A GLY 3   
4  1 Y 1 A SER -8  ? A SER 4   
5  1 Y 1 A HIS -7  ? A HIS 5   
6  1 Y 1 A HIS -6  ? A HIS 6   
7  1 Y 1 A HIS -5  ? A HIS 7   
8  1 Y 1 A HIS -4  ? A HIS 8   
9  1 Y 1 A HIS -3  ? A HIS 9   
10 1 Y 1 A HIS -2  ? A HIS 10  
11 1 Y 1 A GLY -1  ? A GLY 11  
12 1 Y 1 A SER 0   ? A SER 12  
13 1 Y 1 A LEU 158 ? A LEU 170 
14 1 Y 1 A GLN 159 ? A GLN 171 
15 1 Y 1 A ALA 160 ? A ALA 172 
16 1 Y 1 A ARG 161 ? A ARG 173 
17 1 Y 1 A GLU 162 ? A GLU 174 
# 
loop_
_chem_comp_atom.comp_id 
_chem_comp_atom.atom_id 
_chem_comp_atom.type_symbol 
_chem_comp_atom.pdbx_aromatic_flag 
_chem_comp_atom.pdbx_stereo_config 
_chem_comp_atom.pdbx_ordinal 
ALA N    N  N N 1   
ALA CA   C  N S 2   
ALA C    C  N N 3   
ALA O    O  N N 4   
ALA CB   C  N N 5   
ALA OXT  O  N N 6   
ALA H    H  N N 7   
ALA H2   H  N N 8   
ALA HA   H  N N 9   
ALA HB1  H  N N 10  
ALA HB2  H  N N 11  
ALA HB3  H  N N 12  
ALA HXT  H  N N 13  
ARG N    N  N N 14  
ARG CA   C  N S 15  
ARG C    C  N N 16  
ARG O    O  N N 17  
ARG CB   C  N N 18  
ARG CG   C  N N 19  
ARG CD   C  N N 20  
ARG NE   N  N N 21  
ARG CZ   C  N N 22  
ARG NH1  N  N N 23  
ARG NH2  N  N N 24  
ARG OXT  O  N N 25  
ARG H    H  N N 26  
ARG H2   H  N N 27  
ARG HA   H  N N 28  
ARG HB2  H  N N 29  
ARG HB3  H  N N 30  
ARG HG2  H  N N 31  
ARG HG3  H  N N 32  
ARG HD2  H  N N 33  
ARG HD3  H  N N 34  
ARG HE   H  N N 35  
ARG HH11 H  N N 36  
ARG HH12 H  N N 37  
ARG HH21 H  N N 38  
ARG HH22 H  N N 39  
ARG HXT  H  N N 40  
ASN N    N  N N 41  
ASN CA   C  N S 42  
ASN C    C  N N 43  
ASN O    O  N N 44  
ASN CB   C  N N 45  
ASN CG   C  N N 46  
ASN OD1  O  N N 47  
ASN ND2  N  N N 48  
ASN OXT  O  N N 49  
ASN H    H  N N 50  
ASN H2   H  N N 51  
ASN HA   H  N N 52  
ASN HB2  H  N N 53  
ASN HB3  H  N N 54  
ASN HD21 H  N N 55  
ASN HD22 H  N N 56  
ASN HXT  H  N N 57  
ASP N    N  N N 58  
ASP CA   C  N S 59  
ASP C    C  N N 60  
ASP O    O  N N 61  
ASP CB   C  N N 62  
ASP CG   C  N N 63  
ASP OD1  O  N N 64  
ASP OD2  O  N N 65  
ASP OXT  O  N N 66  
ASP H    H  N N 67  
ASP H2   H  N N 68  
ASP HA   H  N N 69  
ASP HB2  H  N N 70  
ASP HB3  H  N N 71  
ASP HD2  H  N N 72  
ASP HXT  H  N N 73  
CD  CD   CD N N 74  
CYS N    N  N N 75  
CYS CA   C  N R 76  
CYS C    C  N N 77  
CYS O    O  N N 78  
CYS CB   C  N N 79  
CYS SG   S  N N 80  
CYS OXT  O  N N 81  
CYS H    H  N N 82  
CYS H2   H  N N 83  
CYS HA   H  N N 84  
CYS HB2  H  N N 85  
CYS HB3  H  N N 86  
CYS HG   H  N N 87  
CYS HXT  H  N N 88  
GLN N    N  N N 89  
GLN CA   C  N S 90  
GLN C    C  N N 91  
GLN O    O  N N 92  
GLN CB   C  N N 93  
GLN CG   C  N N 94  
GLN CD   C  N N 95  
GLN OE1  O  N N 96  
GLN NE2  N  N N 97  
GLN OXT  O  N N 98  
GLN H    H  N N 99  
GLN H2   H  N N 100 
GLN HA   H  N N 101 
GLN HB2  H  N N 102 
GLN HB3  H  N N 103 
GLN HG2  H  N N 104 
GLN HG3  H  N N 105 
GLN HE21 H  N N 106 
GLN HE22 H  N N 107 
GLN HXT  H  N N 108 
GLU N    N  N N 109 
GLU CA   C  N S 110 
GLU C    C  N N 111 
GLU O    O  N N 112 
GLU CB   C  N N 113 
GLU CG   C  N N 114 
GLU CD   C  N N 115 
GLU OE1  O  N N 116 
GLU OE2  O  N N 117 
GLU OXT  O  N N 118 
GLU H    H  N N 119 
GLU H2   H  N N 120 
GLU HA   H  N N 121 
GLU HB2  H  N N 122 
GLU HB3  H  N N 123 
GLU HG2  H  N N 124 
GLU HG3  H  N N 125 
GLU HE2  H  N N 126 
GLU HXT  H  N N 127 
GLY N    N  N N 128 
GLY CA   C  N N 129 
GLY C    C  N N 130 
GLY O    O  N N 131 
GLY OXT  O  N N 132 
GLY H    H  N N 133 
GLY H2   H  N N 134 
GLY HA2  H  N N 135 
GLY HA3  H  N N 136 
GLY HXT  H  N N 137 
HIS N    N  N N 138 
HIS CA   C  N S 139 
HIS C    C  N N 140 
HIS O    O  N N 141 
HIS CB   C  N N 142 
HIS CG   C  Y N 143 
HIS ND1  N  Y N 144 
HIS CD2  C  Y N 145 
HIS CE1  C  Y N 146 
HIS NE2  N  Y N 147 
HIS OXT  O  N N 148 
HIS H    H  N N 149 
HIS H2   H  N N 150 
HIS HA   H  N N 151 
HIS HB2  H  N N 152 
HIS HB3  H  N N 153 
HIS HD1  H  N N 154 
HIS HD2  H  N N 155 
HIS HE1  H  N N 156 
HIS HE2  H  N N 157 
HIS HXT  H  N N 158 
HOH O    O  N N 159 
HOH H1   H  N N 160 
HOH H2   H  N N 161 
ILE N    N  N N 162 
ILE CA   C  N S 163 
ILE C    C  N N 164 
ILE O    O  N N 165 
ILE CB   C  N S 166 
ILE CG1  C  N N 167 
ILE CG2  C  N N 168 
ILE CD1  C  N N 169 
ILE OXT  O  N N 170 
ILE H    H  N N 171 
ILE H2   H  N N 172 
ILE HA   H  N N 173 
ILE HB   H  N N 174 
ILE HG12 H  N N 175 
ILE HG13 H  N N 176 
ILE HG21 H  N N 177 
ILE HG22 H  N N 178 
ILE HG23 H  N N 179 
ILE HD11 H  N N 180 
ILE HD12 H  N N 181 
ILE HD13 H  N N 182 
ILE HXT  H  N N 183 
LEU N    N  N N 184 
LEU CA   C  N S 185 
LEU C    C  N N 186 
LEU O    O  N N 187 
LEU CB   C  N N 188 
LEU CG   C  N N 189 
LEU CD1  C  N N 190 
LEU CD2  C  N N 191 
LEU OXT  O  N N 192 
LEU H    H  N N 193 
LEU H2   H  N N 194 
LEU HA   H  N N 195 
LEU HB2  H  N N 196 
LEU HB3  H  N N 197 
LEU HG   H  N N 198 
LEU HD11 H  N N 199 
LEU HD12 H  N N 200 
LEU HD13 H  N N 201 
LEU HD21 H  N N 202 
LEU HD22 H  N N 203 
LEU HD23 H  N N 204 
LEU HXT  H  N N 205 
LYS N    N  N N 206 
LYS CA   C  N S 207 
LYS C    C  N N 208 
LYS O    O  N N 209 
LYS CB   C  N N 210 
LYS CG   C  N N 211 
LYS CD   C  N N 212 
LYS CE   C  N N 213 
LYS NZ   N  N N 214 
LYS OXT  O  N N 215 
LYS H    H  N N 216 
LYS H2   H  N N 217 
LYS HA   H  N N 218 
LYS HB2  H  N N 219 
LYS HB3  H  N N 220 
LYS HG2  H  N N 221 
LYS HG3  H  N N 222 
LYS HD2  H  N N 223 
LYS HD3  H  N N 224 
LYS HE2  H  N N 225 
LYS HE3  H  N N 226 
LYS HZ1  H  N N 227 
LYS HZ2  H  N N 228 
LYS HZ3  H  N N 229 
LYS HXT  H  N N 230 
MET N    N  N N 231 
MET CA   C  N S 232 
MET C    C  N N 233 
MET O    O  N N 234 
MET CB   C  N N 235 
MET CG   C  N N 236 
MET SD   S  N N 237 
MET CE   C  N N 238 
MET OXT  O  N N 239 
MET H    H  N N 240 
MET H2   H  N N 241 
MET HA   H  N N 242 
MET HB2  H  N N 243 
MET HB3  H  N N 244 
MET HG2  H  N N 245 
MET HG3  H  N N 246 
MET HE1  H  N N 247 
MET HE2  H  N N 248 
MET HE3  H  N N 249 
MET HXT  H  N N 250 
OC9 CAA  C  N N 251 
OC9 CAC  C  N N 252 
OC9 CAE  C  N N 253 
OC9 CAG  C  N N 254 
OC9 CAI  C  N N 255 
OC9 CAH  C  N N 256 
OC9 CAF  C  N N 257 
OC9 CAD  C  N N 258 
OC9 OAB  O  N N 259 
OC9 HAA1 H  N N 260 
OC9 HAA2 H  N N 261 
OC9 HAA3 H  N N 262 
OC9 HAC1 H  N N 263 
OC9 HAC2 H  N N 264 
OC9 HAE1 H  N N 265 
OC9 HAE2 H  N N 266 
OC9 HAG1 H  N N 267 
OC9 HAG2 H  N N 268 
OC9 HAI1 H  N N 269 
OC9 HAI2 H  N N 270 
OC9 HAH1 H  N N 271 
OC9 HAH2 H  N N 272 
OC9 HAF1 H  N N 273 
OC9 HAF2 H  N N 274 
OC9 HAD1 H  N N 275 
OC9 HAD2 H  N N 276 
OC9 HAB  H  N N 277 
PHE N    N  N N 278 
PHE CA   C  N S 279 
PHE C    C  N N 280 
PHE O    O  N N 281 
PHE CB   C  N N 282 
PHE CG   C  Y N 283 
PHE CD1  C  Y N 284 
PHE CD2  C  Y N 285 
PHE CE1  C  Y N 286 
PHE CE2  C  Y N 287 
PHE CZ   C  Y N 288 
PHE OXT  O  N N 289 
PHE H    H  N N 290 
PHE H2   H  N N 291 
PHE HA   H  N N 292 
PHE HB2  H  N N 293 
PHE HB3  H  N N 294 
PHE HD1  H  N N 295 
PHE HD2  H  N N 296 
PHE HE1  H  N N 297 
PHE HE2  H  N N 298 
PHE HZ   H  N N 299 
PHE HXT  H  N N 300 
PRO N    N  N N 301 
PRO CA   C  N S 302 
PRO C    C  N N 303 
PRO O    O  N N 304 
PRO CB   C  N N 305 
PRO CG   C  N N 306 
PRO CD   C  N N 307 
PRO OXT  O  N N 308 
PRO H    H  N N 309 
PRO HA   H  N N 310 
PRO HB2  H  N N 311 
PRO HB3  H  N N 312 
PRO HG2  H  N N 313 
PRO HG3  H  N N 314 
PRO HD2  H  N N 315 
PRO HD3  H  N N 316 
PRO HXT  H  N N 317 
SER N    N  N N 318 
SER CA   C  N S 319 
SER C    C  N N 320 
SER O    O  N N 321 
SER CB   C  N N 322 
SER OG   O  N N 323 
SER OXT  O  N N 324 
SER H    H  N N 325 
SER H2   H  N N 326 
SER HA   H  N N 327 
SER HB2  H  N N 328 
SER HB3  H  N N 329 
SER HG   H  N N 330 
SER HXT  H  N N 331 
THR N    N  N N 332 
THR CA   C  N S 333 
THR C    C  N N 334 
THR O    O  N N 335 
THR CB   C  N R 336 
THR OG1  O  N N 337 
THR CG2  C  N N 338 
THR OXT  O  N N 339 
THR H    H  N N 340 
THR H2   H  N N 341 
THR HA   H  N N 342 
THR HB   H  N N 343 
THR HG1  H  N N 344 
THR HG21 H  N N 345 
THR HG22 H  N N 346 
THR HG23 H  N N 347 
THR HXT  H  N N 348 
TRP N    N  N N 349 
TRP CA   C  N S 350 
TRP C    C  N N 351 
TRP O    O  N N 352 
TRP CB   C  N N 353 
TRP CG   C  Y N 354 
TRP CD1  C  Y N 355 
TRP CD2  C  Y N 356 
TRP NE1  N  Y N 357 
TRP CE2  C  Y N 358 
TRP CE3  C  Y N 359 
TRP CZ2  C  Y N 360 
TRP CZ3  C  Y N 361 
TRP CH2  C  Y N 362 
TRP OXT  O  N N 363 
TRP H    H  N N 364 
TRP H2   H  N N 365 
TRP HA   H  N N 366 
TRP HB2  H  N N 367 
TRP HB3  H  N N 368 
TRP HD1  H  N N 369 
TRP HE1  H  N N 370 
TRP HE3  H  N N 371 
TRP HZ2  H  N N 372 
TRP HZ3  H  N N 373 
TRP HH2  H  N N 374 
TRP HXT  H  N N 375 
TYR N    N  N N 376 
TYR CA   C  N S 377 
TYR C    C  N N 378 
TYR O    O  N N 379 
TYR CB   C  N N 380 
TYR CG   C  Y N 381 
TYR CD1  C  Y N 382 
TYR CD2  C  Y N 383 
TYR CE1  C  Y N 384 
TYR CE2  C  Y N 385 
TYR CZ   C  Y N 386 
TYR OH   O  N N 387 
TYR OXT  O  N N 388 
TYR H    H  N N 389 
TYR H2   H  N N 390 
TYR HA   H  N N 391 
TYR HB2  H  N N 392 
TYR HB3  H  N N 393 
TYR HD1  H  N N 394 
TYR HD2  H  N N 395 
TYR HE1  H  N N 396 
TYR HE2  H  N N 397 
TYR HH   H  N N 398 
TYR HXT  H  N N 399 
VAL N    N  N N 400 
VAL CA   C  N S 401 
VAL C    C  N N 402 
VAL O    O  N N 403 
VAL CB   C  N N 404 
VAL CG1  C  N N 405 
VAL CG2  C  N N 406 
VAL OXT  O  N N 407 
VAL H    H  N N 408 
VAL H2   H  N N 409 
VAL HA   H  N N 410 
VAL HB   H  N N 411 
VAL HG11 H  N N 412 
VAL HG12 H  N N 413 
VAL HG13 H  N N 414 
VAL HG21 H  N N 415 
VAL HG22 H  N N 416 
VAL HG23 H  N N 417 
VAL HXT  H  N N 418 
# 
loop_
_chem_comp_bond.comp_id 
_chem_comp_bond.atom_id_1 
_chem_comp_bond.atom_id_2 
_chem_comp_bond.value_order 
_chem_comp_bond.pdbx_aromatic_flag 
_chem_comp_bond.pdbx_stereo_config 
_chem_comp_bond.pdbx_ordinal 
ALA N   CA   sing N N 1   
ALA N   H    sing N N 2   
ALA N   H2   sing N N 3   
ALA CA  C    sing N N 4   
ALA CA  CB   sing N N 5   
ALA CA  HA   sing N N 6   
ALA C   O    doub N N 7   
ALA C   OXT  sing N N 8   
ALA CB  HB1  sing N N 9   
ALA CB  HB2  sing N N 10  
ALA CB  HB3  sing N N 11  
ALA OXT HXT  sing N N 12  
ARG N   CA   sing N N 13  
ARG N   H    sing N N 14  
ARG N   H2   sing N N 15  
ARG CA  C    sing N N 16  
ARG CA  CB   sing N N 17  
ARG CA  HA   sing N N 18  
ARG C   O    doub N N 19  
ARG C   OXT  sing N N 20  
ARG CB  CG   sing N N 21  
ARG CB  HB2  sing N N 22  
ARG CB  HB3  sing N N 23  
ARG CG  CD   sing N N 24  
ARG CG  HG2  sing N N 25  
ARG CG  HG3  sing N N 26  
ARG CD  NE   sing N N 27  
ARG CD  HD2  sing N N 28  
ARG CD  HD3  sing N N 29  
ARG NE  CZ   sing N N 30  
ARG NE  HE   sing N N 31  
ARG CZ  NH1  sing N N 32  
ARG CZ  NH2  doub N N 33  
ARG NH1 HH11 sing N N 34  
ARG NH1 HH12 sing N N 35  
ARG NH2 HH21 sing N N 36  
ARG NH2 HH22 sing N N 37  
ARG OXT HXT  sing N N 38  
ASN N   CA   sing N N 39  
ASN N   H    sing N N 40  
ASN N   H2   sing N N 41  
ASN CA  C    sing N N 42  
ASN CA  CB   sing N N 43  
ASN CA  HA   sing N N 44  
ASN C   O    doub N N 45  
ASN C   OXT  sing N N 46  
ASN CB  CG   sing N N 47  
ASN CB  HB2  sing N N 48  
ASN CB  HB3  sing N N 49  
ASN CG  OD1  doub N N 50  
ASN CG  ND2  sing N N 51  
ASN ND2 HD21 sing N N 52  
ASN ND2 HD22 sing N N 53  
ASN OXT HXT  sing N N 54  
ASP N   CA   sing N N 55  
ASP N   H    sing N N 56  
ASP N   H2   sing N N 57  
ASP CA  C    sing N N 58  
ASP CA  CB   sing N N 59  
ASP CA  HA   sing N N 60  
ASP C   O    doub N N 61  
ASP C   OXT  sing N N 62  
ASP CB  CG   sing N N 63  
ASP CB  HB2  sing N N 64  
ASP CB  HB3  sing N N 65  
ASP CG  OD1  doub N N 66  
ASP CG  OD2  sing N N 67  
ASP OD2 HD2  sing N N 68  
ASP OXT HXT  sing N N 69  
CYS N   CA   sing N N 70  
CYS N   H    sing N N 71  
CYS N   H2   sing N N 72  
CYS CA  C    sing N N 73  
CYS CA  CB   sing N N 74  
CYS CA  HA   sing N N 75  
CYS C   O    doub N N 76  
CYS C   OXT  sing N N 77  
CYS CB  SG   sing N N 78  
CYS CB  HB2  sing N N 79  
CYS CB  HB3  sing N N 80  
CYS SG  HG   sing N N 81  
CYS OXT HXT  sing N N 82  
GLN N   CA   sing N N 83  
GLN N   H    sing N N 84  
GLN N   H2   sing N N 85  
GLN CA  C    sing N N 86  
GLN CA  CB   sing N N 87  
GLN CA  HA   sing N N 88  
GLN C   O    doub N N 89  
GLN C   OXT  sing N N 90  
GLN CB  CG   sing N N 91  
GLN CB  HB2  sing N N 92  
GLN CB  HB3  sing N N 93  
GLN CG  CD   sing N N 94  
GLN CG  HG2  sing N N 95  
GLN CG  HG3  sing N N 96  
GLN CD  OE1  doub N N 97  
GLN CD  NE2  sing N N 98  
GLN NE2 HE21 sing N N 99  
GLN NE2 HE22 sing N N 100 
GLN OXT HXT  sing N N 101 
GLU N   CA   sing N N 102 
GLU N   H    sing N N 103 
GLU N   H2   sing N N 104 
GLU CA  C    sing N N 105 
GLU CA  CB   sing N N 106 
GLU CA  HA   sing N N 107 
GLU C   O    doub N N 108 
GLU C   OXT  sing N N 109 
GLU CB  CG   sing N N 110 
GLU CB  HB2  sing N N 111 
GLU CB  HB3  sing N N 112 
GLU CG  CD   sing N N 113 
GLU CG  HG2  sing N N 114 
GLU CG  HG3  sing N N 115 
GLU CD  OE1  doub N N 116 
GLU CD  OE2  sing N N 117 
GLU OE2 HE2  sing N N 118 
GLU OXT HXT  sing N N 119 
GLY N   CA   sing N N 120 
GLY N   H    sing N N 121 
GLY N   H2   sing N N 122 
GLY CA  C    sing N N 123 
GLY CA  HA2  sing N N 124 
GLY CA  HA3  sing N N 125 
GLY C   O    doub N N 126 
GLY C   OXT  sing N N 127 
GLY OXT HXT  sing N N 128 
HIS N   CA   sing N N 129 
HIS N   H    sing N N 130 
HIS N   H2   sing N N 131 
HIS CA  C    sing N N 132 
HIS CA  CB   sing N N 133 
HIS CA  HA   sing N N 134 
HIS C   O    doub N N 135 
HIS C   OXT  sing N N 136 
HIS CB  CG   sing N N 137 
HIS CB  HB2  sing N N 138 
HIS CB  HB3  sing N N 139 
HIS CG  ND1  sing Y N 140 
HIS CG  CD2  doub Y N 141 
HIS ND1 CE1  doub Y N 142 
HIS ND1 HD1  sing N N 143 
HIS CD2 NE2  sing Y N 144 
HIS CD2 HD2  sing N N 145 
HIS CE1 NE2  sing Y N 146 
HIS CE1 HE1  sing N N 147 
HIS NE2 HE2  sing N N 148 
HIS OXT HXT  sing N N 149 
HOH O   H1   sing N N 150 
HOH O   H2   sing N N 151 
ILE N   CA   sing N N 152 
ILE N   H    sing N N 153 
ILE N   H2   sing N N 154 
ILE CA  C    sing N N 155 
ILE CA  CB   sing N N 156 
ILE CA  HA   sing N N 157 
ILE C   O    doub N N 158 
ILE C   OXT  sing N N 159 
ILE CB  CG1  sing N N 160 
ILE CB  CG2  sing N N 161 
ILE CB  HB   sing N N 162 
ILE CG1 CD1  sing N N 163 
ILE CG1 HG12 sing N N 164 
ILE CG1 HG13 sing N N 165 
ILE CG2 HG21 sing N N 166 
ILE CG2 HG22 sing N N 167 
ILE CG2 HG23 sing N N 168 
ILE CD1 HD11 sing N N 169 
ILE CD1 HD12 sing N N 170 
ILE CD1 HD13 sing N N 171 
ILE OXT HXT  sing N N 172 
LEU N   CA   sing N N 173 
LEU N   H    sing N N 174 
LEU N   H2   sing N N 175 
LEU CA  C    sing N N 176 
LEU CA  CB   sing N N 177 
LEU CA  HA   sing N N 178 
LEU C   O    doub N N 179 
LEU C   OXT  sing N N 180 
LEU CB  CG   sing N N 181 
LEU CB  HB2  sing N N 182 
LEU CB  HB3  sing N N 183 
LEU CG  CD1  sing N N 184 
LEU CG  CD2  sing N N 185 
LEU CG  HG   sing N N 186 
LEU CD1 HD11 sing N N 187 
LEU CD1 HD12 sing N N 188 
LEU CD1 HD13 sing N N 189 
LEU CD2 HD21 sing N N 190 
LEU CD2 HD22 sing N N 191 
LEU CD2 HD23 sing N N 192 
LEU OXT HXT  sing N N 193 
LYS N   CA   sing N N 194 
LYS N   H    sing N N 195 
LYS N   H2   sing N N 196 
LYS CA  C    sing N N 197 
LYS CA  CB   sing N N 198 
LYS CA  HA   sing N N 199 
LYS C   O    doub N N 200 
LYS C   OXT  sing N N 201 
LYS CB  CG   sing N N 202 
LYS CB  HB2  sing N N 203 
LYS CB  HB3  sing N N 204 
LYS CG  CD   sing N N 205 
LYS CG  HG2  sing N N 206 
LYS CG  HG3  sing N N 207 
LYS CD  CE   sing N N 208 
LYS CD  HD2  sing N N 209 
LYS CD  HD3  sing N N 210 
LYS CE  NZ   sing N N 211 
LYS CE  HE2  sing N N 212 
LYS CE  HE3  sing N N 213 
LYS NZ  HZ1  sing N N 214 
LYS NZ  HZ2  sing N N 215 
LYS NZ  HZ3  sing N N 216 
LYS OXT HXT  sing N N 217 
MET N   CA   sing N N 218 
MET N   H    sing N N 219 
MET N   H2   sing N N 220 
MET CA  C    sing N N 221 
MET CA  CB   sing N N 222 
MET CA  HA   sing N N 223 
MET C   O    doub N N 224 
MET C   OXT  sing N N 225 
MET CB  CG   sing N N 226 
MET CB  HB2  sing N N 227 
MET CB  HB3  sing N N 228 
MET CG  SD   sing N N 229 
MET CG  HG2  sing N N 230 
MET CG  HG3  sing N N 231 
MET SD  CE   sing N N 232 
MET CE  HE1  sing N N 233 
MET CE  HE2  sing N N 234 
MET CE  HE3  sing N N 235 
MET OXT HXT  sing N N 236 
OC9 CAA CAC  sing N N 237 
OC9 CAA HAA1 sing N N 238 
OC9 CAA HAA2 sing N N 239 
OC9 CAA HAA3 sing N N 240 
OC9 CAC CAE  sing N N 241 
OC9 CAC HAC1 sing N N 242 
OC9 CAC HAC2 sing N N 243 
OC9 CAE CAG  sing N N 244 
OC9 CAE HAE1 sing N N 245 
OC9 CAE HAE2 sing N N 246 
OC9 CAG CAI  sing N N 247 
OC9 CAG HAG1 sing N N 248 
OC9 CAG HAG2 sing N N 249 
OC9 CAI CAH  sing N N 250 
OC9 CAI HAI1 sing N N 251 
OC9 CAI HAI2 sing N N 252 
OC9 CAH CAF  sing N N 253 
OC9 CAH HAH1 sing N N 254 
OC9 CAH HAH2 sing N N 255 
OC9 CAF CAD  sing N N 256 
OC9 CAF HAF1 sing N N 257 
OC9 CAF HAF2 sing N N 258 
OC9 CAD OAB  sing N N 259 
OC9 CAD HAD1 sing N N 260 
OC9 CAD HAD2 sing N N 261 
OC9 OAB HAB  sing N N 262 
PHE N   CA   sing N N 263 
PHE N   H    sing N N 264 
PHE N   H2   sing N N 265 
PHE CA  C    sing N N 266 
PHE CA  CB   sing N N 267 
PHE CA  HA   sing N N 268 
PHE C   O    doub N N 269 
PHE C   OXT  sing N N 270 
PHE CB  CG   sing N N 271 
PHE CB  HB2  sing N N 272 
PHE CB  HB3  sing N N 273 
PHE CG  CD1  doub Y N 274 
PHE CG  CD2  sing Y N 275 
PHE CD1 CE1  sing Y N 276 
PHE CD1 HD1  sing N N 277 
PHE CD2 CE2  doub Y N 278 
PHE CD2 HD2  sing N N 279 
PHE CE1 CZ   doub Y N 280 
PHE CE1 HE1  sing N N 281 
PHE CE2 CZ   sing Y N 282 
PHE CE2 HE2  sing N N 283 
PHE CZ  HZ   sing N N 284 
PHE OXT HXT  sing N N 285 
PRO N   CA   sing N N 286 
PRO N   CD   sing N N 287 
PRO N   H    sing N N 288 
PRO CA  C    sing N N 289 
PRO CA  CB   sing N N 290 
PRO CA  HA   sing N N 291 
PRO C   O    doub N N 292 
PRO C   OXT  sing N N 293 
PRO CB  CG   sing N N 294 
PRO CB  HB2  sing N N 295 
PRO CB  HB3  sing N N 296 
PRO CG  CD   sing N N 297 
PRO CG  HG2  sing N N 298 
PRO CG  HG3  sing N N 299 
PRO CD  HD2  sing N N 300 
PRO CD  HD3  sing N N 301 
PRO OXT HXT  sing N N 302 
SER N   CA   sing N N 303 
SER N   H    sing N N 304 
SER N   H2   sing N N 305 
SER CA  C    sing N N 306 
SER CA  CB   sing N N 307 
SER CA  HA   sing N N 308 
SER C   O    doub N N 309 
SER C   OXT  sing N N 310 
SER CB  OG   sing N N 311 
SER CB  HB2  sing N N 312 
SER CB  HB3  sing N N 313 
SER OG  HG   sing N N 314 
SER OXT HXT  sing N N 315 
THR N   CA   sing N N 316 
THR N   H    sing N N 317 
THR N   H2   sing N N 318 
THR CA  C    sing N N 319 
THR CA  CB   sing N N 320 
THR CA  HA   sing N N 321 
THR C   O    doub N N 322 
THR C   OXT  sing N N 323 
THR CB  OG1  sing N N 324 
THR CB  CG2  sing N N 325 
THR CB  HB   sing N N 326 
THR OG1 HG1  sing N N 327 
THR CG2 HG21 sing N N 328 
THR CG2 HG22 sing N N 329 
THR CG2 HG23 sing N N 330 
THR OXT HXT  sing N N 331 
TRP N   CA   sing N N 332 
TRP N   H    sing N N 333 
TRP N   H2   sing N N 334 
TRP CA  C    sing N N 335 
TRP CA  CB   sing N N 336 
TRP CA  HA   sing N N 337 
TRP C   O    doub N N 338 
TRP C   OXT  sing N N 339 
TRP CB  CG   sing N N 340 
TRP CB  HB2  sing N N 341 
TRP CB  HB3  sing N N 342 
TRP CG  CD1  doub Y N 343 
TRP CG  CD2  sing Y N 344 
TRP CD1 NE1  sing Y N 345 
TRP CD1 HD1  sing N N 346 
TRP CD2 CE2  doub Y N 347 
TRP CD2 CE3  sing Y N 348 
TRP NE1 CE2  sing Y N 349 
TRP NE1 HE1  sing N N 350 
TRP CE2 CZ2  sing Y N 351 
TRP CE3 CZ3  doub Y N 352 
TRP CE3 HE3  sing N N 353 
TRP CZ2 CH2  doub Y N 354 
TRP CZ2 HZ2  sing N N 355 
TRP CZ3 CH2  sing Y N 356 
TRP CZ3 HZ3  sing N N 357 
TRP CH2 HH2  sing N N 358 
TRP OXT HXT  sing N N 359 
TYR N   CA   sing N N 360 
TYR N   H    sing N N 361 
TYR N   H2   sing N N 362 
TYR CA  C    sing N N 363 
TYR CA  CB   sing N N 364 
TYR CA  HA   sing N N 365 
TYR C   O    doub N N 366 
TYR C   OXT  sing N N 367 
TYR CB  CG   sing N N 368 
TYR CB  HB2  sing N N 369 
TYR CB  HB3  sing N N 370 
TYR CG  CD1  doub Y N 371 
TYR CG  CD2  sing Y N 372 
TYR CD1 CE1  sing Y N 373 
TYR CD1 HD1  sing N N 374 
TYR CD2 CE2  doub Y N 375 
TYR CD2 HD2  sing N N 376 
TYR CE1 CZ   doub Y N 377 
TYR CE1 HE1  sing N N 378 
TYR CE2 CZ   sing Y N 379 
TYR CE2 HE2  sing N N 380 
TYR CZ  OH   sing N N 381 
TYR OH  HH   sing N N 382 
TYR OXT HXT  sing N N 383 
VAL N   CA   sing N N 384 
VAL N   H    sing N N 385 
VAL N   H2   sing N N 386 
VAL CA  C    sing N N 387 
VAL CA  CB   sing N N 388 
VAL CA  HA   sing N N 389 
VAL C   O    doub N N 390 
VAL C   OXT  sing N N 391 
VAL CB  CG1  sing N N 392 
VAL CB  CG2  sing N N 393 
VAL CB  HB   sing N N 394 
VAL CG1 HG11 sing N N 395 
VAL CG1 HG12 sing N N 396 
VAL CG1 HG13 sing N N 397 
VAL CG2 HG21 sing N N 398 
VAL CG2 HG22 sing N N 399 
VAL CG2 HG23 sing N N 400 
VAL OXT HXT  sing N N 401 
# 
_pdbx_initial_refinement_model.id               1 
_pdbx_initial_refinement_model.entity_id_list   ? 
_pdbx_initial_refinement_model.type             'experimental model' 
_pdbx_initial_refinement_model.source_name      PDB 
_pdbx_initial_refinement_model.accession_code   1QY0 
_pdbx_initial_refinement_model.details          ? 
# 
_atom_sites.entry_id                    1ZNH 
_atom_sites.fract_transf_matrix[1][1]   -0.00866349 
_atom_sites.fract_transf_matrix[1][2]   0.01050562 
_atom_sites.fract_transf_matrix[1][3]   0.01272160 
_atom_sites.fract_transf_matrix[2][1]   0.01632205 
_atom_sites.fract_transf_matrix[2][2]   0.00755450 
_atom_sites.fract_transf_matrix[2][3]   0.00487684 
_atom_sites.fract_transf_matrix[3][1]   -0.00093899 
_atom_sites.fract_transf_matrix[3][2]   0.00522938 
_atom_sites.fract_transf_matrix[3][3]   -0.00495794 
_atom_sites.fract_transf_vector[1]      0.875818 
_atom_sites.fract_transf_vector[2]      0.435215 
_atom_sites.fract_transf_vector[3]      0.311929 
# 
loop_
_atom_type.symbol 
C  
CD 
N  
O  
S  
# 
loop_
_atom_site.group_PDB 
_atom_site.id 
_atom_site.type_symbol 
_atom_site.label_atom_id 
_atom_site.label_alt_id 
_atom_site.label_comp_id 
_atom_site.label_asym_id 
_atom_site.label_entity_id 
_atom_site.label_seq_id 
_atom_site.pdbx_PDB_ins_code 
_atom_site.Cartn_x 
_atom_site.Cartn_y 
_atom_site.Cartn_z 
_atom_site.occupancy 
_atom_site.B_iso_or_equiv 
_atom_site.pdbx_formal_charge 
_atom_site.auth_seq_id 
_atom_site.auth_comp_id 
_atom_site.auth_asym_id 
_atom_site.auth_atom_id 
_atom_site.pdbx_PDB_model_num 
ATOM   1    N  N   . GLU A 1 13  ? 14.199  -2.961  -14.268 1.00 43.70 ? 1   GLU A N   1 
ATOM   2    C  CA  . GLU A 1 13  ? 14.014  -4.253  -13.545 1.00 44.47 ? 1   GLU A CA  1 
ATOM   3    C  C   . GLU A 1 13  ? 12.863  -4.148  -12.541 1.00 40.37 ? 1   GLU A C   1 
ATOM   4    O  O   . GLU A 1 13  ? 12.581  -3.074  -12.007 1.00 41.02 ? 1   GLU A O   1 
ATOM   5    C  CB  . GLU A 1 13  ? 15.311  -4.662  -12.814 1.00 47.61 ? 1   GLU A CB  1 
ATOM   6    C  CG  . GLU A 1 13  ? 15.560  -4.007  -11.428 1.00 49.99 ? 1   GLU A CG  1 
ATOM   7    C  CD  . GLU A 1 13  ? 15.949  -2.531  -11.502 1.00 50.21 ? 1   GLU A CD  1 
ATOM   8    O  OE1 . GLU A 1 13  ? 16.970  -2.145  -10.879 1.00 48.27 ? 1   GLU A OE1 1 
ATOM   9    O  OE2 . GLU A 1 13  ? 15.230  -1.756  -12.172 1.00 49.54 ? 1   GLU A OE2 1 
ATOM   10   N  N   . GLU A 1 14  ? 12.185  -5.266  -12.321 1.00 37.17 ? 2   GLU A N   1 
ATOM   11   C  CA  . GLU A 1 14  ? 11.078  -5.323  -11.381 1.00 31.15 ? 2   GLU A CA  1 
ATOM   12   C  C   . GLU A 1 14  ? 11.435  -6.341  -10.324 1.00 29.85 ? 2   GLU A C   1 
ATOM   13   O  O   . GLU A 1 14  ? 12.103  -7.338  -10.596 1.00 30.17 ? 2   GLU A O   1 
ATOM   14   C  CB  . GLU A 1 14  ? 9.792   -5.712  -12.090 1.00 32.93 ? 2   GLU A CB  1 
ATOM   15   C  CG  . GLU A 1 14  ? 9.397   -4.709  -13.179 1.00 34.61 ? 2   GLU A CG  1 
ATOM   16   C  CD  . GLU A 1 14  ? 7.969   -4.887  -13.643 1.00 36.15 ? 2   GLU A CD  1 
ATOM   17   O  OE1 . GLU A 1 14  ? 7.309   -5.850  -13.183 1.00 35.19 ? 2   GLU A OE1 1 
ATOM   18   O  OE2 . GLU A 1 14  ? 7.512   -4.057  -14.464 1.00 33.84 ? 2   GLU A OE2 1 
ATOM   19   N  N   . ALA A 1 15  ? 11.013  -6.082  -9.106  1.00 21.07 ? 3   ALA A N   1 
ATOM   20   C  CA  . ALA A 1 15  ? 11.346  -6.982  -8.036  1.00 23.30 ? 3   ALA A CA  1 
ATOM   21   C  C   . ALA A 1 15  ? 10.190  -7.126  -7.069  1.00 23.10 ? 3   ALA A C   1 
ATOM   22   O  O   . ALA A 1 15  ? 9.180   -6.429  -7.166  1.00 20.23 ? 3   ALA A O   1 
ATOM   23   C  CB  . ALA A 1 15  ? 12.567  -6.460  -7.303  1.00 25.00 ? 3   ALA A CB  1 
ATOM   24   N  N   . SER A 1 16  ? 10.374  -8.056  -6.145  1.00 19.97 ? 4   SER A N   1 
ATOM   25   C  CA  . SER A 1 16  ? 9.435   -8.351  -5.094  1.00 20.32 ? 4   SER A CA  1 
ATOM   26   C  C   . SER A 1 16  ? 10.264  -8.238  -3.821  1.00 20.09 ? 4   SER A C   1 
ATOM   27   O  O   . SER A 1 16  ? 11.450  -8.613  -3.818  1.00 16.38 ? 4   SER A O   1 
ATOM   28   C  CB  . SER A 1 16  ? 8.900   -9.774  -5.252  1.00 21.76 ? 4   SER A CB  1 
ATOM   29   O  OG  . SER A 1 16  ? 8.374   -10.197 -4.005  1.00 32.08 ? 4   SER A OG  1 
ATOM   30   N  N   . SER A 1 17  ? 9.672   -7.703  -2.758  1.00 16.65 ? 5   SER A N   1 
ATOM   31   C  CA  . SER A 1 17  ? 10.399  -7.536  -1.497  1.00 18.58 ? 5   SER A CA  1 
ATOM   32   C  C   . SER A 1 17  ? 10.875  -8.880  -0.896  1.00 20.12 ? 5   SER A C   1 
ATOM   33   O  O   . SER A 1 17  ? 11.793  -8.914  -0.081  1.00 19.12 ? 5   SER A O   1 
ATOM   34   C  CB  . SER A 1 17  ? 9.523   -6.801  -0.464  1.00 10.81 ? 5   SER A CB  1 
ATOM   35   O  OG  . SER A 1 17  ? 8.411   -7.596  -0.076  1.00 12.72 ? 5   SER A OG  1 
ATOM   36   N  N   . THR A 1 18  ? 10.236  -9.969  -1.299  1.00 20.29 ? 6   THR A N   1 
ATOM   37   C  CA  . THR A 1 18  ? 10.569  -11.292 -0.797  1.00 22.87 ? 6   THR A CA  1 
ATOM   38   C  C   . THR A 1 18  ? 11.576  -11.968 -1.732  1.00 26.21 ? 6   THR A C   1 
ATOM   39   O  O   . THR A 1 18  ? 12.075  -13.052 -1.438  1.00 25.74 ? 6   THR A O   1 
ATOM   40   C  CB  . THR A 1 18  ? 9.288   -12.166 -0.681  1.00 23.77 ? 6   THR A CB  1 
ATOM   41   O  OG1 . THR A 1 18  ? 8.553   -12.082 -1.907  1.00 29.42 ? 6   THR A OG1 1 
ATOM   42   C  CG2 . THR A 1 18  ? 8.385   -11.674 0.438   1.00 22.58 ? 6   THR A CG2 1 
ATOM   43   N  N   . GLY A 1 19  ? 11.875  -11.315 -2.853  1.00 24.42 ? 7   GLY A N   1 
ATOM   44   C  CA  . GLY A 1 19  ? 12.832  -11.857 -3.807  1.00 26.68 ? 7   GLY A CA  1 
ATOM   45   C  C   . GLY A 1 19  ? 14.301  -11.603 -3.459  1.00 28.95 ? 7   GLY A C   1 
ATOM   46   O  O   . GLY A 1 19  ? 14.657  -10.691 -2.697  1.00 24.98 ? 7   GLY A O   1 
ATOM   47   N  N   . ARG A 1 20  ? 15.170  -12.402 -4.065  1.00 32.45 ? 8   ARG A N   1 
ATOM   48   C  CA  . ARG A 1 20  ? 16.607  -12.314 -3.827  1.00 34.26 ? 8   ARG A CA  1 
ATOM   49   C  C   . ARG A 1 20  ? 17.269  -11.006 -4.220  1.00 31.79 ? 8   ARG A C   1 
ATOM   50   O  O   . ARG A 1 20  ? 18.092  -10.478 -3.479  1.00 33.87 ? 8   ARG A O   1 
ATOM   51   C  CB  . ARG A 1 20  ? 17.322  -13.456 -4.545  1.00 37.85 ? 8   ARG A CB  1 
ATOM   52   C  CG  . ARG A 1 20  ? 18.202  -14.259 -3.612  1.00 43.28 ? 8   ARG A CG  1 
ATOM   53   C  CD  . ARG A 1 20  ? 17.363  -14.807 -2.462  1.00 47.41 ? 8   ARG A CD  1 
ATOM   54   N  NE  . ARG A 1 20  ? 18.178  -15.547 -1.507  1.00 51.99 ? 8   ARG A NE  1 
ATOM   55   C  CZ  . ARG A 1 20  ? 18.954  -16.578 -1.829  1.00 53.64 ? 8   ARG A CZ  1 
ATOM   56   N  NH1 . ARG A 1 20  ? 19.026  -16.998 -3.092  1.00 52.82 ? 8   ARG A NH1 1 
ATOM   57   N  NH2 . ARG A 1 20  ? 19.658  -17.193 -0.884  1.00 54.85 ? 8   ARG A NH2 1 
ATOM   58   N  N   . ASN A 1 21  ? 16.910  -10.486 -5.382  1.00 27.58 ? 9   ASN A N   1 
ATOM   59   C  CA  . ASN A 1 21  ? 17.494  -9.247  -5.871  1.00 28.76 ? 9   ASN A CA  1 
ATOM   60   C  C   . ASN A 1 21  ? 16.760  -7.980  -5.390  1.00 29.02 ? 9   ASN A C   1 
ATOM   61   O  O   . ASN A 1 21  ? 16.895  -6.939  -6.034  1.00 30.04 ? 9   ASN A O   1 
ATOM   62   C  CB  . ASN A 1 21  ? 17.480  -9.241  -7.398  1.00 30.52 ? 9   ASN A CB  1 
ATOM   63   C  CG  . ASN A 1 21  ? 16.060  -9.320  -7.957  1.00 37.81 ? 9   ASN A CG  1 
ATOM   64   O  OD1 . ASN A 1 21  ? 15.743  -8.734  -8.996  1.00 42.39 ? 9   ASN A OD1 1 
ATOM   65   N  ND2 . ASN A 1 21  ? 15.193  -10.052 -7.257  1.00 38.41 ? 9   ASN A ND2 1 
ATOM   66   N  N   . PHE A 1 22  ? 15.989  -8.045  -4.298  1.00 22.86 ? 10  PHE A N   1 
ATOM   67   C  CA  . PHE A 1 22  ? 15.272  -6.843  -3.828  1.00 19.23 ? 10  PHE A CA  1 
ATOM   68   C  C   . PHE A 1 22  ? 16.215  -5.807  -3.232  1.00 19.29 ? 10  PHE A C   1 
ATOM   69   O  O   . PHE A 1 22  ? 17.051  -6.137  -2.402  1.00 18.01 ? 10  PHE A O   1 
ATOM   70   C  CB  . PHE A 1 22  ? 14.221  -7.188  -2.758  1.00 16.26 ? 10  PHE A CB  1 
ATOM   71   C  CG  . PHE A 1 22  ? 13.358  -6.008  -2.335  1.00 15.30 ? 10  PHE A CG  1 
ATOM   72   C  CD1 . PHE A 1 22  ? 12.614  -5.299  -3.274  1.00 13.99 ? 10  PHE A CD1 1 
ATOM   73   C  CD2 . PHE A 1 22  ? 13.254  -5.648  -0.997  1.00 13.99 ? 10  PHE A CD2 1 
ATOM   74   C  CE1 . PHE A 1 22  ? 11.774  -4.244  -2.877  1.00 18.42 ? 10  PHE A CE1 1 
ATOM   75   C  CE2 . PHE A 1 22  ? 12.421  -4.600  -0.589  1.00 17.39 ? 10  PHE A CE2 1 
ATOM   76   C  CZ  . PHE A 1 22  ? 11.682  -3.897  -1.530  1.00 15.89 ? 10  PHE A CZ  1 
ATOM   77   N  N   . ASN A 1 23  ? 16.064  -4.551  -3.638  1.00 16.54 ? 11  ASN A N   1 
ATOM   78   C  CA  . ASN A 1 23  ? 16.900  -3.479  -3.103  1.00 19.76 ? 11  ASN A CA  1 
ATOM   79   C  C   . ASN A 1 23  ? 15.999  -2.462  -2.405  1.00 19.11 ? 11  ASN A C   1 
ATOM   80   O  O   . ASN A 1 23  ? 15.538  -1.483  -3.001  1.00 20.54 ? 11  ASN A O   1 
ATOM   81   C  CB  . ASN A 1 23  ? 17.673  -2.812  -4.229  1.00 22.70 ? 11  ASN A CB  1 
ATOM   82   C  CG  . ASN A 1 23  ? 18.678  -1.826  -3.713  1.00 25.65 ? 11  ASN A CG  1 
ATOM   83   O  OD1 . ASN A 1 23  ? 19.467  -1.272  -4.481  1.00 29.97 ? 11  ASN A OD1 1 
ATOM   84   N  ND2 . ASN A 1 23  ? 18.662  -1.598  -2.398  1.00 24.84 ? 11  ASN A ND2 1 
ATOM   85   N  N   . VAL A 1 24  ? 15.747  -2.699  -1.132  1.00 20.30 ? 12  VAL A N   1 
ATOM   86   C  CA  . VAL A 1 24  ? 14.831  -1.868  -0.367  1.00 19.77 ? 12  VAL A CA  1 
ATOM   87   C  C   . VAL A 1 24  ? 15.105  -0.366  -0.408  1.00 21.58 ? 12  VAL A C   1 
ATOM   88   O  O   . VAL A 1 24  ? 14.174  0.455   -0.331  1.00 19.30 ? 12  VAL A O   1 
ATOM   89   C  CB  . VAL A 1 24  ? 14.753  -2.383  1.104   1.00 20.23 ? 12  VAL A CB  1 
ATOM   90   C  CG1 . VAL A 1 24  ? 16.126  -2.277  1.765   1.00 22.20 ? 12  VAL A CG1 1 
ATOM   91   C  CG2 . VAL A 1 24  ? 13.664  -1.601  1.890   1.00 18.09 ? 12  VAL A CG2 1 
ATOM   92   N  N   . GLU A 1 25  ? 16.365  0.017   -0.560  1.00 19.23 ? 13  GLU A N   1 
ATOM   93   C  CA  . GLU A 1 25  ? 16.676  1.442   -0.590  1.00 19.29 ? 13  GLU A CA  1 
ATOM   94   C  C   . GLU A 1 25  ? 16.082  2.122   -1.792  1.00 14.47 ? 13  GLU A C   1 
ATOM   95   O  O   . GLU A 1 25  ? 15.861  3.329   -1.773  1.00 15.02 ? 13  GLU A O   1 
ATOM   96   C  CB  . GLU A 1 25  ? 18.174  1.701   -0.644  1.00 21.58 ? 13  GLU A CB  1 
ATOM   97   C  CG  . GLU A 1 25  ? 18.936  1.200   0.535   1.00 27.88 ? 13  GLU A CG  1 
ATOM   98   C  CD  . GLU A 1 25  ? 20.406  1.455   0.329   1.00 28.18 ? 13  GLU A CD  1 
ATOM   99   O  OE1 . GLU A 1 25  ? 20.818  1.503   -0.852  1.00 26.09 ? 13  GLU A OE1 1 
ATOM   100  O  OE2 . GLU A 1 25  ? 21.142  1.605   1.326   1.00 37.09 ? 13  GLU A OE2 1 
ATOM   101  N  N   . LYS A 1 26  ? 15.846  1.370   -2.855  1.00 14.34 ? 14  LYS A N   1 
ATOM   102  C  CA  . LYS A 1 26  ? 15.273  1.990   -4.034  1.00 13.48 ? 14  LYS A CA  1 
ATOM   103  C  C   . LYS A 1 26  ? 13.779  2.327   -3.918  1.00 15.87 ? 14  LYS A C   1 
ATOM   104  O  O   . LYS A 1 26  ? 13.209  2.927   -4.833  1.00 14.92 ? 14  LYS A O   1 
ATOM   105  C  CB  . LYS A 1 26  ? 15.579  1.132   -5.255  1.00 14.65 ? 14  LYS A CB  1 
ATOM   106  C  CG  . LYS A 1 26  ? 17.088  1.074   -5.506  1.00 25.82 ? 14  LYS A CG  1 
ATOM   107  C  CD  . LYS A 1 26  ? 17.511  0.089   -6.571  1.00 24.30 ? 14  LYS A CD  1 
ATOM   108  C  CE  . LYS A 1 26  ? 17.518  0.720   -7.937  1.00 32.18 ? 14  LYS A CE  1 
ATOM   109  N  NZ  . LYS A 1 26  ? 18.006  -0.272  -8.949  1.00 39.95 ? 14  LYS A NZ  1 
ATOM   110  N  N   . ILE A 1 27  ? 13.129  1.975   -2.805  1.00 12.54 ? 15  ILE A N   1 
ATOM   111  C  CA  . ILE A 1 27  ? 11.710  2.354   -2.685  1.00 9.58  ? 15  ILE A CA  1 
ATOM   112  C  C   . ILE A 1 27  ? 11.633  3.553   -1.758  1.00 12.47 ? 15  ILE A C   1 
ATOM   113  O  O   . ILE A 1 27  ? 10.551  3.985   -1.358  1.00 14.19 ? 15  ILE A O   1 
ATOM   114  C  CB  . ILE A 1 27  ? 10.794  1.228   -2.122  1.00 6.88  ? 15  ILE A CB  1 
ATOM   115  C  CG1 . ILE A 1 27  ? 11.140  0.937   -0.656  1.00 12.96 ? 15  ILE A CG1 1 
ATOM   116  C  CG2 . ILE A 1 27  ? 10.926  -0.015  -2.963  1.00 6.91  ? 15  ILE A CG2 1 
ATOM   117  C  CD1 . ILE A 1 27  ? 10.131  -0.035  0.015   1.00 9.79  ? 15  ILE A CD1 1 
ATOM   118  N  N   . ASN A 1 28  ? 12.796  4.089   -1.404  1.00 12.02 ? 16  ASN A N   1 
ATOM   119  C  CA  . ASN A 1 28  ? 12.842  5.271   -0.550  1.00 12.12 ? 16  ASN A CA  1 
ATOM   120  C  C   . ASN A 1 28  ? 12.229  6.465   -1.305  1.00 14.93 ? 16  ASN A C   1 
ATOM   121  O  O   . ASN A 1 28  ? 12.245  6.500   -2.532  1.00 12.71 ? 16  ASN A O   1 
ATOM   122  C  CB  . ASN A 1 28  ? 14.302  5.600   -0.200  1.00 14.13 ? 16  ASN A CB  1 
ATOM   123  C  CG  . ASN A 1 28  ? 14.426  6.766   0.784   1.00 18.12 ? 16  ASN A CG  1 
ATOM   124  O  OD1 . ASN A 1 28  ? 14.135  6.604   1.957   1.00 16.54 ? 16  ASN A OD1 1 
ATOM   125  N  ND2 . ASN A 1 28  ? 14.856  7.948   0.299   1.00 12.68 ? 16  ASN A ND2 1 
ATOM   126  N  N   . GLY A 1 29  ? 11.647  7.411   -0.570  1.00 12.11 ? 17  GLY A N   1 
ATOM   127  C  CA  . GLY A 1 29  ? 11.135  8.611   -1.210  1.00 11.43 ? 17  GLY A CA  1 
ATOM   128  C  C   . GLY A 1 29  ? 9.660   8.874   -1.419  1.00 13.71 ? 17  GLY A C   1 
ATOM   129  O  O   . GLY A 1 29  ? 8.786   8.332   -0.738  1.00 11.98 ? 17  GLY A O   1 
ATOM   130  N  N   . GLU A 1 30  ? 9.399   9.737   -2.393  1.00 12.64 ? 18  GLU A N   1 
ATOM   131  C  CA  . GLU A 1 30  ? 8.047   10.142  -2.749  1.00 9.31  ? 18  GLU A CA  1 
ATOM   132  C  C   . GLU A 1 30  ? 7.218   9.026   -3.365  1.00 10.73 ? 18  GLU A C   1 
ATOM   133  O  O   . GLU A 1 30  ? 7.689   8.314   -4.259  1.00 11.03 ? 18  GLU A O   1 
ATOM   134  C  CB  . GLU A 1 30  ? 8.109   11.324  -3.739  1.00 10.27 ? 18  GLU A CB  1 
ATOM   135  C  CG  . GLU A 1 30  ? 6.746   11.688  -4.367  1.00 8.11  ? 18  GLU A CG  1 
ATOM   136  C  CD  . GLU A 1 30  ? 6.846   12.752  -5.465  1.00 7.81  ? 18  GLU A CD  1 
ATOM   137  O  OE1 . GLU A 1 30  ? 7.954   13.049  -5.980  1.00 10.58 ? 18  GLU A OE1 1 
ATOM   138  O  OE2 . GLU A 1 30  ? 5.784   13.271  -5.829  1.00 7.88  ? 18  GLU A OE2 1 
ATOM   139  N  N   . TRP A 1 31  ? 5.979   8.902   -2.893  1.00 11.65 ? 19  TRP A N   1 
ATOM   140  C  CA  . TRP A 1 31  ? 5.000   7.935   -3.393  1.00 14.43 ? 19  TRP A CA  1 
ATOM   141  C  C   . TRP A 1 31  ? 3.609   8.546   -3.196  1.00 16.36 ? 19  TRP A C   1 
ATOM   142  O  O   . TRP A 1 31  ? 3.434   9.434   -2.361  1.00 18.61 ? 19  TRP A O   1 
ATOM   143  C  CB  . TRP A 1 31  ? 5.055   6.583   -2.624  1.00 13.20 ? 19  TRP A CB  1 
ATOM   144  C  CG  . TRP A 1 31  ? 6.250   5.744   -2.964  1.00 13.75 ? 19  TRP A CG  1 
ATOM   145  C  CD1 . TRP A 1 31  ? 7.369   5.565   -2.201  1.00 11.56 ? 19  TRP A CD1 1 
ATOM   146  C  CD2 . TRP A 1 31  ? 6.465   4.993   -4.176  1.00 8.44  ? 19  TRP A CD2 1 
ATOM   147  N  NE1 . TRP A 1 31  ? 8.267   4.753   -2.859  1.00 11.25 ? 19  TRP A NE1 1 
ATOM   148  C  CE2 . TRP A 1 31  ? 7.733   4.386   -4.071  1.00 10.42 ? 19  TRP A CE2 1 
ATOM   149  C  CE3 . TRP A 1 31  ? 5.708   4.785   -5.338  1.00 11.97 ? 19  TRP A CE3 1 
ATOM   150  C  CZ2 . TRP A 1 31  ? 8.264   3.574   -5.078  1.00 8.96  ? 19  TRP A CZ2 1 
ATOM   151  C  CZ3 . TRP A 1 31  ? 6.231   3.988   -6.346  1.00 6.41  ? 19  TRP A CZ3 1 
ATOM   152  C  CH2 . TRP A 1 31  ? 7.505   3.385   -6.209  1.00 8.85  ? 19  TRP A CH2 1 
ATOM   153  N  N   . HIS A 1 32  ? 2.633   8.074   -3.975  1.00 8.96  ? 20  HIS A N   1 
ATOM   154  C  CA  . HIS A 1 32  ? 1.260   8.544   -3.893  1.00 10.68 ? 20  HIS A CA  1 
ATOM   155  C  C   . HIS A 1 32  ? 0.339   7.331   -3.983  1.00 8.58  ? 20  HIS A C   1 
ATOM   156  O  O   . HIS A 1 32  ? 0.639   6.387   -4.708  1.00 9.10  ? 20  HIS A O   1 
ATOM   157  C  CB  . HIS A 1 32  ? 0.920   9.480   -5.072  1.00 10.69 ? 20  HIS A CB  1 
ATOM   158  C  CG  . HIS A 1 32  ? 1.776   10.707  -5.143  1.00 13.36 ? 20  HIS A CG  1 
ATOM   159  N  ND1 . HIS A 1 32  ? 1.454   11.882  -4.495  1.00 16.84 ? 20  HIS A ND1 1 
ATOM   160  C  CD2 . HIS A 1 32  ? 2.960   10.932  -5.760  1.00 13.47 ? 20  HIS A CD2 1 
ATOM   161  C  CE1 . HIS A 1 32  ? 2.402   12.778  -4.711  1.00 15.26 ? 20  HIS A CE1 1 
ATOM   162  N  NE2 . HIS A 1 32  ? 3.329   12.226  -5.473  1.00 16.59 ? 20  HIS A NE2 1 
ATOM   163  N  N   . THR A 1 33  ? -0.779  7.359   -3.257  1.00 9.88  ? 21  THR A N   1 
ATOM   164  C  CA  . THR A 1 33  ? -1.734  6.254   -3.339  1.00 10.91 ? 21  THR A CA  1 
ATOM   165  C  C   . THR A 1 33  ? -2.471  6.413   -4.665  1.00 9.75  ? 21  THR A C   1 
ATOM   166  O  O   . THR A 1 33  ? -3.091  7.444   -4.932  1.00 12.08 ? 21  THR A O   1 
ATOM   167  C  CB  . THR A 1 33  ? -2.778  6.293   -2.180  1.00 10.92 ? 21  THR A CB  1 
ATOM   168  O  OG1 . THR A 1 33  ? -2.110  6.011   -0.948  1.00 9.82  ? 21  THR A OG1 1 
ATOM   169  C  CG2 . THR A 1 33  ? -3.909  5.221   -2.402  1.00 7.25  ? 21  THR A CG2 1 
ATOM   170  N  N   . ILE A 1 34  ? -2.402  5.408   -5.517  1.00 10.28 ? 22  ILE A N   1 
ATOM   171  C  CA  . ILE A 1 34  ? -3.091  5.520   -6.799  1.00 8.70  ? 22  ILE A CA  1 
ATOM   172  C  C   . ILE A 1 34  ? -4.396  4.726   -6.769  1.00 7.29  ? 22  ILE A C   1 
ATOM   173  O  O   . ILE A 1 34  ? -5.452  5.229   -7.169  1.00 9.19  ? 22  ILE A O   1 
ATOM   174  C  CB  . ILE A 1 34  ? -2.213  5.000   -7.973  1.00 9.53  ? 22  ILE A CB  1 
ATOM   175  C  CG1 . ILE A 1 34  ? -0.870  5.743   -7.977  1.00 8.27  ? 22  ILE A CG1 1 
ATOM   176  C  CG2 . ILE A 1 34  ? -2.988  5.198   -9.342  1.00 6.80  ? 22  ILE A CG2 1 
ATOM   177  C  CD1 . ILE A 1 34  ? -1.006  7.300   -7.893  1.00 8.71  ? 22  ILE A CD1 1 
ATOM   178  N  N   . ILE A 1 35  ? -4.314  3.486   -6.292  1.00 7.87  ? 23  ILE A N   1 
ATOM   179  C  CA  . ILE A 1 35  ? -5.493  2.609   -6.192  1.00 8.42  ? 23  ILE A CA  1 
ATOM   180  C  C   . ILE A 1 35  ? -5.412  1.809   -4.891  1.00 9.52  ? 23  ILE A C   1 
ATOM   181  O  O   . ILE A 1 35  ? -4.322  1.462   -4.443  1.00 10.00 ? 23  ILE A O   1 
ATOM   182  C  CB  . ILE A 1 35  ? -5.511  1.594   -7.370  1.00 9.87  ? 23  ILE A CB  1 
ATOM   183  C  CG1 . ILE A 1 35  ? -5.539  2.350   -8.711  1.00 13.00 ? 23  ILE A CG1 1 
ATOM   184  C  CG2 . ILE A 1 35  ? -6.763  0.695   -7.297  1.00 13.09 ? 23  ILE A CG2 1 
ATOM   185  C  CD1 . ILE A 1 35  ? -5.493  1.437   -9.950  1.00 11.21 ? 23  ILE A CD1 1 
ATOM   186  N  N   . LEU A 1 36  ? -6.556  1.533   -4.275  1.00 8.86  ? 24  LEU A N   1 
ATOM   187  C  CA  . LEU A 1 36  ? -6.580  0.674   -3.085  1.00 12.35 ? 24  LEU A CA  1 
ATOM   188  C  C   . LEU A 1 36  ? -7.590  -0.429  -3.378  1.00 14.25 ? 24  LEU A C   1 
ATOM   189  O  O   . LEU A 1 36  ? -8.535  -0.221  -4.156  1.00 11.24 ? 24  LEU A O   1 
ATOM   190  C  CB  . LEU A 1 36  ? -6.997  1.446   -1.821  1.00 9.54  ? 24  LEU A CB  1 
ATOM   191  C  CG  . LEU A 1 36  ? -5.995  2.469   -1.266  1.00 11.43 ? 24  LEU A CG  1 
ATOM   192  C  CD1 . LEU A 1 36  ? -6.585  3.080   0.016   1.00 12.92 ? 24  LEU A CD1 1 
ATOM   193  C  CD2 . LEU A 1 36  ? -4.630  1.800   -0.980  1.00 9.67  ? 24  LEU A CD2 1 
ATOM   194  N  N   . ALA A 1 37  ? -7.390  -1.608  -2.782  1.00 11.91 ? 25  ALA A N   1 
ATOM   195  C  CA  . ALA A 1 37  ? -8.296  -2.721  -3.011  1.00 12.25 ? 25  ALA A CA  1 
ATOM   196  C  C   . ALA A 1 37  ? -8.371  -3.533  -1.754  1.00 13.09 ? 25  ALA A C   1 
ATOM   197  O  O   . ALA A 1 37  ? -7.401  -3.579  -0.994  1.00 13.48 ? 25  ALA A O   1 
ATOM   198  C  CB  . ALA A 1 37  ? -7.783  -3.583  -4.152  1.00 11.06 ? 25  ALA A CB  1 
ATOM   199  N  N   . SER A 1 38  ? -9.503  -4.196  -1.531  1.00 12.89 ? 26  SER A N   1 
ATOM   200  C  CA  . SER A 1 38  ? -9.623  -5.012  -0.327  1.00 13.06 ? 26  SER A CA  1 
ATOM   201  C  C   . SER A 1 38  ? -10.731 -6.036  -0.435  1.00 11.59 ? 26  SER A C   1 
ATOM   202  O  O   . SER A 1 38  ? -11.718 -5.785  -1.113  1.00 12.84 ? 26  SER A O   1 
ATOM   203  C  CB  . SER A 1 38  ? -9.926  -4.131  0.891   1.00 8.88  ? 26  SER A CB  1 
ATOM   204  O  OG  . SER A 1 38  ? -10.070 -4.976  2.012   1.00 14.42 ? 26  SER A OG  1 
ATOM   205  N  N   . ASP A 1 39  ? -10.588 -7.199  0.201   1.00 11.83 ? 27  ASP A N   1 
ATOM   206  C  CA  . ASP A 1 39  ? -11.727 -8.099  0.140   1.00 15.59 ? 27  ASP A CA  1 
ATOM   207  C  C   . ASP A 1 39  ? -12.791 -7.691  1.195   1.00 17.37 ? 27  ASP A C   1 
ATOM   208  O  O   . ASP A 1 39  ? -13.767 -8.396  1.369   1.00 19.19 ? 27  ASP A O   1 
ATOM   209  C  CB  . ASP A 1 39  ? -11.345 -9.599  0.218   1.00 15.97 ? 27  ASP A CB  1 
ATOM   210  C  CG  . ASP A 1 39  ? -10.417 -9.940  1.357   1.00 16.46 ? 27  ASP A CG  1 
ATOM   211  O  OD1 . ASP A 1 39  ? -10.187 -9.088  2.233   1.00 15.72 ? 27  ASP A OD1 1 
ATOM   212  O  OD2 . ASP A 1 39  ? -9.930  -11.098 1.367   1.00 21.21 ? 27  ASP A OD2 1 
ATOM   213  N  N   . LYS A 1 40  ? -12.576 -6.566  1.899   1.00 15.74 ? 28  LYS A N   1 
ATOM   214  C  CA  . LYS A 1 40  ? -13.578 -5.978  2.843   1.00 16.15 ? 28  LYS A CA  1 
ATOM   215  C  C   . LYS A 1 40  ? -13.647 -4.505  2.418   1.00 14.36 ? 28  LYS A C   1 
ATOM   216  O  O   . LYS A 1 40  ? -13.027 -3.625  3.039   1.00 16.51 ? 28  LYS A O   1 
ATOM   217  C  CB  . LYS A 1 40  ? -13.151 -6.038  4.320   1.00 17.84 ? 28  LYS A CB  1 
ATOM   218  C  CG  . LYS A 1 40  ? -13.595 -7.287  5.035   1.00 28.63 ? 28  LYS A CG  1 
ATOM   219  C  CD  . LYS A 1 40  ? -13.515 -7.152  6.562   1.00 29.03 ? 28  LYS A CD  1 
ATOM   220  C  CE  . LYS A 1 40  ? -13.785 -8.517  7.242   1.00 34.97 ? 28  LYS A CE  1 
ATOM   221  N  NZ  . LYS A 1 40  ? -13.414 -8.538  8.703   1.00 25.17 ? 28  LYS A NZ  1 
ATOM   222  N  N   . ARG A 1 41  ? -14.401 -4.242  1.361   1.00 15.98 ? 29  ARG A N   1 
ATOM   223  C  CA  . ARG A 1 41  ? -14.490 -2.900  0.775   1.00 18.00 ? 29  ARG A CA  1 
ATOM   224  C  C   . ARG A 1 41  ? -14.654 -1.702  1.714   1.00 17.59 ? 29  ARG A C   1 
ATOM   225  O  O   . ARG A 1 41  ? -14.048 -0.640  1.503   1.00 15.33 ? 29  ARG A O   1 
ATOM   226  C  CB  . ARG A 1 41  ? -15.599 -2.879  -0.294  1.00 17.36 ? 29  ARG A CB  1 
ATOM   227  C  CG  . ARG A 1 41  ? -15.392 -1.836  -1.425  1.00 15.77 ? 29  ARG A CG  1 
ATOM   228  C  CD  . ARG A 1 41  ? -16.439 -2.067  -2.523  1.00 16.92 ? 29  ARG A CD  1 
ATOM   229  N  NE  . ARG A 1 41  ? -16.192 -1.324  -3.762  1.00 15.85 ? 29  ARG A NE  1 
ATOM   230  C  CZ  . ARG A 1 41  ? -16.363 -0.017  -3.912  1.00 19.00 ? 29  ARG A CZ  1 
ATOM   231  N  NH1 . ARG A 1 41  ? -16.788 0.738   -2.895  1.00 22.95 ? 29  ARG A NH1 1 
ATOM   232  N  NH2 . ARG A 1 41  ? -16.110 0.533   -5.088  1.00 20.85 ? 29  ARG A NH2 1 
ATOM   233  N  N   . GLU A 1 42  ? -15.476 -1.852  2.743   1.00 15.85 ? 30  GLU A N   1 
ATOM   234  C  CA  . GLU A 1 42  ? -15.697 -0.760  3.680   1.00 15.87 ? 30  GLU A CA  1 
ATOM   235  C  C   . GLU A 1 42  ? -14.431 -0.183  4.297   1.00 17.38 ? 30  GLU A C   1 
ATOM   236  O  O   . GLU A 1 42  ? -14.412 1.002   4.657   1.00 15.84 ? 30  GLU A O   1 
ATOM   237  C  CB  . GLU A 1 42  ? -16.623 -1.213  4.805   1.00 19.82 ? 30  GLU A CB  1 
ATOM   238  C  CG  . GLU A 1 42  ? -16.045 -2.366  5.588   1.00 28.23 ? 30  GLU A CG  1 
ATOM   239  C  CD  . GLU A 1 42  ? -16.839 -2.680  6.834   1.00 40.94 ? 30  GLU A CD  1 
ATOM   240  O  OE1 . GLU A 1 42  ? -17.108 -1.738  7.629   1.00 46.76 ? 30  GLU A OE1 1 
ATOM   241  O  OE2 . GLU A 1 42  ? -17.187 -3.872  7.018   1.00 44.04 ? 30  GLU A OE2 1 
ATOM   242  N  N   . LYS A 1 43  ? -13.377 -0.995  4.424   1.00 12.84 ? 31  LYS A N   1 
ATOM   243  C  CA  . LYS A 1 43  ? -12.126 -0.523  5.028   1.00 12.40 ? 31  LYS A CA  1 
ATOM   244  C  C   . LYS A 1 43  ? -11.419 0.567   4.209   1.00 13.55 ? 31  LYS A C   1 
ATOM   245  O  O   . LYS A 1 43  ? -10.608 1.330   4.741   1.00 12.25 ? 31  LYS A O   1 
ATOM   246  C  CB  . LYS A 1 43  ? -11.155 -1.704  5.243   1.00 14.94 ? 31  LYS A CB  1 
ATOM   247  C  CG  . LYS A 1 43  ? -11.667 -2.792  6.230   1.00 18.01 ? 31  LYS A CG  1 
ATOM   248  C  CD  . LYS A 1 43  ? -11.682 -2.255  7.653   1.00 19.50 ? 31  LYS A CD  1 
ATOM   249  C  CE  . LYS A 1 43  ? -12.372 -3.202  8.625   1.00 26.84 ? 31  LYS A CE  1 
ATOM   250  N  NZ  . LYS A 1 43  ? -11.837 -4.570  8.486   1.00 29.87 ? 31  LYS A NZ  1 
ATOM   251  N  N   . ILE A 1 44  ? -11.737 0.655   2.922   1.00 14.41 ? 32  ILE A N   1 
ATOM   252  C  CA  . ILE A 1 44  ? -11.100 1.645   2.053   1.00 13.76 ? 32  ILE A CA  1 
ATOM   253  C  C   . ILE A 1 44  ? -12.102 2.624   1.432   1.00 17.45 ? 32  ILE A C   1 
ATOM   254  O  O   . ILE A 1 44  ? -11.749 3.434   0.562   1.00 16.24 ? 32  ILE A O   1 
ATOM   255  C  CB  . ILE A 1 44  ? -10.290 0.947   0.925   1.00 12.60 ? 32  ILE A CB  1 
ATOM   256  C  CG1 . ILE A 1 44  ? -11.188 -0.026  0.146   1.00 14.05 ? 32  ILE A CG1 1 
ATOM   257  C  CG2 . ILE A 1 44  ? -9.097  0.154   1.543   1.00 13.20 ? 32  ILE A CG2 1 
ATOM   258  C  CD1 . ILE A 1 44  ? -10.610 -0.428  -1.223  1.00 9.67  ? 32  ILE A CD1 1 
ATOM   259  N  N   . GLU A 1 45  ? -13.351 2.554   1.873   1.00 16.83 ? 33  GLU A N   1 
ATOM   260  C  CA  . GLU A 1 45  ? -14.363 3.467   1.352   1.00 19.93 ? 33  GLU A CA  1 
ATOM   261  C  C   . GLU A 1 45  ? -14.187 4.781   2.079   1.00 21.00 ? 33  GLU A C   1 
ATOM   262  O  O   . GLU A 1 45  ? -13.313 4.887   2.949   1.00 13.28 ? 33  GLU A O   1 
ATOM   263  C  CB  . GLU A 1 45  ? -15.767 2.889   1.544   1.00 18.36 ? 33  GLU A CB  1 
ATOM   264  C  CG  . GLU A 1 45  ? -16.068 1.851   0.476   1.00 20.88 ? 33  GLU A CG  1 
ATOM   265  C  CD  . GLU A 1 45  ? -17.357 1.093   0.706   1.00 26.37 ? 33  GLU A CD  1 
ATOM   266  O  OE1 . GLU A 1 45  ? -17.880 1.095   1.844   1.00 25.60 ? 33  GLU A OE1 1 
ATOM   267  O  OE2 . GLU A 1 45  ? -17.837 0.476   -0.265  1.00 30.46 ? 33  GLU A OE2 1 
ATOM   268  N  N   . ASP A 1 46  ? -15.006 5.768   1.719   1.00 23.91 ? 34  ASP A N   1 
ATOM   269  C  CA  . ASP A 1 46  ? -14.928 7.112   2.295   1.00 27.57 ? 34  ASP A CA  1 
ATOM   270  C  C   . ASP A 1 46  ? -14.439 7.278   3.717   1.00 30.14 ? 34  ASP A C   1 
ATOM   271  O  O   . ASP A 1 46  ? -13.509 8.061   3.959   1.00 32.68 ? 34  ASP A O   1 
ATOM   272  C  CB  . ASP A 1 46  ? -16.261 7.841   2.156   1.00 32.07 ? 34  ASP A CB  1 
ATOM   273  C  CG  . ASP A 1 46  ? -16.317 8.692   0.912   1.00 37.18 ? 34  ASP A CG  1 
ATOM   274  O  OD1 . ASP A 1 46  ? -15.927 8.186   -0.161  1.00 39.79 ? 34  ASP A OD1 1 
ATOM   275  O  OD2 . ASP A 1 46  ? -16.751 9.865   1.006   1.00 46.08 ? 34  ASP A OD2 1 
ATOM   276  N  N   . ASN A 1 47  ? -15.047 6.603   4.683   1.00 24.77 ? 35  ASN A N   1 
ATOM   277  C  CA  . ASN A 1 47  ? -14.519 6.803   6.028   1.00 31.01 ? 35  ASN A CA  1 
ATOM   278  C  C   . ASN A 1 47  ? -13.857 5.550   6.603   1.00 28.50 ? 35  ASN A C   1 
ATOM   279  O  O   . ASN A 1 47  ? -13.935 5.292   7.800   1.00 30.79 ? 35  ASN A O   1 
ATOM   280  C  CB  . ASN A 1 47  ? -15.613 7.334   6.971   1.00 33.64 ? 35  ASN A CB  1 
ATOM   281  C  CG  . ASN A 1 47  ? -16.138 8.717   6.544   1.00 42.32 ? 35  ASN A CG  1 
ATOM   282  O  OD1 . ASN A 1 47  ? -17.184 8.826   5.879   1.00 42.36 ? 35  ASN A OD1 1 
ATOM   283  N  ND2 . ASN A 1 47  ? -15.401 9.776   6.912   1.00 39.66 ? 35  ASN A ND2 1 
ATOM   284  N  N   . GLY A 1 48  ? -13.191 4.778   5.745   1.00 24.66 ? 36  GLY A N   1 
ATOM   285  C  CA  . GLY A 1 48  ? -12.525 3.582   6.228   1.00 20.09 ? 36  GLY A CA  1 
ATOM   286  C  C   . GLY A 1 48  ? -11.173 3.961   6.803   1.00 18.76 ? 36  GLY A C   1 
ATOM   287  O  O   . GLY A 1 48  ? -10.550 4.920   6.334   1.00 17.18 ? 36  GLY A O   1 
ATOM   288  N  N   . ASN A 1 49  ? -10.697 3.213   7.796   1.00 17.25 ? 37  ASN A N   1 
ATOM   289  C  CA  . ASN A 1 49  ? -9.406  3.510   8.420   1.00 15.06 ? 37  ASN A CA  1 
ATOM   290  C  C   . ASN A 1 49  ? -8.239  3.187   7.493   1.00 16.83 ? 37  ASN A C   1 
ATOM   291  O  O   . ASN A 1 49  ? -7.119  3.619   7.742   1.00 17.68 ? 37  ASN A O   1 
ATOM   292  C  CB  . ASN A 1 49  ? -9.243  2.701   9.721   1.00 20.61 ? 37  ASN A CB  1 
ATOM   293  C  CG  . ASN A 1 49  ? -10.179 3.176   10.841  1.00 25.68 ? 37  ASN A CG  1 
ATOM   294  O  OD1 . ASN A 1 49  ? -10.451 2.437   11.787  1.00 27.88 ? 37  ASN A OD1 1 
ATOM   295  N  ND2 . ASN A 1 49  ? -10.663 4.411   10.735  1.00 25.50 ? 37  ASN A ND2 1 
ATOM   296  N  N   . PHE A 1 50  ? -8.490  2.419   6.433   1.00 13.26 ? 38  PHE A N   1 
ATOM   297  C  CA  . PHE A 1 50  ? -7.407  2.060   5.529   1.00 16.75 ? 38  PHE A CA  1 
ATOM   298  C  C   . PHE A 1 50  ? -7.351  2.834   4.223   1.00 12.97 ? 38  PHE A C   1 
ATOM   299  O  O   . PHE A 1 50  ? -6.589  2.492   3.334   1.00 13.78 ? 38  PHE A O   1 
ATOM   300  C  CB  . PHE A 1 50  ? -7.399  0.548   5.280   1.00 13.24 ? 38  PHE A CB  1 
ATOM   301  C  CG  . PHE A 1 50  ? -7.062  -0.243  6.528   1.00 19.05 ? 38  PHE A CG  1 
ATOM   302  C  CD1 . PHE A 1 50  ? -7.984  -0.328  7.585   1.00 19.44 ? 38  PHE A CD1 1 
ATOM   303  C  CD2 . PHE A 1 50  ? -5.805  -0.792  6.697   1.00 15.82 ? 38  PHE A CD2 1 
ATOM   304  C  CE1 . PHE A 1 50  ? -7.642  -0.938  8.781   1.00 17.20 ? 38  PHE A CE1 1 
ATOM   305  C  CE2 . PHE A 1 50  ? -5.449  -1.411  7.894   1.00 18.14 ? 38  PHE A CE2 1 
ATOM   306  C  CZ  . PHE A 1 50  ? -6.373  -1.482  8.940   1.00 15.41 ? 38  PHE A CZ  1 
ATOM   307  N  N   . ARG A 1 51  ? -8.169  3.871   4.105   1.00 11.17 ? 39  ARG A N   1 
ATOM   308  C  CA  . ARG A 1 51  ? -8.133  4.710   2.917   1.00 12.50 ? 39  ARG A CA  1 
ATOM   309  C  C   . ARG A 1 51  ? -6.993  5.710   3.227   1.00 16.14 ? 39  ARG A C   1 
ATOM   310  O  O   . ARG A 1 51  ? -7.221  6.857   3.592   1.00 13.77 ? 39  ARG A O   1 
ATOM   311  C  CB  . ARG A 1 51  ? -9.469  5.435   2.711   1.00 10.92 ? 39  ARG A CB  1 
ATOM   312  C  CG  . ARG A 1 51  ? -9.361  6.546   1.660   1.00 17.46 ? 39  ARG A CG  1 
ATOM   313  C  CD  . ARG A 1 51  ? -10.682 7.200   1.364   1.00 20.79 ? 39  ARG A CD  1 
ATOM   314  N  NE  . ARG A 1 51  ? -11.454 6.274   0.575   1.00 30.99 ? 39  ARG A NE  1 
ATOM   315  C  CZ  . ARG A 1 51  ? -12.122 6.586   -0.523  1.00 27.46 ? 39  ARG A CZ  1 
ATOM   316  N  NH1 . ARG A 1 51  ? -12.127 7.835   -0.970  1.00 23.92 ? 39  ARG A NH1 1 
ATOM   317  N  NH2 . ARG A 1 51  ? -12.746 5.621   -1.189  1.00 23.12 ? 39  ARG A NH2 1 
ATOM   318  N  N   . LEU A 1 52  ? -5.756  5.241   3.114   1.00 12.78 ? 40  LEU A N   1 
ATOM   319  C  CA  . LEU A 1 52  ? -4.595  6.066   3.424   1.00 12.67 ? 40  LEU A CA  1 
ATOM   320  C  C   . LEU A 1 52  ? -3.879  6.554   2.173   1.00 13.85 ? 40  LEU A C   1 
ATOM   321  O  O   . LEU A 1 52  ? -3.606  5.773   1.253   1.00 10.53 ? 40  LEU A O   1 
ATOM   322  C  CB  . LEU A 1 52  ? -3.617  5.270   4.314   1.00 15.55 ? 40  LEU A CB  1 
ATOM   323  C  CG  . LEU A 1 52  ? -4.228  4.827   5.659   1.00 18.23 ? 40  LEU A CG  1 
ATOM   324  C  CD1 . LEU A 1 52  ? -3.185  4.115   6.508   1.00 20.13 ? 40  LEU A CD1 1 
ATOM   325  C  CD2 . LEU A 1 52  ? -4.775  6.051   6.412   1.00 17.57 ? 40  LEU A CD2 1 
ATOM   326  N  N   . PHE A 1 53  ? -3.580  7.849   2.140   1.00 12.05 ? 41  PHE A N   1 
ATOM   327  C  CA  . PHE A 1 53  ? -2.893  8.450   1.003   1.00 13.56 ? 41  PHE A CA  1 
ATOM   328  C  C   . PHE A 1 53  ? -1.413  8.548   1.334   1.00 16.97 ? 41  PHE A C   1 
ATOM   329  O  O   . PHE A 1 53  ? -0.990  9.412   2.097   1.00 13.62 ? 41  PHE A O   1 
ATOM   330  C  CB  . PHE A 1 53  ? -3.489  9.826   0.703   1.00 14.50 ? 41  PHE A CB  1 
ATOM   331  C  CG  . PHE A 1 53  ? -4.930  9.761   0.282   1.00 15.31 ? 41  PHE A CG  1 
ATOM   332  C  CD1 . PHE A 1 53  ? -5.947  9.882   1.224   1.00 16.41 ? 41  PHE A CD1 1 
ATOM   333  C  CD2 . PHE A 1 53  ? -5.269  9.499   -1.048  1.00 15.07 ? 41  PHE A CD2 1 
ATOM   334  C  CE1 . PHE A 1 53  ? -7.280  9.742   0.859   1.00 17.43 ? 41  PHE A CE1 1 
ATOM   335  C  CE2 . PHE A 1 53  ? -6.600  9.359   -1.425  1.00 17.09 ? 41  PHE A CE2 1 
ATOM   336  C  CZ  . PHE A 1 53  ? -7.614  9.481   -0.462  1.00 16.32 ? 41  PHE A CZ  1 
ATOM   337  N  N   . LEU A 1 54  ? -0.629  7.635   0.772   1.00 11.46 ? 42  LEU A N   1 
ATOM   338  C  CA  . LEU A 1 54  ? 0.775   7.616   1.051   1.00 15.47 ? 42  LEU A CA  1 
ATOM   339  C  C   . LEU A 1 54  ? 1.452   8.891   0.518   1.00 17.42 ? 42  LEU A C   1 
ATOM   340  O  O   . LEU A 1 54  ? 1.061   9.437   -0.528  1.00 15.87 ? 42  LEU A O   1 
ATOM   341  C  CB  . LEU A 1 54  ? 1.405   6.358   0.420   1.00 14.67 ? 42  LEU A CB  1 
ATOM   342  C  CG  . LEU A 1 54  ? 2.868   6.065   0.754   1.00 15.00 ? 42  LEU A CG  1 
ATOM   343  C  CD1 . LEU A 1 54  ? 2.989   5.922   2.268   1.00 15.89 ? 42  LEU A CD1 1 
ATOM   344  C  CD2 . LEU A 1 54  ? 3.339   4.780   0.057   1.00 10.49 ? 42  LEU A CD2 1 
ATOM   345  N  N   . GLU A 1 55  ? 2.453   9.375   1.246   1.00 11.54 ? 43  GLU A N   1 
ATOM   346  C  CA  . GLU A 1 55  ? 3.187   10.570  0.812   1.00 15.39 ? 43  GLU A CA  1 
ATOM   347  C  C   . GLU A 1 55  ? 4.662   10.252  0.642   1.00 14.29 ? 43  GLU A C   1 
ATOM   348  O  O   . GLU A 1 55  ? 5.305   10.742  -0.291  1.00 12.36 ? 43  GLU A O   1 
ATOM   349  C  CB  . GLU A 1 55  ? 2.990   11.705  1.810   1.00 16.57 ? 43  GLU A CB  1 
ATOM   350  C  CG  . GLU A 1 55  ? 1.521   12.130  1.866   1.00 23.83 ? 43  GLU A CG  1 
ATOM   351  C  CD  . GLU A 1 55  ? 1.253   13.163  2.944   1.00 27.53 ? 43  GLU A CD  1 
ATOM   352  O  OE1 . GLU A 1 55  ? 2.229   13.610  3.578   1.00 29.86 ? 43  GLU A OE1 1 
ATOM   353  O  OE2 . GLU A 1 55  ? 0.071   13.524  3.152   1.00 26.92 ? 43  GLU A OE2 1 
ATOM   354  N  N   . GLN A 1 56  ? 5.203   9.436   1.545   1.00 13.53 ? 44  GLN A N   1 
ATOM   355  C  CA  . GLN A 1 56  ? 6.593   9.024   1.407   1.00 18.30 ? 44  GLN A CA  1 
ATOM   356  C  C   . GLN A 1 56  ? 6.990   7.852   2.259   1.00 17.06 ? 44  GLN A C   1 
ATOM   357  O  O   . GLN A 1 56  ? 6.332   7.513   3.250   1.00 14.25 ? 44  GLN A O   1 
ATOM   358  C  CB  . GLN A 1 56  ? 7.553   10.183  1.673   1.00 25.86 ? 44  GLN A CB  1 
ATOM   359  C  CG  . GLN A 1 56  ? 7.474   10.790  3.025   1.00 28.15 ? 44  GLN A CG  1 
ATOM   360  C  CD  . GLN A 1 56  ? 8.409   11.987  3.150   1.00 39.07 ? 44  GLN A CD  1 
ATOM   361  O  OE1 . GLN A 1 56  ? 9.631   11.837  3.095   1.00 43.62 ? 44  GLN A OE1 1 
ATOM   362  N  NE2 . GLN A 1 56  ? 7.838   13.182  3.311   1.00 37.54 ? 44  GLN A NE2 1 
ATOM   363  N  N   . ILE A 1 57  ? 8.079   7.225   1.847   1.00 14.97 ? 45  ILE A N   1 
ATOM   364  C  CA  . ILE A 1 57  ? 8.613   6.074   2.534   1.00 13.93 ? 45  ILE A CA  1 
ATOM   365  C  C   . ILE A 1 57  ? 10.042  6.404   2.924   1.00 20.59 ? 45  ILE A C   1 
ATOM   366  O  O   . ILE A 1 57  ? 10.840  6.836   2.089   1.00 18.27 ? 45  ILE A O   1 
ATOM   367  C  CB  . ILE A 1 57  ? 8.645   4.835   1.608   1.00 15.25 ? 45  ILE A CB  1 
ATOM   368  C  CG1 . ILE A 1 57  ? 7.214   4.465   1.200   1.00 12.06 ? 45  ILE A CG1 1 
ATOM   369  C  CG2 . ILE A 1 57  ? 9.333   3.640   2.321   1.00 12.93 ? 45  ILE A CG2 1 
ATOM   370  C  CD1 . ILE A 1 57  ? 7.147   3.216   0.295   1.00 8.96  ? 45  ILE A CD1 1 
ATOM   371  N  N   . HIS A 1 58  ? 10.380  6.252   4.195   1.00 19.20 ? 46  HIS A N   1 
ATOM   372  C  CA  . HIS A 1 58  ? 11.760  6.496   4.533   1.00 19.86 ? 46  HIS A CA  1 
ATOM   373  C  C   . HIS A 1 58  ? 12.362  5.178   4.927   1.00 19.91 ? 46  HIS A C   1 
ATOM   374  O  O   . HIS A 1 58  ? 11.934  4.550   5.891   1.00 19.03 ? 46  HIS A O   1 
ATOM   375  C  CB  . HIS A 1 58  ? 11.895  7.518   5.644   1.00 25.49 ? 46  HIS A CB  1 
ATOM   376  C  CG  . HIS A 1 58  ? 13.039  8.444   5.421   1.00 34.14 ? 46  HIS A CG  1 
ATOM   377  N  ND1 . HIS A 1 58  ? 12.993  9.455   4.479   1.00 38.22 ? 46  HIS A ND1 1 
ATOM   378  C  CD2 . HIS A 1 58  ? 14.303  8.439   5.911   1.00 32.50 ? 46  HIS A CD2 1 
ATOM   379  C  CE1 . HIS A 1 58  ? 14.179  10.030  4.399   1.00 30.35 ? 46  HIS A CE1 1 
ATOM   380  N  NE2 . HIS A 1 58  ? 14.990  9.433   5.255   1.00 30.87 ? 46  HIS A NE2 1 
ATOM   381  N  N   . VAL A 1 59  ? 13.335  4.728   4.149   1.00 16.87 ? 47  VAL A N   1 
ATOM   382  C  CA  . VAL A 1 59  ? 13.959  3.450   4.424   1.00 17.03 ? 47  VAL A CA  1 
ATOM   383  C  C   . VAL A 1 59  ? 15.059  3.549   5.455   1.00 20.85 ? 47  VAL A C   1 
ATOM   384  O  O   . VAL A 1 59  ? 16.008  4.317   5.306   1.00 20.37 ? 47  VAL A O   1 
ATOM   385  C  CB  . VAL A 1 59  ? 14.527  2.831   3.138   1.00 19.03 ? 47  VAL A CB  1 
ATOM   386  C  CG1 . VAL A 1 59  ? 15.196  1.470   3.437   1.00 18.51 ? 47  VAL A CG1 1 
ATOM   387  C  CG2 . VAL A 1 59  ? 13.396  2.677   2.130   1.00 14.31 ? 47  VAL A CG2 1 
ATOM   388  N  N   . LEU A 1 60  ? 14.903  2.780   6.522   1.00 22.91 ? 48  LEU A N   1 
ATOM   389  C  CA  . LEU A 1 60  ? 15.891  2.752   7.585   1.00 26.50 ? 48  LEU A CA  1 
ATOM   390  C  C   . LEU A 1 60  ? 16.500  1.375   7.612   1.00 26.36 ? 48  LEU A C   1 
ATOM   391  O  O   . LEU A 1 60  ? 16.119  0.499   6.845   1.00 24.38 ? 48  LEU A O   1 
ATOM   392  C  CB  . LEU A 1 60  ? 15.258  3.059   8.944   1.00 20.70 ? 48  LEU A CB  1 
ATOM   393  C  CG  . LEU A 1 60  ? 14.720  4.476   9.056   1.00 26.37 ? 48  LEU A CG  1 
ATOM   394  C  CD1 . LEU A 1 60  ? 14.256  4.713   10.484  1.00 27.52 ? 48  LEU A CD1 1 
ATOM   395  C  CD2 . LEU A 1 60  ? 15.820  5.482   8.677   1.00 27.48 ? 48  LEU A CD2 1 
ATOM   396  N  N   . GLU A 1 61  ? 17.425  1.185   8.539   1.00 30.99 ? 49  GLU A N   1 
ATOM   397  C  CA  . GLU A 1 61  ? 18.139  -0.068  8.685   1.00 29.21 ? 49  GLU A CA  1 
ATOM   398  C  C   . GLU A 1 61  ? 17.228  -1.286  8.810   1.00 25.57 ? 49  GLU A C   1 
ATOM   399  O  O   . GLU A 1 61  ? 17.367  -2.235  8.043   1.00 24.40 ? 49  GLU A O   1 
ATOM   400  C  CB  . GLU A 1 61  ? 19.045  0.045   9.901   1.00 33.32 ? 49  GLU A CB  1 
ATOM   401  C  CG  . GLU A 1 61  ? 20.155  -0.958  9.981   1.00 39.80 ? 49  GLU A CG  1 
ATOM   402  C  CD  . GLU A 1 61  ? 20.940  -0.775  11.262  1.00 44.06 ? 49  GLU A CD  1 
ATOM   403  O  OE1 . GLU A 1 61  ? 22.062  -1.318  11.366  1.00 48.71 ? 49  GLU A OE1 1 
ATOM   404  O  OE2 . GLU A 1 61  ? 20.412  -0.085  12.172  1.00 44.80 ? 49  GLU A OE2 1 
ATOM   405  N  N   . LYS A 1 62  ? 16.314  -1.281  9.783   1.00 22.24 ? 50  LYS A N   1 
ATOM   406  C  CA  . LYS A 1 62  ? 15.410  -2.425  9.944   1.00 26.95 ? 50  LYS A CA  1 
ATOM   407  C  C   . LYS A 1 62  ? 13.935  -2.028  10.029  1.00 26.17 ? 50  LYS A C   1 
ATOM   408  O  O   . LYS A 1 62  ? 13.128  -2.697  10.691  1.00 24.94 ? 50  LYS A O   1 
ATOM   409  C  CB  . LYS A 1 62  ? 15.808  -3.262  11.185  1.00 32.28 ? 50  LYS A CB  1 
ATOM   410  C  CG  . LYS A 1 62  ? 17.321  -3.508  11.288  1.00 36.14 ? 50  LYS A CG  1 
ATOM   411  C  CD  . LYS A 1 62  ? 17.685  -4.703  12.168  1.00 41.22 ? 50  LYS A CD  1 
ATOM   412  C  CE  . LYS A 1 62  ? 17.544  -6.026  11.398  1.00 43.59 ? 50  LYS A CE  1 
ATOM   413  N  NZ  . LYS A 1 62  ? 18.012  -7.203  12.200  1.00 45.16 ? 50  LYS A NZ  1 
ATOM   414  N  N   . SER A 1 63  ? 13.579  -0.936  9.360   1.00 22.73 ? 51  SER A N   1 
ATOM   415  C  CA  . SER A 1 63  ? 12.189  -0.489  9.363   1.00 25.19 ? 51  SER A CA  1 
ATOM   416  C  C   . SER A 1 63  ? 11.920  0.431   8.187   1.00 21.76 ? 51  SER A C   1 
ATOM   417  O  O   . SER A 1 63  ? 12.821  0.723   7.403   1.00 22.94 ? 51  SER A O   1 
ATOM   418  C  CB  . SER A 1 63  ? 11.867  0.259   10.666  1.00 21.55 ? 51  SER A CB  1 
ATOM   419  O  OG  . SER A 1 63  ? 12.689  1.404   10.802  1.00 25.90 ? 51  SER A OG  1 
ATOM   420  N  N   . LEU A 1 64  ? 10.665  0.854   8.061   1.00 18.72 ? 52  LEU A N   1 
ATOM   421  C  CA  . LEU A 1 64  ? 10.260  1.798   7.022   1.00 19.50 ? 52  LEU A CA  1 
ATOM   422  C  C   . LEU A 1 64  ? 9.404   2.806   7.742   1.00 18.30 ? 52  LEU A C   1 
ATOM   423  O  O   . LEU A 1 64  ? 8.541   2.430   8.535   1.00 19.20 ? 52  LEU A O   1 
ATOM   424  C  CB  . LEU A 1 64  ? 9.401   1.127   5.935   1.00 17.99 ? 52  LEU A CB  1 
ATOM   425  C  CG  . LEU A 1 64  ? 9.990   -0.063  5.185   1.00 18.72 ? 52  LEU A CG  1 
ATOM   426  C  CD1 . LEU A 1 64  ? 8.905   -0.657  4.286   1.00 19.36 ? 52  LEU A CD1 1 
ATOM   427  C  CD2 . LEU A 1 64  ? 11.219  0.380   4.350   1.00 13.08 ? 52  LEU A CD2 1 
ATOM   428  N  N   . VAL A 1 65  ? 9.634   4.089   7.512   1.00 15.40 ? 53  VAL A N   1 
ATOM   429  C  CA  . VAL A 1 65  ? 8.765   5.053   8.150   1.00 16.31 ? 53  VAL A CA  1 
ATOM   430  C  C   . VAL A 1 65  ? 7.809   5.480   7.069   1.00 17.16 ? 53  VAL A C   1 
ATOM   431  O  O   . VAL A 1 65  ? 8.229   6.000   6.032   1.00 15.91 ? 53  VAL A O   1 
ATOM   432  C  CB  . VAL A 1 65  ? 9.518   6.256   8.676   1.00 20.12 ? 53  VAL A CB  1 
ATOM   433  C  CG1 . VAL A 1 65  ? 8.504   7.302   9.175   1.00 18.26 ? 53  VAL A CG1 1 
ATOM   434  C  CG2 . VAL A 1 65  ? 10.448  5.805   9.812   1.00 19.47 ? 53  VAL A CG2 1 
ATOM   435  N  N   . LEU A 1 66  ? 6.522   5.251   7.304   1.00 13.44 ? 54  LEU A N   1 
ATOM   436  C  CA  . LEU A 1 66  ? 5.507   5.579   6.321   1.00 14.98 ? 54  LEU A CA  1 
ATOM   437  C  C   . LEU A 1 66  ? 4.742   6.852   6.690   1.00 17.65 ? 54  LEU A C   1 
ATOM   438  O  O   . LEU A 1 66  ? 4.244   6.983   7.810   1.00 13.87 ? 54  LEU A O   1 
ATOM   439  C  CB  . LEU A 1 66  ? 4.546   4.396   6.209   1.00 15.62 ? 54  LEU A CB  1 
ATOM   440  C  CG  . LEU A 1 66  ? 5.204   3.029   5.978   1.00 18.48 ? 54  LEU A CG  1 
ATOM   441  C  CD1 . LEU A 1 66  ? 4.137   1.944   6.004   1.00 19.66 ? 54  LEU A CD1 1 
ATOM   442  C  CD2 . LEU A 1 66  ? 5.945   3.028   4.636   1.00 15.90 ? 54  LEU A CD2 1 
ATOM   443  N  N   . LYS A 1 67  ? 4.660   7.802   5.759   1.00 16.67 ? 55  LYS A N   1 
ATOM   444  C  CA  . LYS A 1 67  ? 3.926   9.040   6.028   1.00 16.02 ? 55  LYS A CA  1 
ATOM   445  C  C   . LYS A 1 67  ? 2.741   9.112   5.102   1.00 16.98 ? 55  LYS A C   1 
ATOM   446  O  O   . LYS A 1 67  ? 2.898   9.056   3.878   1.00 15.70 ? 55  LYS A O   1 
ATOM   447  C  CB  . LYS A 1 67  ? 4.837   10.253  5.843   1.00 21.18 ? 55  LYS A CB  1 
ATOM   448  C  CG  . LYS A 1 67  ? 6.106   10.074  6.656   1.00 32.08 ? 55  LYS A CG  1 
ATOM   449  C  CD  . LYS A 1 67  ? 6.873   11.367  6.875   1.00 37.68 ? 55  LYS A CD  1 
ATOM   450  C  CE  . LYS A 1 67  ? 8.163   11.085  7.657   1.00 37.25 ? 55  LYS A CE  1 
ATOM   451  N  NZ  . LYS A 1 67  ? 8.767   12.350  8.190   1.00 44.91 ? 55  LYS A NZ  1 
ATOM   452  N  N   . PHE A 1 68  ? 1.557   9.198   5.702   1.00 17.75 ? 56  PHE A N   1 
ATOM   453  C  CA  . PHE A 1 68  ? 0.293   9.245   4.979   1.00 18.23 ? 56  PHE A CA  1 
ATOM   454  C  C   . PHE A 1 68  ? -0.495  10.431  5.444   1.00 18.59 ? 56  PHE A C   1 
ATOM   455  O  O   . PHE A 1 68  ? -0.101  11.127  6.362   1.00 19.13 ? 56  PHE A O   1 
ATOM   456  C  CB  . PHE A 1 68  ? -0.640  8.065   5.334   1.00 13.10 ? 56  PHE A CB  1 
ATOM   457  C  CG  . PHE A 1 68  ? -0.050  6.691   5.151   1.00 11.30 ? 56  PHE A CG  1 
ATOM   458  C  CD1 . PHE A 1 68  ? 0.626   6.069   6.183   1.00 10.08 ? 56  PHE A CD1 1 
ATOM   459  C  CD2 . PHE A 1 68  ? -0.276  5.985   3.965   1.00 8.95  ? 56  PHE A CD2 1 
ATOM   460  C  CE1 . PHE A 1 68  ? 1.074   4.749   6.059   1.00 12.48 ? 56  PHE A CE1 1 
ATOM   461  C  CE2 . PHE A 1 68  ? 0.164   4.665   3.817   1.00 11.54 ? 56  PHE A CE2 1 
ATOM   462  C  CZ  . PHE A 1 68  ? 0.839   4.042   4.863   1.00 9.58  ? 56  PHE A CZ  1 
ATOM   463  N  N   . HIS A 1 69  ? -1.627  10.643  4.786   1.00 20.22 ? 57  HIS A N   1 
ATOM   464  C  CA  . HIS A 1 69  ? -2.586  11.619  5.244   1.00 20.69 ? 57  HIS A CA  1 
ATOM   465  C  C   . HIS A 1 69  ? -3.942  10.936  5.015   1.00 20.48 ? 57  HIS A C   1 
ATOM   466  O  O   . HIS A 1 69  ? -4.077  10.029  4.169   1.00 16.60 ? 57  HIS A O   1 
ATOM   467  C  CB  . HIS A 1 69  ? -2.467  12.995  4.544   1.00 17.83 ? 57  HIS A CB  1 
ATOM   468  C  CG  . HIS A 1 69  ? -2.942  13.028  3.125   1.00 19.97 ? 57  HIS A CG  1 
ATOM   469  N  ND1 . HIS A 1 69  ? -2.085  13.219  2.064   1.00 14.05 ? 57  HIS A ND1 1 
ATOM   470  C  CD2 . HIS A 1 69  ? -4.190  12.972  2.598   1.00 20.56 ? 57  HIS A CD2 1 
ATOM   471  C  CE1 . HIS A 1 69  ? -2.783  13.280  0.941   1.00 18.46 ? 57  HIS A CE1 1 
ATOM   472  N  NE2 . HIS A 1 69  ? -4.065  13.135  1.237   1.00 18.53 ? 57  HIS A NE2 1 
ATOM   473  N  N   . THR A 1 70  ? -4.921  11.309  5.829   1.00 23.87 ? 58  THR A N   1 
ATOM   474  C  CA  . THR A 1 70  ? -6.274  10.779  5.711   1.00 26.14 ? 58  THR A CA  1 
ATOM   475  C  C   . THR A 1 70  ? -7.165  11.975  5.429   1.00 28.36 ? 58  THR A C   1 
ATOM   476  O  O   . THR A 1 70  ? -6.760  13.126  5.633   1.00 28.91 ? 58  THR A O   1 
ATOM   477  C  CB  . THR A 1 70  ? -6.775  10.157  7.025   1.00 29.13 ? 58  THR A CB  1 
ATOM   478  O  OG1 . THR A 1 70  ? -6.611  11.107  8.088   1.00 32.84 ? 58  THR A OG1 1 
ATOM   479  C  CG2 . THR A 1 70  ? -6.024  8.903   7.345   1.00 30.85 ? 58  THR A CG2 1 
ATOM   480  N  N   . VAL A 1 71  ? -8.385  11.701  4.989   1.00 33.00 ? 59  VAL A N   1 
ATOM   481  C  CA  . VAL A 1 71  ? -9.339  12.758  4.695   1.00 36.99 ? 59  VAL A CA  1 
ATOM   482  C  C   . VAL A 1 71  ? -10.673 12.526  5.408   1.00 40.11 ? 59  VAL A C   1 
ATOM   483  O  O   . VAL A 1 71  ? -11.195 11.411  5.411   1.00 38.71 ? 59  VAL A O   1 
ATOM   484  C  CB  . VAL A 1 71  ? -9.609  12.856  3.178   1.00 36.52 ? 59  VAL A CB  1 
ATOM   485  C  CG1 . VAL A 1 71  ? -10.552 14.023  2.884   1.00 38.80 ? 59  VAL A CG1 1 
ATOM   486  C  CG2 . VAL A 1 71  ? -8.306  13.027  2.431   1.00 34.49 ? 59  VAL A CG2 1 
ATOM   487  N  N   . ARG A 1 72  ? -11.196 13.583  6.030   1.00 43.05 ? 60  ARG A N   1 
ATOM   488  C  CA  . ARG A 1 72  ? -12.486 13.551  6.718   1.00 48.39 ? 60  ARG A CA  1 
ATOM   489  C  C   . ARG A 1 72  ? -13.222 14.853  6.403   1.00 52.04 ? 60  ARG A C   1 
ATOM   490  O  O   . ARG A 1 72  ? -12.681 15.945  6.601   1.00 52.70 ? 60  ARG A O   1 
ATOM   491  C  CB  . ARG A 1 72  ? -12.314 13.378  8.235   1.00 51.01 ? 60  ARG A CB  1 
ATOM   492  C  CG  . ARG A 1 72  ? -11.235 14.237  8.915   1.00 56.55 ? 60  ARG A CG  1 
ATOM   493  C  CD  . ARG A 1 72  ? -11.574 15.735  8.997   1.00 59.29 ? 60  ARG A CD  1 
ATOM   494  N  NE  . ARG A 1 72  ? -12.877 16.010  9.602   1.00 61.96 ? 60  ARG A NE  1 
ATOM   495  C  CZ  . ARG A 1 72  ? -13.392 17.230  9.747   1.00 62.41 ? 60  ARG A CZ  1 
ATOM   496  N  NH1 . ARG A 1 72  ? -12.710 18.292  9.334   1.00 62.47 ? 60  ARG A NH1 1 
ATOM   497  N  NH2 . ARG A 1 72  ? -14.593 17.390  10.294  1.00 63.00 ? 60  ARG A NH2 1 
ATOM   498  N  N   . ASP A 1 73  ? -14.446 14.738  5.893   1.00 53.15 ? 61  ASP A N   1 
ATOM   499  C  CA  . ASP A 1 73  ? -15.222 15.924  5.535   1.00 54.90 ? 61  ASP A CA  1 
ATOM   500  C  C   . ASP A 1 73  ? -14.329 16.942  4.829   1.00 54.30 ? 61  ASP A C   1 
ATOM   501  O  O   . ASP A 1 73  ? -14.306 18.121  5.181   1.00 56.79 ? 61  ASP A O   1 
ATOM   502  C  CB  . ASP A 1 73  ? -15.854 16.565  6.780   1.00 57.50 ? 61  ASP A CB  1 
ATOM   503  C  CG  . ASP A 1 73  ? -17.053 15.783  7.301   1.00 58.67 ? 61  ASP A CG  1 
ATOM   504  O  OD1 . ASP A 1 73  ? -16.859 14.668  7.835   1.00 58.87 ? 61  ASP A OD1 1 
ATOM   505  O  OD2 . ASP A 1 73  ? -18.192 16.287  7.169   1.00 60.24 ? 61  ASP A OD2 1 
ATOM   506  N  N   . GLU A 1 74  ? -13.576 16.463  3.846   1.00 54.55 ? 62  GLU A N   1 
ATOM   507  C  CA  . GLU A 1 74  ? -12.683 17.305  3.056   1.00 53.94 ? 62  GLU A CA  1 
ATOM   508  C  C   . GLU A 1 74  ? -11.517 17.977  3.789   1.00 52.85 ? 62  GLU A C   1 
ATOM   509  O  O   . GLU A 1 74  ? -10.977 18.986  3.328   1.00 53.09 ? 62  GLU A O   1 
ATOM   510  C  CB  . GLU A 1 74  ? -13.511 18.340  2.290   1.00 55.49 ? 62  GLU A CB  1 
ATOM   511  C  CG  . GLU A 1 74  ? -14.296 17.698  1.150   1.00 58.53 ? 62  GLU A CG  1 
ATOM   512  C  CD  . GLU A 1 74  ? -15.118 18.685  0.340   1.00 60.57 ? 62  GLU A CD  1 
ATOM   513  O  OE1 . GLU A 1 74  ? -14.554 19.711  -0.103  1.00 62.31 ? 62  GLU A OE1 1 
ATOM   514  O  OE2 . GLU A 1 74  ? -16.325 18.425  0.137   1.00 59.97 ? 62  GLU A OE2 1 
ATOM   515  N  N   . GLU A 1 75  ? -11.116 17.412  4.920   1.00 50.20 ? 63  GLU A N   1 
ATOM   516  C  CA  . GLU A 1 75  ? -9.990  17.950  5.665   1.00 48.52 ? 63  GLU A CA  1 
ATOM   517  C  C   . GLU A 1 75  ? -8.928  16.853  5.818   1.00 45.27 ? 63  GLU A C   1 
ATOM   518  O  O   . GLU A 1 75  ? -9.226  15.731  6.215   1.00 41.50 ? 63  GLU A O   1 
ATOM   519  C  CB  . GLU A 1 75  ? -10.453 18.475  7.036   1.00 51.45 ? 63  GLU A CB  1 
ATOM   520  C  CG  . GLU A 1 75  ? -9.335  19.101  7.883   1.00 54.68 ? 63  GLU A CG  1 
ATOM   521  C  CD  . GLU A 1 75  ? -9.847  20.138  8.891   1.00 58.91 ? 63  GLU A CD  1 
ATOM   522  O  OE1 . GLU A 1 75  ? -10.284 21.235  8.462   1.00 58.21 ? 63  GLU A OE1 1 
ATOM   523  O  OE2 . GLU A 1 75  ? -9.815  19.852  10.112  1.00 59.57 ? 63  GLU A OE2 1 
ATOM   524  N  N   . CYS A 1 76  ? -7.693  17.193  5.476   1.00 42.86 ? 64  CYS A N   1 
ATOM   525  C  CA  . CYS A 1 76  ? -6.570  16.269  5.557   1.00 40.85 ? 64  CYS A CA  1 
ATOM   526  C  C   . CYS A 1 76  ? -5.865  16.302  6.912   1.00 39.97 ? 64  CYS A C   1 
ATOM   527  O  O   . CYS A 1 76  ? -5.690  17.365  7.502   1.00 40.26 ? 64  CYS A O   1 
ATOM   528  C  CB  . CYS A 1 76  ? -5.546  16.617  4.464   1.00 41.56 ? 64  CYS A CB  1 
ATOM   529  S  SG  . CYS A 1 76  ? -5.973  16.067  2.769   1.00 46.34 ? 64  CYS A SG  1 
ATOM   530  N  N   . SER A 1 77  ? -5.473  15.139  7.419   1.00 36.51 ? 65  SER A N   1 
ATOM   531  C  CA  . SER A 1 77  ? -4.716  15.098  8.662   1.00 34.05 ? 65  SER A CA  1 
ATOM   532  C  C   . SER A 1 77  ? -3.574  14.103  8.451   1.00 34.03 ? 65  SER A C   1 
ATOM   533  O  O   . SER A 1 77  ? -3.744  13.036  7.844   1.00 32.50 ? 65  SER A O   1 
ATOM   534  C  CB  . SER A 1 77  ? -5.600  14.738  9.872   1.00 37.39 ? 65  SER A CB  1 
ATOM   535  O  OG  . SER A 1 77  ? -6.076  13.409  9.833   1.00 42.97 ? 65  SER A OG  1 
ATOM   536  N  N   . GLU A 1 78  ? -2.392  14.483  8.907   1.00 29.91 ? 66  GLU A N   1 
ATOM   537  C  CA  . GLU A 1 78  ? -1.218  13.654  8.734   1.00 32.24 ? 66  GLU A CA  1 
ATOM   538  C  C   . GLU A 1 78  ? -1.173  12.466  9.682   1.00 32.53 ? 66  GLU A C   1 
ATOM   539  O  O   . GLU A 1 78  ? -1.866  12.423  10.701  1.00 30.07 ? 66  GLU A O   1 
ATOM   540  C  CB  . GLU A 1 78  ? 0.054   14.490  8.938   1.00 34.23 ? 66  GLU A CB  1 
ATOM   541  C  CG  . GLU A 1 78  ? 0.278   15.610  7.917   1.00 40.03 ? 66  GLU A CG  1 
ATOM   542  C  CD  . GLU A 1 78  ? 0.390   15.101  6.476   1.00 44.66 ? 66  GLU A CD  1 
ATOM   543  O  OE1 . GLU A 1 78  ? -0.645  14.734  5.885   1.00 47.26 ? 66  GLU A OE1 1 
ATOM   544  O  OE2 . GLU A 1 78  ? 1.513   15.066  5.926   1.00 46.99 ? 66  GLU A OE2 1 
ATOM   545  N  N   . LEU A 1 79  ? -0.365  11.479  9.320   1.00 28.77 ? 67  LEU A N   1 
ATOM   546  C  CA  . LEU A 1 79  ? -0.169  10.325  10.178  1.00 27.49 ? 67  LEU A CA  1 
ATOM   547  C  C   . LEU A 1 79  ? 1.009   9.524   9.671   1.00 27.65 ? 67  LEU A C   1 
ATOM   548  O  O   . LEU A 1 79  ? 1.183   9.330   8.457   1.00 23.56 ? 67  LEU A O   1 
ATOM   549  C  CB  . LEU A 1 79  ? -1.411  9.457   10.261  1.00 29.29 ? 67  LEU A CB  1 
ATOM   550  C  CG  . LEU A 1 79  ? -1.788  8.542   9.116   1.00 32.09 ? 67  LEU A CG  1 
ATOM   551  C  CD1 . LEU A 1 79  ? -2.145  7.148   9.645   1.00 26.85 ? 67  LEU A CD1 1 
ATOM   552  C  CD2 . LEU A 1 79  ? -2.947  9.188   8.368   1.00 33.47 ? 67  LEU A CD2 1 
ATOM   553  N  N   . SER A 1 80  ? 1.835   9.103   10.623  1.00 22.71 ? 68  SER A N   1 
ATOM   554  C  CA  . SER A 1 80  ? 3.037   8.343   10.351  1.00 25.10 ? 68  SER A CA  1 
ATOM   555  C  C   . SER A 1 80  ? 2.956   7.028   11.066  1.00 21.94 ? 68  SER A C   1 
ATOM   556  O  O   . SER A 1 80  ? 2.263   6.910   12.064  1.00 21.74 ? 68  SER A O   1 
ATOM   557  C  CB  . SER A 1 80  ? 4.266   9.101   10.838  1.00 20.75 ? 68  SER A CB  1 
ATOM   558  O  OG  . SER A 1 80  ? 4.372   10.295  10.105  1.00 33.11 ? 68  SER A OG  1 
ATOM   559  N  N   . MET A 1 81  ? 3.697   6.055   10.552  1.00 22.04 ? 69  MET A N   1 
ATOM   560  C  CA  . MET A 1 81  ? 3.722   4.707   11.105  1.00 21.61 ? 69  MET A CA  1 
ATOM   561  C  C   . MET A 1 81  ? 5.114   4.206   10.907  1.00 19.38 ? 69  MET A C   1 
ATOM   562  O  O   . MET A 1 81  ? 5.789   4.629   9.970   1.00 20.00 ? 69  MET A O   1 
ATOM   563  C  CB  . MET A 1 81  ? 2.866   3.764   10.272  1.00 22.71 ? 69  MET A CB  1 
ATOM   564  C  CG  . MET A 1 81  ? 1.444   3.764   10.508  1.00 28.75 ? 69  MET A CG  1 
ATOM   565  S  SD  . MET A 1 81  ? 0.819   2.597   9.302   1.00 26.07 ? 69  MET A SD  1 
ATOM   566  C  CE  . MET A 1 81  ? -0.742  3.422   9.010   1.00 24.30 ? 69  MET A CE  1 
ATOM   567  N  N   . VAL A 1 82  ? 5.522   3.262   11.742  1.00 15.84 ? 70  VAL A N   1 
ATOM   568  C  CA  . VAL A 1 82  ? 6.830   2.665   11.589  1.00 17.23 ? 70  VAL A CA  1 
ATOM   569  C  C   . VAL A 1 82  ? 6.594   1.190   11.339  1.00 18.16 ? 70  VAL A C   1 
ATOM   570  O  O   . VAL A 1 82  ? 6.009   0.508   12.187  1.00 19.36 ? 70  VAL A O   1 
ATOM   571  C  CB  . VAL A 1 82  ? 7.682   2.799   12.863  1.00 22.23 ? 70  VAL A CB  1 
ATOM   572  C  CG1 . VAL A 1 82  ? 9.001   2.032   12.680  1.00 20.32 ? 70  VAL A CG1 1 
ATOM   573  C  CG2 . VAL A 1 82  ? 7.937   4.276   13.167  1.00 18.96 ? 70  VAL A CG2 1 
ATOM   574  N  N   . ALA A 1 83  ? 7.026   0.686   10.187  1.00 13.54 ? 71  ALA A N   1 
ATOM   575  C  CA  . ALA A 1 83  ? 6.853   -0.730  9.918   1.00 14.60 ? 71  ALA A CA  1 
ATOM   576  C  C   . ALA A 1 83  ? 8.199   -1.399  10.113  1.00 14.22 ? 71  ALA A C   1 
ATOM   577  O  O   . ALA A 1 83  ? 9.204   -0.971  9.552   1.00 16.61 ? 71  ALA A O   1 
ATOM   578  C  CB  . ALA A 1 83  ? 6.331   -0.955  8.496   1.00 14.68 ? 71  ALA A CB  1 
ATOM   579  N  N   . ASP A 1 84  ? 8.216   -2.454  10.921  1.00 15.84 ? 72  ASP A N   1 
ATOM   580  C  CA  . ASP A 1 84  ? 9.435   -3.176  11.222  1.00 17.23 ? 72  ASP A CA  1 
ATOM   581  C  C   . ASP A 1 84  ? 9.591   -4.456  10.427  1.00 20.39 ? 72  ASP A C   1 
ATOM   582  O  O   . ASP A 1 84  ? 8.607   -5.145  10.123  1.00 19.13 ? 72  ASP A O   1 
ATOM   583  C  CB  . ASP A 1 84  ? 9.479   -3.525  12.721  1.00 21.06 ? 72  ASP A CB  1 
ATOM   584  C  CG  . ASP A 1 84  ? 9.512   -2.291  13.601  1.00 27.23 ? 72  ASP A CG  1 
ATOM   585  O  OD1 . ASP A 1 84  ? 10.481  -1.509  13.507  1.00 34.48 ? 72  ASP A OD1 1 
ATOM   586  O  OD2 . ASP A 1 84  ? 8.565   -2.090  14.382  1.00 28.94 ? 72  ASP A OD2 1 
ATOM   587  N  N   . LYS A 1 85  ? 10.833  -4.790  10.094  1.00 19.34 ? 73  LYS A N   1 
ATOM   588  C  CA  . LYS A 1 85  ? 11.073  -6.038  9.387   1.00 22.57 ? 73  LYS A CA  1 
ATOM   589  C  C   . LYS A 1 85  ? 10.667  -7.160  10.339  1.00 23.58 ? 73  LYS A C   1 
ATOM   590  O  O   . LYS A 1 85  ? 10.901  -7.059  11.532  1.00 18.58 ? 73  LYS A O   1 
ATOM   591  C  CB  . LYS A 1 85  ? 12.560  -6.203  9.045   1.00 26.64 ? 73  LYS A CB  1 
ATOM   592  C  CG  . LYS A 1 85  ? 13.062  -5.266  7.964   1.00 30.60 ? 73  LYS A CG  1 
ATOM   593  C  CD  . LYS A 1 85  ? 14.426  -5.717  7.428   1.00 34.17 ? 73  LYS A CD  1 
ATOM   594  C  CE  . LYS A 1 85  ? 14.357  -7.088  6.734   1.00 40.26 ? 73  LYS A CE  1 
ATOM   595  N  NZ  . LYS A 1 85  ? 13.486  -7.126  5.480   1.00 37.65 ? 73  LYS A NZ  1 
ATOM   596  N  N   . THR A 1 86  ? 10.029  -8.206  9.826   1.00 24.41 ? 74  THR A N   1 
ATOM   597  C  CA  . THR A 1 86  ? 9.675   -9.346  10.663  1.00 25.31 ? 74  THR A CA  1 
ATOM   598  C  C   . THR A 1 86  ? 10.773  -10.362 10.356  1.00 29.23 ? 74  THR A C   1 
ATOM   599  O  O   . THR A 1 86  ? 11.790  -10.003 9.753   1.00 29.80 ? 74  THR A O   1 
ATOM   600  C  CB  . THR A 1 86  ? 8.334   -9.973  10.260  1.00 21.90 ? 74  THR A CB  1 
ATOM   601  O  OG1 . THR A 1 86  ? 8.457   -10.527 8.951   1.00 20.14 ? 74  THR A OG1 1 
ATOM   602  C  CG2 . THR A 1 86  ? 7.222   -8.938  10.272  1.00 21.16 ? 74  THR A CG2 1 
ATOM   603  N  N   . GLU A 1 87  ? 10.567  -11.626 10.725  1.00 31.49 ? 75  GLU A N   1 
ATOM   604  C  CA  . GLU A 1 87  ? 11.577  -12.648 10.453  1.00 34.01 ? 75  GLU A CA  1 
ATOM   605  C  C   . GLU A 1 87  ? 11.571  -13.178 9.015   1.00 32.59 ? 75  GLU A C   1 
ATOM   606  O  O   . GLU A 1 87  ? 12.462  -13.925 8.622   1.00 32.54 ? 75  GLU A O   1 
ATOM   607  C  CB  . GLU A 1 87  ? 11.472  -13.789 11.483  1.00 34.94 ? 75  GLU A CB  1 
ATOM   608  C  CG  . GLU A 1 87  ? 12.279  -13.471 12.763  1.00 41.67 ? 75  GLU A CG  1 
ATOM   609  C  CD  . GLU A 1 87  ? 11.887  -14.314 13.969  1.00 46.86 ? 75  GLU A CD  1 
ATOM   610  O  OE1 . GLU A 1 87  ? 10.763  -14.119 14.498  1.00 48.69 ? 75  GLU A OE1 1 
ATOM   611  O  OE2 . GLU A 1 87  ? 12.706  -15.168 14.390  1.00 49.02 ? 75  GLU A OE2 1 
ATOM   612  N  N   . LYS A 1 88  ? 10.580  -12.793 8.217   1.00 32.04 ? 76  LYS A N   1 
ATOM   613  C  CA  . LYS A 1 88  ? 10.573  -13.224 6.817   1.00 30.42 ? 76  LYS A CA  1 
ATOM   614  C  C   . LYS A 1 88  ? 11.161  -12.061 6.033   1.00 27.50 ? 76  LYS A C   1 
ATOM   615  O  O   . LYS A 1 88  ? 10.766  -10.909 6.243   1.00 24.57 ? 76  LYS A O   1 
ATOM   616  C  CB  . LYS A 1 88  ? 9.159   -13.465 6.316   1.00 34.96 ? 76  LYS A CB  1 
ATOM   617  C  CG  . LYS A 1 88  ? 8.293   -14.239 7.261   1.00 40.96 ? 76  LYS A CG  1 
ATOM   618  C  CD  . LYS A 1 88  ? 6.833   -14.050 6.878   1.00 43.53 ? 76  LYS A CD  1 
ATOM   619  C  CE  . LYS A 1 88  ? 5.930   -14.807 7.812   1.00 41.40 ? 76  LYS A CE  1 
ATOM   620  N  NZ  . LYS A 1 88  ? 5.928   -16.271 7.522   1.00 44.89 ? 76  LYS A NZ  1 
ATOM   621  N  N   . ALA A 1 89  ? 12.109  -12.347 5.145   1.00 27.35 ? 77  ALA A N   1 
ATOM   622  C  CA  . ALA A 1 89  ? 12.725  -11.293 4.346   1.00 24.82 ? 77  ALA A CA  1 
ATOM   623  C  C   . ALA A 1 89  ? 11.653  -10.701 3.428   1.00 23.69 ? 77  ALA A C   1 
ATOM   624  O  O   . ALA A 1 89  ? 10.851  -11.425 2.840   1.00 20.06 ? 77  ALA A O   1 
ATOM   625  C  CB  . ALA A 1 89  ? 13.889  -11.856 3.524   1.00 25.42 ? 77  ALA A CB  1 
ATOM   626  N  N   . GLY A 1 90  ? 11.623  -9.381  3.326   1.00 23.58 ? 78  GLY A N   1 
ATOM   627  C  CA  . GLY A 1 90  ? 10.624  -8.767  2.480   1.00 22.16 ? 78  GLY A CA  1 
ATOM   628  C  C   . GLY A 1 90  ? 9.304   -8.504  3.173   1.00 19.89 ? 78  GLY A C   1 
ATOM   629  O  O   . GLY A 1 90  ? 8.441   -7.875  2.574   1.00 18.69 ? 78  GLY A O   1 
ATOM   630  N  N   . GLU A 1 91  ? 9.140   -8.960  4.422   1.00 17.82 ? 79  GLU A N   1 
ATOM   631  C  CA  . GLU A 1 91  ? 7.898   -8.713  5.158   1.00 15.14 ? 79  GLU A CA  1 
ATOM   632  C  C   . GLU A 1 91  ? 8.024   -7.728  6.319   1.00 18.46 ? 79  GLU A C   1 
ATOM   633  O  O   . GLU A 1 91  ? 8.985   -7.775  7.071   1.00 17.18 ? 79  GLU A O   1 
ATOM   634  C  CB  . GLU A 1 91  ? 7.325   -10.038 5.679   1.00 17.34 ? 79  GLU A CB  1 
ATOM   635  C  CG  . GLU A 1 91  ? 5.991   -9.891  6.400   1.00 19.63 ? 79  GLU A CG  1 
ATOM   636  C  CD  . GLU A 1 91  ? 5.413   -11.239 6.783   1.00 32.17 ? 79  GLU A CD  1 
ATOM   637  O  OE1 . GLU A 1 91  ? 4.722   -11.848 5.930   1.00 33.06 ? 79  GLU A OE1 1 
ATOM   638  O  OE2 . GLU A 1 91  ? 5.679   -11.701 7.924   1.00 29.97 ? 79  GLU A OE2 1 
ATOM   639  N  N   . TYR A 1 92  ? 7.039   -6.842  6.476   1.00 15.04 ? 80  TYR A N   1 
ATOM   640  C  CA  . TYR A 1 92  ? 7.064   -5.867  7.555   1.00 15.63 ? 80  TYR A CA  1 
ATOM   641  C  C   . TYR A 1 92  ? 5.780   -5.949  8.362   1.00 16.91 ? 80  TYR A C   1 
ATOM   642  O  O   . TYR A 1 92  ? 4.758   -6.433  7.880   1.00 15.80 ? 80  TYR A O   1 
ATOM   643  C  CB  . TYR A 1 92  ? 7.199   -4.437  7.003   1.00 16.79 ? 80  TYR A CB  1 
ATOM   644  C  CG  . TYR A 1 92  ? 8.492   -4.190  6.282   1.00 22.96 ? 80  TYR A CG  1 
ATOM   645  C  CD1 . TYR A 1 92  ? 8.692   -4.668  4.992   1.00 19.80 ? 80  TYR A CD1 1 
ATOM   646  C  CD2 . TYR A 1 92  ? 9.552   -3.535  6.917   1.00 22.98 ? 80  TYR A CD2 1 
ATOM   647  C  CE1 . TYR A 1 92  ? 9.921   -4.506  4.347   1.00 21.59 ? 80  TYR A CE1 1 
ATOM   648  C  CE2 . TYR A 1 92  ? 10.778  -3.372  6.278   1.00 22.75 ? 80  TYR A CE2 1 
ATOM   649  C  CZ  . TYR A 1 92  ? 10.951  -3.862  4.994   1.00 20.43 ? 80  TYR A CZ  1 
ATOM   650  O  OH  . TYR A 1 92  ? 12.162  -3.702  4.347   1.00 27.59 ? 80  TYR A OH  1 
ATOM   651  N  N   . SER A 1 93  ? 5.819   -5.453  9.587   1.00 15.79 ? 81  SER A N   1 
ATOM   652  C  CA  . SER A 1 93  ? 4.621   -5.485  10.403  1.00 17.72 ? 81  SER A CA  1 
ATOM   653  C  C   . SER A 1 93  ? 4.404   -4.118  11.005  1.00 17.97 ? 81  SER A C   1 
ATOM   654  O  O   . SER A 1 93  ? 5.355   -3.353  11.193  1.00 16.32 ? 81  SER A O   1 
ATOM   655  C  CB  . SER A 1 93  ? 4.748   -6.546  11.509  1.00 16.52 ? 81  SER A CB  1 
ATOM   656  O  OG  . SER A 1 93  ? 5.643   -6.122  12.523  1.00 24.73 ? 81  SER A OG  1 
ATOM   657  N  N   . VAL A 1 94  ? 3.150   -3.782  11.263  1.00 16.32 ? 82  VAL A N   1 
ATOM   658  C  CA  . VAL A 1 94  ? 2.853   -2.511  11.891  1.00 14.29 ? 82  VAL A CA  1 
ATOM   659  C  C   . VAL A 1 94  ? 1.513   -2.535  12.601  1.00 16.03 ? 82  VAL A C   1 
ATOM   660  O  O   . VAL A 1 94  ? 0.542   -3.127  12.123  1.00 18.17 ? 82  VAL A O   1 
ATOM   661  C  CB  . VAL A 1 94  ? 2.879   -1.319  10.871  1.00 22.77 ? 82  VAL A CB  1 
ATOM   662  C  CG1 . VAL A 1 94  ? 1.982   -1.605  9.687   1.00 17.40 ? 82  VAL A CG1 1 
ATOM   663  C  CG2 . VAL A 1 94  ? 2.415   -0.028  11.562  1.00 19.78 ? 82  VAL A CG2 1 
ATOM   664  N  N   . THR A 1 95  ? 1.473   -1.918  13.773  1.00 15.03 ? 83  THR A N   1 
ATOM   665  C  CA  . THR A 1 95  ? 0.234   -1.847  14.531  1.00 15.18 ? 83  THR A CA  1 
ATOM   666  C  C   . THR A 1 95  ? -0.518  -0.609  14.065  1.00 15.97 ? 83  THR A C   1 
ATOM   667  O  O   . THR A 1 95  ? 0.009   0.501   14.057  1.00 14.93 ? 83  THR A O   1 
ATOM   668  C  CB  . THR A 1 95  ? 0.538   -1.780  16.036  1.00 18.85 ? 83  THR A CB  1 
ATOM   669  O  OG1 . THR A 1 95  ? 1.199   -2.995  16.413  1.00 18.47 ? 83  THR A OG1 1 
ATOM   670  C  CG2 . THR A 1 95  ? -0.750  -1.641  16.873  1.00 19.01 ? 83  THR A CG2 1 
ATOM   671  N  N   . TYR A 1 96  ? -1.747  -0.817  13.628  1.00 17.92 ? 84  TYR A N   1 
ATOM   672  C  CA  . TYR A 1 96  ? -2.595  0.256   13.152  1.00 15.30 ? 84  TYR A CA  1 
ATOM   673  C  C   . TYR A 1 96  ? -3.952  -0.386  12.922  1.00 16.84 ? 84  TYR A C   1 
ATOM   674  O  O   . TYR A 1 96  ? -4.105  -1.197  11.997  1.00 14.78 ? 84  TYR A O   1 
ATOM   675  C  CB  . TYR A 1 96  ? -2.079  0.834   11.830  1.00 15.93 ? 84  TYR A CB  1 
ATOM   676  C  CG  . TYR A 1 96  ? -3.053  1.831   11.255  1.00 16.03 ? 84  TYR A CG  1 
ATOM   677  C  CD1 . TYR A 1 96  ? -3.160  3.123   11.781  1.00 14.61 ? 84  TYR A CD1 1 
ATOM   678  C  CD2 . TYR A 1 96  ? -3.937  1.454   10.238  1.00 17.44 ? 84  TYR A CD2 1 
ATOM   679  C  CE1 . TYR A 1 96  ? -4.133  4.024   11.300  1.00 17.15 ? 84  TYR A CE1 1 
ATOM   680  C  CE2 . TYR A 1 96  ? -4.908  2.340   9.753   1.00 15.22 ? 84  TYR A CE2 1 
ATOM   681  C  CZ  . TYR A 1 96  ? -4.996  3.622   10.281  1.00 17.31 ? 84  TYR A CZ  1 
ATOM   682  O  OH  . TYR A 1 96  ? -5.907  4.512   9.736   1.00 19.93 ? 84  TYR A OH  1 
ATOM   683  N  N   . ASP A 1 97  ? -4.925  -0.006  13.752  1.00 14.28 ? 85  ASP A N   1 
ATOM   684  C  CA  . ASP A 1 97  ? -6.285  -0.562  13.717  1.00 16.07 ? 85  ASP A CA  1 
ATOM   685  C  C   . ASP A 1 97  ? -6.188  -2.107  13.645  1.00 16.15 ? 85  ASP A C   1 
ATOM   686  O  O   . ASP A 1 97  ? -6.817  -2.766  12.804  1.00 15.22 ? 85  ASP A O   1 
ATOM   687  C  CB  . ASP A 1 97  ? -7.067  0.001   12.525  1.00 18.17 ? 85  ASP A CB  1 
ATOM   688  C  CG  . ASP A 1 97  ? -8.568  -0.224  12.658  1.00 21.54 ? 85  ASP A CG  1 
ATOM   689  O  OD1 . ASP A 1 97  ? -9.031  -0.327  13.805  1.00 25.24 ? 85  ASP A OD1 1 
ATOM   690  O  OD2 . ASP A 1 97  ? -9.296  -0.292  11.639  1.00 25.84 ? 85  ASP A OD2 1 
ATOM   691  N  N   . GLY A 1 98  ? -5.409  -2.662  14.568  1.00 14.43 ? 86  GLY A N   1 
ATOM   692  C  CA  . GLY A 1 98  ? -5.174  -4.094  14.606  1.00 15.97 ? 86  GLY A CA  1 
ATOM   693  C  C   . GLY A 1 98  ? -3.720  -4.352  14.236  1.00 15.48 ? 86  GLY A C   1 
ATOM   694  O  O   . GLY A 1 98  ? -2.910  -3.420  14.144  1.00 15.15 ? 86  GLY A O   1 
ATOM   695  N  N   . PHE A 1 99  ? -3.379  -5.609  14.018  1.00 13.96 ? 87  PHE A N   1 
ATOM   696  C  CA  . PHE A 1 99  ? -2.006  -5.987  13.686  1.00 11.79 ? 87  PHE A CA  1 
ATOM   697  C  C   . PHE A 1 99  ? -1.922  -6.242  12.189  1.00 12.95 ? 87  PHE A C   1 
ATOM   698  O  O   . PHE A 1 99  ? -2.731  -6.979  11.636  1.00 13.50 ? 87  PHE A O   1 
ATOM   699  C  CB  . PHE A 1 99  ? -1.623  -7.253  14.468  1.00 10.85 ? 87  PHE A CB  1 
ATOM   700  C  CG  . PHE A 1 99  ? -0.290  -7.837  14.083  1.00 13.03 ? 87  PHE A CG  1 
ATOM   701  C  CD1 . PHE A 1 99  ? 0.894   -7.181  14.401  1.00 17.23 ? 87  PHE A CD1 1 
ATOM   702  C  CD2 . PHE A 1 99  ? -0.220  -9.062  13.416  1.00 16.69 ? 87  PHE A CD2 1 
ATOM   703  C  CE1 . PHE A 1 99  ? 2.135   -7.744  14.063  1.00 17.08 ? 87  PHE A CE1 1 
ATOM   704  C  CE2 . PHE A 1 99  ? 1.014   -9.632  13.071  1.00 14.47 ? 87  PHE A CE2 1 
ATOM   705  C  CZ  . PHE A 1 99  ? 2.193   -8.966  13.401  1.00 16.92 ? 87  PHE A CZ  1 
ATOM   706  N  N   . ASN A 1 100 ? -0.934  -5.636  11.538  1.00 11.42 ? 88  ASN A N   1 
ATOM   707  C  CA  . ASN A 1 100 ? -0.779  -5.790  10.089  1.00 12.22 ? 88  ASN A CA  1 
ATOM   708  C  C   . ASN A 1 100 ? 0.573   -6.309  9.665   1.00 12.40 ? 88  ASN A C   1 
ATOM   709  O  O   . ASN A 1 100 ? 1.600   -5.931  10.255  1.00 10.79 ? 88  ASN A O   1 
ATOM   710  C  CB  . ASN A 1 100 ? -0.895  -4.429  9.384   1.00 12.38 ? 88  ASN A CB  1 
ATOM   711  C  CG  . ASN A 1 100 ? -2.120  -3.658  9.775   1.00 15.45 ? 88  ASN A CG  1 
ATOM   712  O  OD1 . ASN A 1 100 ? -3.187  -3.894  9.238   1.00 13.90 ? 88  ASN A OD1 1 
ATOM   713  N  ND2 . ASN A 1 100 ? -1.973  -2.719  10.724  1.00 10.35 ? 88  ASN A ND2 1 
ATOM   714  N  N   . THR A 1 101 ? 0.590   -7.145  8.628   1.00 10.82 ? 89  THR A N   1 
ATOM   715  C  CA  . THR A 1 101 ? 1.877   -7.563  8.052   1.00 12.65 ? 89  THR A CA  1 
ATOM   716  C  C   . THR A 1 101 ? 1.718   -7.309  6.539   1.00 12.94 ? 89  THR A C   1 
ATOM   717  O  O   . THR A 1 101 ? 0.627   -7.468  5.981   1.00 15.25 ? 89  THR A O   1 
ATOM   718  C  CB  . THR A 1 101 ? 2.203   -9.068  8.267   1.00 16.26 ? 89  THR A CB  1 
ATOM   719  O  OG1 . THR A 1 101 ? 1.188   -9.858  7.661   1.00 21.26 ? 89  THR A OG1 1 
ATOM   720  C  CG2 . THR A 1 101 ? 2.264   -9.420  9.749   1.00 16.11 ? 89  THR A CG2 1 
ATOM   721  N  N   . PHE A 1 102 ? 2.781   -6.904  5.862   1.00 11.34 ? 90  PHE A N   1 
ATOM   722  C  CA  . PHE A 1 102 ? 2.669   -6.671  4.421   1.00 11.65 ? 90  PHE A CA  1 
ATOM   723  C  C   . PHE A 1 102 ? 3.978   -6.927  3.687   1.00 13.61 ? 90  PHE A C   1 
ATOM   724  O  O   . PHE A 1 102 ? 5.047   -6.914  4.304   1.00 9.35  ? 90  PHE A O   1 
ATOM   725  C  CB  . PHE A 1 102 ? 2.203   -5.220  4.138   1.00 10.55 ? 90  PHE A CB  1 
ATOM   726  C  CG  . PHE A 1 102 ? 3.234   -4.149  4.466   1.00 11.96 ? 90  PHE A CG  1 
ATOM   727  C  CD1 . PHE A 1 102 ? 3.180   -3.449  5.675   1.00 11.80 ? 90  PHE A CD1 1 
ATOM   728  C  CD2 . PHE A 1 102 ? 4.232   -3.815  3.549   1.00 13.13 ? 90  PHE A CD2 1 
ATOM   729  C  CE1 . PHE A 1 102 ? 4.101   -2.432  5.970   1.00 12.87 ? 90  PHE A CE1 1 
ATOM   730  C  CE2 . PHE A 1 102 ? 5.168   -2.792  3.842   1.00 14.65 ? 90  PHE A CE2 1 
ATOM   731  C  CZ  . PHE A 1 102 ? 5.093   -2.106  5.054   1.00 10.83 ? 90  PHE A CZ  1 
ATOM   732  N  N   . THR A 1 103 ? 3.884   -7.214  2.382   1.00 10.95 ? 91  THR A N   1 
ATOM   733  C  CA  . THR A 1 103 ? 5.065   -7.404  1.540   1.00 12.85 ? 91  THR A CA  1 
ATOM   734  C  C   . THR A 1 103 ? 4.809   -6.521  0.299   1.00 16.11 ? 91  THR A C   1 
ATOM   735  O  O   . THR A 1 103 ? 3.753   -5.902  0.180   1.00 9.32  ? 91  THR A O   1 
ATOM   736  C  CB  . THR A 1 103 ? 5.231   -8.844  1.014   1.00 9.72  ? 91  THR A CB  1 
ATOM   737  O  OG1 . THR A 1 103 ? 4.036   -9.221  0.312   1.00 12.41 ? 91  THR A OG1 1 
ATOM   738  C  CG2 . THR A 1 103 ? 5.498   -9.848  2.183   1.00 8.95  ? 91  THR A CG2 1 
ATOM   739  N  N   . ILE A 1 104 ? 5.789   -6.467  -0.602  1.00 8.70  ? 92  ILE A N   1 
ATOM   740  C  CA  . ILE A 1 104 ? 5.663   -5.718  -1.840  1.00 9.57  ? 92  ILE A CA  1 
ATOM   741  C  C   . ILE A 1 104 ? 5.872   -6.765  -2.937  1.00 9.20  ? 92  ILE A C   1 
ATOM   742  O  O   . ILE A 1 104 ? 6.994   -7.024  -3.351  1.00 11.51 ? 92  ILE A O   1 
ATOM   743  C  CB  . ILE A 1 104 ? 6.728   -4.607  -1.892  1.00 11.37 ? 92  ILE A CB  1 
ATOM   744  C  CG1 . ILE A 1 104 ? 6.474   -3.634  -0.721  1.00 15.32 ? 92  ILE A CG1 1 
ATOM   745  C  CG2 . ILE A 1 104 ? 6.661   -3.871  -3.229  1.00 8.10  ? 92  ILE A CG2 1 
ATOM   746  C  CD1 . ILE A 1 104 ? 7.652   -2.709  -0.401  1.00 19.50 ? 92  ILE A CD1 1 
ATOM   747  N  N   . PRO A 1 105 ? 4.783   -7.409  -3.400  1.00 11.12 ? 93  PRO A N   1 
ATOM   748  C  CA  . PRO A 1 105 ? 4.948   -8.429  -4.445  1.00 10.63 ? 93  PRO A CA  1 
ATOM   749  C  C   . PRO A 1 105 ? 5.521   -7.894  -5.758  1.00 14.85 ? 93  PRO A C   1 
ATOM   750  O  O   . PRO A 1 105 ? 6.094   -8.655  -6.539  1.00 12.49 ? 93  PRO A O   1 
ATOM   751  C  CB  . PRO A 1 105 ? 3.527   -9.006  -4.606  1.00 13.06 ? 93  PRO A CB  1 
ATOM   752  C  CG  . PRO A 1 105 ? 2.637   -7.876  -4.194  1.00 12.39 ? 93  PRO A CG  1 
ATOM   753  C  CD  . PRO A 1 105 ? 3.372   -7.282  -3.000  1.00 9.55  ? 93  PRO A CD  1 
ATOM   754  N  N   . LYS A 1 106 ? 5.373   -6.596  -6.015  1.00 12.72 ? 94  LYS A N   1 
ATOM   755  C  CA  . LYS A 1 106 ? 5.944   -6.061  -7.252  1.00 13.11 ? 94  LYS A CA  1 
ATOM   756  C  C   . LYS A 1 106 ? 6.174   -4.556  -7.258  1.00 14.71 ? 94  LYS A C   1 
ATOM   757  O  O   . LYS A 1 106 ? 5.292   -3.776  -6.893  1.00 13.56 ? 94  LYS A O   1 
ATOM   758  C  CB  . LYS A 1 106 ? 5.036   -6.424  -8.432  1.00 20.82 ? 94  LYS A CB  1 
ATOM   759  C  CG  . LYS A 1 106 ? 5.624   -6.149  -9.822  1.00 25.37 ? 94  LYS A CG  1 
ATOM   760  C  CD  . LYS A 1 106 ? 6.808   -7.067  -10.065 1.00 29.57 ? 94  LYS A CD  1 
ATOM   761  C  CE  . LYS A 1 106 ? 6.355   -8.517  -10.070 1.00 31.74 ? 94  LYS A CE  1 
ATOM   762  N  NZ  . LYS A 1 106 ? 7.465   -9.413  -9.649  1.00 34.64 ? 94  LYS A NZ  1 
ATOM   763  N  N   . THR A 1 107 ? 7.376   -4.145  -7.639  1.00 12.67 ? 95  THR A N   1 
ATOM   764  C  CA  . THR A 1 107 ? 7.665   -2.727  -7.792  1.00 11.10 ? 95  THR A CA  1 
ATOM   765  C  C   . THR A 1 107 ? 8.732   -2.617  -8.888  1.00 15.45 ? 95  THR A C   1 
ATOM   766  O  O   . THR A 1 107 ? 9.445   -3.591  -9.150  1.00 12.17 ? 95  THR A O   1 
ATOM   767  C  CB  . THR A 1 107 ? 8.244   -2.081  -6.521  1.00 10.26 ? 95  THR A CB  1 
ATOM   768  O  OG1 . THR A 1 107 ? 8.555   -0.708  -6.813  1.00 11.54 ? 95  THR A OG1 1 
ATOM   769  C  CG2 . THR A 1 107 ? 9.541   -2.805  -6.070  1.00 12.64 ? 95  THR A CG2 1 
ATOM   770  N  N   . ASP A 1 108 ? 8.810   -1.466  -9.559  1.00 12.81 ? 96  ASP A N   1 
ATOM   771  C  CA  . ASP A 1 108 ? 9.871   -1.274  -10.537 1.00 14.50 ? 96  ASP A CA  1 
ATOM   772  C  C   . ASP A 1 108 ? 10.726  -0.102  -10.041 1.00 14.59 ? 96  ASP A C   1 
ATOM   773  O  O   . ASP A 1 108 ? 11.563  0.414   -10.770 1.00 14.95 ? 96  ASP A O   1 
ATOM   774  C  CB  . ASP A 1 108 ? 9.338   -1.009  -11.944 1.00 12.08 ? 96  ASP A CB  1 
ATOM   775  C  CG  . ASP A 1 108 ? 8.638   0.316   -12.073 1.00 15.20 ? 96  ASP A CG  1 
ATOM   776  O  OD1 . ASP A 1 108 ? 8.192   0.867   -11.055 1.00 18.13 ? 96  ASP A OD1 1 
ATOM   777  O  OD2 . ASP A 1 108 ? 8.512   0.802   -13.213 1.00 16.98 ? 96  ASP A OD2 1 
ATOM   778  N  N   . TYR A 1 109 ? 10.484  0.288   -8.785  1.00 12.02 ? 97  TYR A N   1 
ATOM   779  C  CA  . TYR A 1 109 ? 11.197  1.358   -8.091  1.00 12.08 ? 97  TYR A CA  1 
ATOM   780  C  C   . TYR A 1 109 ? 10.931  2.779   -8.622  1.00 11.87 ? 97  TYR A C   1 
ATOM   781  O  O   . TYR A 1 109 ? 10.669  3.701   -7.839  1.00 12.49 ? 97  TYR A O   1 
ATOM   782  C  CB  . TYR A 1 109 ? 12.729  1.093   -8.124  1.00 11.63 ? 97  TYR A CB  1 
ATOM   783  C  CG  . TYR A 1 109 ? 13.187  -0.265  -7.581  1.00 12.61 ? 97  TYR A CG  1 
ATOM   784  C  CD1 . TYR A 1 109 ? 13.006  -0.607  -6.234  1.00 16.28 ? 97  TYR A CD1 1 
ATOM   785  C  CD2 . TYR A 1 109 ? 13.841  -1.191  -8.411  1.00 14.39 ? 97  TYR A CD2 1 
ATOM   786  C  CE1 . TYR A 1 109 ? 13.460  -1.835  -5.721  1.00 16.88 ? 97  TYR A CE1 1 
ATOM   787  C  CE2 . TYR A 1 109 ? 14.316  -2.420  -7.901  1.00 17.07 ? 97  TYR A CE2 1 
ATOM   788  C  CZ  . TYR A 1 109 ? 14.116  -2.730  -6.553  1.00 19.56 ? 97  TYR A CZ  1 
ATOM   789  O  OH  . TYR A 1 109 ? 14.595  -3.910  -6.025  1.00 19.55 ? 97  TYR A OH  1 
ATOM   790  N  N   . ASP A 1 110 ? 11.036  2.947   -9.940  1.00 11.50 ? 98  ASP A N   1 
ATOM   791  C  CA  . ASP A 1 110 ? 10.874  4.253   -10.619 1.00 16.12 ? 98  ASP A CA  1 
ATOM   792  C  C   . ASP A 1 110 ? 9.487   4.737   -10.961 1.00 14.67 ? 98  ASP A C   1 
ATOM   793  O  O   . ASP A 1 110 ? 9.311   5.930   -11.211 1.00 17.06 ? 98  ASP A O   1 
ATOM   794  C  CB  . ASP A 1 110 ? 11.625  4.279   -11.934 1.00 20.78 ? 98  ASP A CB  1 
ATOM   795  C  CG  . ASP A 1 110 ? 13.052  4.007   -11.770 1.00 19.00 ? 98  ASP A CG  1 
ATOM   796  O  OD1 . ASP A 1 110 ? 13.602  4.451   -10.736 1.00 22.41 ? 98  ASP A OD1 1 
ATOM   797  O  OD2 . ASP A 1 110 ? 13.620  3.366   -12.672 1.00 22.68 ? 98  ASP A OD2 1 
ATOM   798  N  N   . ASN A 1 111 ? 8.518   3.827   -11.024 1.00 11.55 ? 99  ASN A N   1 
ATOM   799  C  CA  . ASN A 1 111 ? 7.152   4.209   -11.362 1.00 10.70 ? 99  ASN A CA  1 
ATOM   800  C  C   . ASN A 1 111 ? 6.109   3.733   -10.373 1.00 11.46 ? 99  ASN A C   1 
ATOM   801  O  O   . ASN A 1 111 ? 5.303   4.519   -9.894  1.00 12.88 ? 99  ASN A O   1 
ATOM   802  C  CB  . ASN A 1 111 ? 6.737   3.625   -12.724 1.00 16.31 ? 99  ASN A CB  1 
ATOM   803  C  CG  . ASN A 1 111 ? 7.358   4.344   -13.887 1.00 18.37 ? 99  ASN A CG  1 
ATOM   804  O  OD1 . ASN A 1 111 ? 7.027   5.498   -14.171 1.00 16.02 ? 99  ASN A OD1 1 
ATOM   805  N  ND2 . ASN A 1 111 ? 8.246   3.660   -14.586 1.00 15.65 ? 99  ASN A ND2 1 
ATOM   806  N  N   . PHE A 1 112 ? 6.093   2.428   -10.097 1.00 8.11  ? 100 PHE A N   1 
ATOM   807  C  CA  . PHE A 1 112 ? 5.034   1.910   -9.240  1.00 8.80  ? 100 PHE A CA  1 
ATOM   808  C  C   . PHE A 1 112 ? 5.522   0.976   -8.178  1.00 10.01 ? 100 PHE A C   1 
ATOM   809  O  O   . PHE A 1 112 ? 6.641   0.465   -8.243  1.00 5.94  ? 100 PHE A O   1 
ATOM   810  C  CB  . PHE A 1 112 ? 3.988   1.160   -10.091 1.00 12.42 ? 100 PHE A CB  1 
ATOM   811  C  CG  . PHE A 1 112 ? 4.505   -0.160  -10.675 1.00 11.58 ? 100 PHE A CG  1 
ATOM   812  C  CD1 . PHE A 1 112 ? 4.387   -1.353  -9.951  1.00 11.51 ? 100 PHE A CD1 1 
ATOM   813  C  CD2 . PHE A 1 112 ? 5.146   -0.195  -11.909 1.00 13.37 ? 100 PHE A CD2 1 
ATOM   814  C  CE1 . PHE A 1 112 ? 4.901   -2.572  -10.453 1.00 13.19 ? 100 PHE A CE1 1 
ATOM   815  C  CE2 . PHE A 1 112 ? 5.679   -1.408  -12.428 1.00 9.67  ? 100 PHE A CE2 1 
ATOM   816  C  CZ  . PHE A 1 112 ? 5.551   -2.605  -11.690 1.00 12.71 ? 100 PHE A CZ  1 
ATOM   817  N  N   . LEU A 1 113 ? 4.633   0.735   -7.216  1.00 12.64 ? 101 LEU A N   1 
ATOM   818  C  CA  . LEU A 1 113 ? 4.898   -0.162  -6.117  1.00 13.72 ? 101 LEU A CA  1 
ATOM   819  C  C   . LEU A 1 113 ? 3.524   -0.747  -5.748  1.00 11.14 ? 101 LEU A C   1 
ATOM   820  O  O   . LEU A 1 113 ? 2.538   -0.012  -5.575  1.00 7.53  ? 101 LEU A O   1 
ATOM   821  C  CB  . LEU A 1 113 ? 5.511   0.614   -4.945  1.00 9.19  ? 101 LEU A CB  1 
ATOM   822  C  CG  . LEU A 1 113 ? 6.004   -0.232  -3.757  1.00 15.98 ? 101 LEU A CG  1 
ATOM   823  C  CD1 . LEU A 1 113 ? 7.141   0.527   -3.057  1.00 12.67 ? 101 LEU A CD1 1 
ATOM   824  C  CD2 . LEU A 1 113 ? 4.868   -0.533  -2.795  1.00 9.71  ? 101 LEU A CD2 1 
ATOM   825  N  N   . MET A 1 114 ? 3.462   -2.068  -5.673  1.00 7.40  ? 102 MET A N   1 
ATOM   826  C  CA  . MET A 1 114 ? 2.227   -2.777  -5.334  1.00 10.00 ? 102 MET A CA  1 
ATOM   827  C  C   . MET A 1 114 ? 2.471   -3.481  -4.009  1.00 11.27 ? 102 MET A C   1 
ATOM   828  O  O   . MET A 1 114 ? 3.430   -4.233  -3.874  1.00 11.47 ? 102 MET A O   1 
ATOM   829  C  CB  . MET A 1 114 ? 1.902   -3.809  -6.422  1.00 10.98 ? 102 MET A CB  1 
ATOM   830  C  CG  . MET A 1 114 ? 1.616   -3.187  -7.807  1.00 11.04 ? 102 MET A CG  1 
ATOM   831  S  SD  . MET A 1 114 ? 1.246   -4.471  -9.047  1.00 13.26 ? 102 MET A SD  1 
ATOM   832  C  CE  . MET A 1 114 ? 1.200   -3.405  -10.604 1.00 6.81  ? 102 MET A CE  1 
ATOM   833  N  N   . ALA A 1 115 ? 1.612   -3.233  -3.029  1.00 8.37  ? 103 ALA A N   1 
ATOM   834  C  CA  . ALA A 1 115 ? 1.756   -3.849  -1.723  1.00 6.59  ? 103 ALA A CA  1 
ATOM   835  C  C   . ALA A 1 115 ? 0.586   -4.754  -1.414  1.00 11.46 ? 103 ALA A C   1 
ATOM   836  O  O   . ALA A 1 115 ? -0.546  -4.480  -1.843  1.00 11.12 ? 103 ALA A O   1 
ATOM   837  C  CB  . ALA A 1 115 ? 1.875   -2.734  -0.599  1.00 8.93  ? 103 ALA A CB  1 
ATOM   838  N  N   . HIS A 1 116 ? 0.849   -5.833  -0.666  1.00 9.73  ? 104 HIS A N   1 
ATOM   839  C  CA  . HIS A 1 116 ? -0.230  -6.745  -0.243  1.00 10.12 ? 104 HIS A CA  1 
ATOM   840  C  C   . HIS A 1 116 ? -0.156  -6.790  1.292   1.00 9.94  ? 104 HIS A C   1 
ATOM   841  O  O   . HIS A 1 116 ? 0.904   -7.105  1.872   1.00 8.92  ? 104 HIS A O   1 
ATOM   842  C  CB  . HIS A 1 116 ? -0.058  -8.163  -0.814  1.00 10.07 ? 104 HIS A CB  1 
ATOM   843  C  CG  . HIS A 1 116 ? -1.083  -9.139  -0.306  1.00 18.17 ? 104 HIS A CG  1 
ATOM   844  N  ND1 . HIS A 1 116 ? -0.856  -9.956  0.776   1.00 15.98 ? 104 HIS A ND1 1 
ATOM   845  C  CD2 . HIS A 1 116 ? -2.345  -9.419  -0.724  1.00 17.10 ? 104 HIS A CD2 1 
ATOM   846  C  CE1 . HIS A 1 116 ? -1.923  -10.705 0.998   1.00 21.66 ? 104 HIS A CE1 1 
ATOM   847  N  NE2 . HIS A 1 116 ? -2.842  -10.400 0.103   1.00 14.80 ? 104 HIS A NE2 1 
ATOM   848  N  N   . LEU A 1 117 ? -1.258  -6.444  1.949   1.00 10.61 ? 105 LEU A N   1 
ATOM   849  C  CA  . LEU A 1 117 ? -1.276  -6.401  3.397   1.00 9.21  ? 105 LEU A CA  1 
ATOM   850  C  C   . LEU A 1 117 ? -2.354  -7.294  3.990   1.00 12.57 ? 105 LEU A C   1 
ATOM   851  O  O   . LEU A 1 117 ? -3.424  -7.471  3.399   1.00 9.26  ? 105 LEU A O   1 
ATOM   852  C  CB  . LEU A 1 117 ? -1.490  -4.926  3.865   1.00 4.50  ? 105 LEU A CB  1 
ATOM   853  C  CG  . LEU A 1 117 ? -1.666  -4.605  5.377   1.00 13.33 ? 105 LEU A CG  1 
ATOM   854  C  CD1 . LEU A 1 117 ? -1.145  -3.180  5.661   1.00 14.13 ? 105 LEU A CD1 1 
ATOM   855  C  CD2 . LEU A 1 117 ? -3.135  -4.695  5.807   1.00 7.47  ? 105 LEU A CD2 1 
ATOM   856  N  N   . ILE A 1 118 ? -2.034  -7.880  5.144   1.00 8.14  ? 106 ILE A N   1 
ATOM   857  C  CA  . ILE A 1 118 ? -2.963  -8.685  5.921   1.00 10.03 ? 106 ILE A CA  1 
ATOM   858  C  C   . ILE A 1 118 ? -3.222  -7.966  7.247   1.00 10.63 ? 106 ILE A C   1 
ATOM   859  O  O   . ILE A 1 118 ? -2.298  -7.706  8.014   1.00 11.26 ? 106 ILE A O   1 
ATOM   860  C  CB  . ILE A 1 118 ? -2.428  -10.078 6.252   1.00 13.43 ? 106 ILE A CB  1 
ATOM   861  C  CG1 . ILE A 1 118 ? -2.229  -10.885 4.961   1.00 6.56  ? 106 ILE A CG1 1 
ATOM   862  C  CG2 . ILE A 1 118 ? -3.480  -10.843 7.137   1.00 9.35  ? 106 ILE A CG2 1 
ATOM   863  C  CD1 . ILE A 1 118 ? -3.519  -11.077 4.181   1.00 12.79 ? 106 ILE A CD1 1 
ATOM   864  N  N   . ASN A 1 119 ? -4.475  -7.626  7.514   1.00 10.54 ? 107 ASN A N   1 
ATOM   865  C  CA  . ASN A 1 119 ? -4.823  -6.996  8.795   1.00 8.35  ? 107 ASN A CA  1 
ATOM   866  C  C   . ASN A 1 119 ? -5.531  -7.996  9.709   1.00 11.76 ? 107 ASN A C   1 
ATOM   867  O  O   . ASN A 1 119 ? -6.309  -8.834  9.241   1.00 5.26  ? 107 ASN A O   1 
ATOM   868  C  CB  . ASN A 1 119 ? -5.755  -5.798  8.582   1.00 10.75 ? 107 ASN A CB  1 
ATOM   869  C  CG  . ASN A 1 119 ? -6.340  -5.285  9.887   1.00 13.45 ? 107 ASN A CG  1 
ATOM   870  O  OD1 . ASN A 1 119 ? -7.373  -5.788  10.363  1.00 13.59 ? 107 ASN A OD1 1 
ATOM   871  N  ND2 . ASN A 1 119 ? -5.680  -4.282  10.481  1.00 11.15 ? 107 ASN A ND2 1 
ATOM   872  N  N   . GLU A 1 120 ? -5.255  -7.935  11.006  1.00 7.84  ? 108 GLU A N   1 
ATOM   873  C  CA  . GLU A 1 120 ? -5.935  -8.823  11.946  1.00 11.82 ? 108 GLU A CA  1 
ATOM   874  C  C   . GLU A 1 120 ? -6.456  -7.938  13.089  1.00 12.96 ? 108 GLU A C   1 
ATOM   875  O  O   . GLU A 1 120 ? -5.682  -7.205  13.730  1.00 13.64 ? 108 GLU A O   1 
ATOM   876  C  CB  . GLU A 1 120 ? -4.975  -9.921  12.467  1.00 12.70 ? 108 GLU A CB  1 
ATOM   877  C  CG  . GLU A 1 120 ? -4.421  -10.755 11.320  1.00 18.39 ? 108 GLU A CG  1 
ATOM   878  C  CD  . GLU A 1 120 ? -3.486  -11.865 11.748  1.00 18.41 ? 108 GLU A CD  1 
ATOM   879  O  OE1 . GLU A 1 120 ? -2.817  -11.745 12.783  1.00 21.60 ? 108 GLU A OE1 1 
ATOM   880  O  OE2 . GLU A 1 120 ? -3.405  -12.866 11.014  1.00 27.15 ? 108 GLU A OE2 1 
ATOM   881  N  N   . LYS A 1 121 ? -7.763  -7.993  13.324  1.00 11.78 ? 109 LYS A N   1 
ATOM   882  C  CA  . LYS A 1 121 ? -8.388  -7.173  14.366  1.00 14.23 ? 109 LYS A CA  1 
ATOM   883  C  C   . LYS A 1 121 ? -9.578  -7.904  14.973  1.00 13.73 ? 109 LYS A C   1 
ATOM   884  O  O   . LYS A 1 121 ? -10.415 -8.448  14.256  1.00 13.20 ? 109 LYS A O   1 
ATOM   885  C  CB  . LYS A 1 121 ? -8.864  -5.825  13.766  1.00 10.24 ? 109 LYS A CB  1 
ATOM   886  C  CG  . LYS A 1 121 ? -9.461  -4.836  14.772  1.00 11.05 ? 109 LYS A CG  1 
ATOM   887  C  CD  . LYS A 1 121 ? -10.050 -3.632  14.018  1.00 20.45 ? 109 LYS A CD  1 
ATOM   888  C  CE  . LYS A 1 121 ? -10.940 -2.760  14.892  1.00 27.45 ? 109 LYS A CE  1 
ATOM   889  N  NZ  . LYS A 1 121 ? -10.144 -2.168  16.001  1.00 36.45 ? 109 LYS A NZ  1 
ATOM   890  N  N   . ASP A 1 122 ? -9.631  -7.955  16.299  1.00 10.22 ? 110 ASP A N   1 
ATOM   891  C  CA  . ASP A 1 122 ? -10.736 -8.624  16.981  1.00 11.43 ? 110 ASP A CA  1 
ATOM   892  C  C   . ASP A 1 122 ? -10.964 -10.061 16.550  1.00 11.19 ? 110 ASP A C   1 
ATOM   893  O  O   . ASP A 1 122 ? -12.106 -10.540 16.479  1.00 11.42 ? 110 ASP A O   1 
ATOM   894  C  CB  . ASP A 1 122 ? -12.003 -7.800  16.771  1.00 12.68 ? 110 ASP A CB  1 
ATOM   895  C  CG  . ASP A 1 122 ? -11.887 -6.461  17.436  1.00 17.06 ? 110 ASP A CG  1 
ATOM   896  O  OD1 . ASP A 1 122 ? -12.289 -5.434  16.851  1.00 26.03 ? 110 ASP A OD1 1 
ATOM   897  O  OD2 . ASP A 1 122 ? -11.367 -6.452  18.567  1.00 22.84 ? 110 ASP A OD2 1 
ATOM   898  N  N   . GLY A 1 123 ? -9.875  -10.749 16.263  1.00 7.58  ? 111 GLY A N   1 
ATOM   899  C  CA  . GLY A 1 123 ? -9.975  -12.144 15.879  1.00 6.61  ? 111 GLY A CA  1 
ATOM   900  C  C   . GLY A 1 123 ? -10.362 -12.372 14.430  1.00 10.98 ? 111 GLY A C   1 
ATOM   901  O  O   . GLY A 1 123 ? -10.542 -13.516 14.035  1.00 8.71  ? 111 GLY A O   1 
ATOM   902  N  N   . GLU A 1 124 ? -10.495 -11.300 13.650  1.00 9.10  ? 112 GLU A N   1 
ATOM   903  C  CA  . GLU A 1 124 ? -10.858 -11.409 12.227  1.00 12.84 ? 112 GLU A CA  1 
ATOM   904  C  C   . GLU A 1 124 ? -9.677  -11.054 11.321  1.00 13.06 ? 112 GLU A C   1 
ATOM   905  O  O   . GLU A 1 124 ? -8.564  -10.777 11.791  1.00 13.24 ? 112 GLU A O   1 
ATOM   906  C  CB  . GLU A 1 124 ? -12.019 -10.453 11.874  1.00 16.58 ? 112 GLU A CB  1 
ATOM   907  C  CG  . GLU A 1 124 ? -13.310 -10.690 12.661  1.00 25.85 ? 112 GLU A CG  1 
ATOM   908  C  CD  . GLU A 1 124 ? -14.494 -9.908  12.081  1.00 36.33 ? 112 GLU A CD  1 
ATOM   909  O  OE1 . GLU A 1 124 ? -14.351 -8.685  11.830  1.00 36.51 ? 112 GLU A OE1 1 
ATOM   910  O  OE2 . GLU A 1 124 ? -15.578 -10.516 11.873  1.00 43.65 ? 112 GLU A OE2 1 
ATOM   911  N  N   . THR A 1 125 ? -9.914  -11.030 10.013  1.00 8.38  ? 113 THR A N   1 
ATOM   912  C  CA  . THR A 1 125 ? -8.828  -10.666 9.112   1.00 12.88 ? 113 THR A CA  1 
ATOM   913  C  C   . THR A 1 125 ? -9.357  -10.143 7.804   1.00 14.19 ? 113 THR A C   1 
ATOM   914  O  O   . THR A 1 125 ? -10.547 -10.290 7.513   1.00 11.08 ? 113 THR A O   1 
ATOM   915  C  CB  . THR A 1 125 ? -7.926  -11.892 8.787   1.00 17.67 ? 113 THR A CB  1 
ATOM   916  O  OG1 . THR A 1 125 ? -6.728  -11.448 8.125   1.00 17.13 ? 113 THR A OG1 1 
ATOM   917  C  CG2 . THR A 1 125 ? -8.655  -12.857 7.867   1.00 13.23 ? 113 THR A CG2 1 
ATOM   918  N  N   . PHE A 1 126 ? -8.496  -9.470  7.037   1.00 12.16 ? 114 PHE A N   1 
ATOM   919  C  CA  . PHE A 1 126 ? -8.908  -9.035  5.703   1.00 10.61 ? 114 PHE A CA  1 
ATOM   920  C  C   . PHE A 1 126 ? -7.658  -8.680  4.906   1.00 13.27 ? 114 PHE A C   1 
ATOM   921  O  O   . PHE A 1 126 ? -6.584  -8.464  5.492   1.00 11.38 ? 114 PHE A O   1 
ATOM   922  C  CB  . PHE A 1 126 ? -9.950  -7.899  5.746   1.00 10.37 ? 114 PHE A CB  1 
ATOM   923  C  CG  . PHE A 1 126 ? -9.406  -6.550  6.107   1.00 12.40 ? 114 PHE A CG  1 
ATOM   924  C  CD1 . PHE A 1 126 ? -8.762  -5.760  5.149   1.00 18.00 ? 114 PHE A CD1 1 
ATOM   925  C  CD2 . PHE A 1 126 ? -9.501  -6.083  7.397   1.00 11.58 ? 114 PHE A CD2 1 
ATOM   926  C  CE1 . PHE A 1 126 ? -8.224  -4.535  5.493   1.00 14.98 ? 114 PHE A CE1 1 
ATOM   927  C  CE2 . PHE A 1 126 ? -8.962  -4.855  7.743   1.00 15.60 ? 114 PHE A CE2 1 
ATOM   928  C  CZ  . PHE A 1 126 ? -8.323  -4.087  6.782   1.00 16.72 ? 114 PHE A CZ  1 
ATOM   929  N  N   . GLN A 1 127 ? -7.771  -8.705  3.579   1.00 9.65  ? 115 GLN A N   1 
ATOM   930  C  CA  . GLN A 1 127 ? -6.640  -8.368  2.709   1.00 8.82  ? 115 GLN A CA  1 
ATOM   931  C  C   . GLN A 1 127 ? -6.809  -6.963  2.146   1.00 12.92 ? 115 GLN A C   1 
ATOM   932  O  O   . GLN A 1 127 ? -7.919  -6.539  1.836   1.00 12.77 ? 115 GLN A O   1 
ATOM   933  C  CB  . GLN A 1 127 ? -6.568  -9.278  1.486   1.00 10.93 ? 115 GLN A CB  1 
ATOM   934  C  CG  . GLN A 1 127 ? -6.638  -10.728 1.725   1.00 9.01  ? 115 GLN A CG  1 
ATOM   935  C  CD  . GLN A 1 127 ? -6.482  -11.475 0.430   1.00 14.50 ? 115 GLN A CD  1 
ATOM   936  O  OE1 . GLN A 1 127 ? -7.478  -11.885 -0.202  1.00 19.33 ? 115 GLN A OE1 1 
ATOM   937  N  NE2 . GLN A 1 127 ? -5.233  -11.645 0.001   1.00 9.21  ? 115 GLN A NE2 1 
ATOM   938  N  N   . LEU A 1 128 ? -5.694  -6.272  1.957   1.00 10.36 ? 116 LEU A N   1 
ATOM   939  C  CA  . LEU A 1 128 ? -5.707  -4.940  1.393   1.00 13.95 ? 116 LEU A CA  1 
ATOM   940  C  C   . LEU A 1 128 ? -4.562  -4.943  0.389   1.00 14.30 ? 116 LEU A C   1 
ATOM   941  O  O   . LEU A 1 128 ? -3.484  -5.447  0.689   1.00 11.05 ? 116 LEU A O   1 
ATOM   942  C  CB  . LEU A 1 128 ? -5.439  -3.896  2.495   1.00 10.60 ? 116 LEU A CB  1 
ATOM   943  C  CG  . LEU A 1 128 ? -5.072  -2.401  2.292   1.00 24.44 ? 116 LEU A CG  1 
ATOM   944  C  CD1 . LEU A 1 128 ? -4.119  -2.262  1.141   1.00 22.74 ? 116 LEU A CD1 1 
ATOM   945  C  CD2 . LEU A 1 128 ? -6.289  -1.517  2.071   1.00 20.61 ? 116 LEU A CD2 1 
ATOM   946  N  N   . MET A 1 129 ? -4.801  -4.401  -0.801  1.00 7.19  ? 117 MET A N   1 
ATOM   947  C  CA  . MET A 1 129 ? -3.746  -4.282  -1.795  1.00 13.55 ? 117 MET A CA  1 
ATOM   948  C  C   . MET A 1 129 ? -3.694  -2.827  -2.184  1.00 14.28 ? 117 MET A C   1 
ATOM   949  O  O   . MET A 1 129 ? -4.735  -2.157  -2.256  1.00 11.64 ? 117 MET A O   1 
ATOM   950  C  CB  . MET A 1 129 ? -4.027  -5.152  -3.027  1.00 10.98 ? 117 MET A CB  1 
ATOM   951  C  CG  . MET A 1 129 ? -4.291  -6.592  -2.630  1.00 27.05 ? 117 MET A CG  1 
ATOM   952  S  SD  . MET A 1 129 ? -3.640  -7.793  -3.795  1.00 31.51 ? 117 MET A SD  1 
ATOM   953  C  CE  . MET A 1 129 ? -1.891  -7.360  -3.575  1.00 16.99 ? 117 MET A CE  1 
ATOM   954  N  N   . GLY A 1 130 ? -2.487  -2.331  -2.413  1.00 13.89 ? 118 GLY A N   1 
ATOM   955  C  CA  . GLY A 1 130 ? -2.354  -0.949  -2.779  1.00 12.85 ? 118 GLY A CA  1 
ATOM   956  C  C   . GLY A 1 130 ? -1.399  -0.755  -3.944  1.00 13.29 ? 118 GLY A C   1 
ATOM   957  O  O   . GLY A 1 130 ? -0.402  -1.477  -4.067  1.00 10.82 ? 118 GLY A O   1 
ATOM   958  N  N   . LEU A 1 131 ? -1.742  0.198   -4.814  1.00 10.26 ? 119 LEU A N   1 
ATOM   959  C  CA  . LEU A 1 131 ? -0.921  0.574   -5.970  1.00 8.11  ? 119 LEU A CA  1 
ATOM   960  C  C   . LEU A 1 131 ? -0.474  2.013   -5.692  1.00 12.77 ? 119 LEU A C   1 
ATOM   961  O  O   . LEU A 1 131 ? -1.307  2.918   -5.505  1.00 10.87 ? 119 LEU A O   1 
ATOM   962  C  CB  . LEU A 1 131 ? -1.747  0.543   -7.254  1.00 7.83  ? 119 LEU A CB  1 
ATOM   963  C  CG  . LEU A 1 131 ? -0.991  0.980   -8.517  1.00 8.93  ? 119 LEU A CG  1 
ATOM   964  C  CD1 . LEU A 1 131 ? 0.244   0.048   -8.757  1.00 7.46  ? 119 LEU A CD1 1 
ATOM   965  C  CD2 . LEU A 1 131 ? -1.973  0.976   -9.694  1.00 6.26  ? 119 LEU A CD2 1 
ATOM   966  N  N   . TYR A 1 132 ? 0.832   2.223   -5.631  1.00 11.24 ? 120 TYR A N   1 
ATOM   967  C  CA  . TYR A 1 132 ? 1.395   3.538   -5.346  1.00 10.24 ? 120 TYR A CA  1 
ATOM   968  C  C   . TYR A 1 132 ? 2.270   3.942   -6.526  1.00 12.13 ? 120 TYR A C   1 
ATOM   969  O  O   . TYR A 1 132 ? 2.887   3.089   -7.156  1.00 8.16  ? 120 TYR A O   1 
ATOM   970  C  CB  . TYR A 1 132 ? 2.241   3.468   -4.070  1.00 9.86  ? 120 TYR A CB  1 
ATOM   971  C  CG  . TYR A 1 132 ? 1.459   2.914   -2.893  1.00 10.36 ? 120 TYR A CG  1 
ATOM   972  C  CD1 . TYR A 1 132 ? 0.636   3.736   -2.138  1.00 6.34  ? 120 TYR A CD1 1 
ATOM   973  C  CD2 . TYR A 1 132 ? 1.429   1.543   -2.639  1.00 9.04  ? 120 TYR A CD2 1 
ATOM   974  C  CE1 . TYR A 1 132 ? -0.222  3.217   -1.171  1.00 9.61  ? 120 TYR A CE1 1 
ATOM   975  C  CE2 . TYR A 1 132 ? 0.580   0.999   -1.654  1.00 7.14  ? 120 TYR A CE2 1 
ATOM   976  C  CZ  . TYR A 1 132 ? -0.249  1.859   -0.928  1.00 13.10 ? 120 TYR A CZ  1 
ATOM   977  O  OH  . TYR A 1 132 ? -1.086  1.372   0.053   1.00 14.66 ? 120 TYR A OH  1 
ATOM   978  N  N   . GLY A 1 133 ? 2.304   5.233   -6.840  1.00 11.23 ? 121 GLY A N   1 
ATOM   979  C  CA  . GLY A 1 133 ? 3.137   5.667   -7.939  1.00 9.04  ? 121 GLY A CA  1 
ATOM   980  C  C   . GLY A 1 133 ? 4.032   6.812   -7.533  1.00 10.20 ? 121 GLY A C   1 
ATOM   981  O  O   . GLY A 1 133 ? 3.732   7.534   -6.580  1.00 11.95 ? 121 GLY A O   1 
ATOM   982  N  N   . ARG A 1 134 ? 5.153   6.952   -8.232  1.00 7.04  ? 122 ARG A N   1 
ATOM   983  C  CA  . ARG A 1 134 ? 6.076   8.052   -7.979  1.00 10.37 ? 122 ARG A CA  1 
ATOM   984  C  C   . ARG A 1 134 ? 5.415   9.402   -8.306  1.00 13.82 ? 122 ARG A C   1 
ATOM   985  O  O   . ARG A 1 134 ? 5.735   10.404  -7.668  1.00 14.73 ? 122 ARG A O   1 
ATOM   986  C  CB  . ARG A 1 134 ? 7.362   7.880   -8.809  1.00 9.17  ? 122 ARG A CB  1 
ATOM   987  C  CG  . ARG A 1 134 ? 8.216   6.682   -8.306  1.00 7.00  ? 122 ARG A CG  1 
ATOM   988  C  CD  . ARG A 1 134 ? 8.605   6.818   -6.834  1.00 7.05  ? 122 ARG A CD  1 
ATOM   989  N  NE  . ARG A 1 134 ? 9.758   5.959   -6.516  1.00 5.35  ? 122 ARG A NE  1 
ATOM   990  C  CZ  . ARG A 1 134 ? 10.499  6.048   -5.407  1.00 12.19 ? 122 ARG A CZ  1 
ATOM   991  N  NH1 . ARG A 1 134 ? 10.228  6.952   -4.456  1.00 6.77  ? 122 ARG A NH1 1 
ATOM   992  N  NH2 . ARG A 1 134 ? 11.546  5.251   -5.269  1.00 5.65  ? 122 ARG A NH2 1 
ATOM   993  N  N   . GLU A 1 135 ? 4.516   9.425   -9.301  1.00 8.22  ? 123 GLU A N   1 
ATOM   994  C  CA  . GLU A 1 135 ? 3.756   10.651  -9.643  1.00 10.18 ? 123 GLU A CA  1 
ATOM   995  C  C   . GLU A 1 135 ? 2.355   10.434  -9.089  1.00 10.79 ? 123 GLU A C   1 
ATOM   996  O  O   . GLU A 1 135 ? 2.058   9.342   -8.602  1.00 11.02 ? 123 GLU A O   1 
ATOM   997  C  CB  . GLU A 1 135 ? 3.633   10.856  -11.157 1.00 10.49 ? 123 GLU A CB  1 
ATOM   998  C  CG  . GLU A 1 135 ? 4.950   10.975  -11.871 1.00 11.99 ? 123 GLU A CG  1 
ATOM   999  C  CD  . GLU A 1 135 ? 4.818   11.574  -13.254 1.00 14.71 ? 123 GLU A CD  1 
ATOM   1000 O  OE1 . GLU A 1 135 ? 3.693   11.557  -13.829 1.00 16.81 ? 123 GLU A OE1 1 
ATOM   1001 O  OE2 . GLU A 1 135 ? 5.852   12.055  -13.772 1.00 17.69 ? 123 GLU A OE2 1 
ATOM   1002 N  N   . PRO A 1 136 ? 1.482   11.469  -9.134  1.00 11.68 ? 124 PRO A N   1 
ATOM   1003 C  CA  . PRO A 1 136 ? 0.115   11.326  -8.616  1.00 11.92 ? 124 PRO A CA  1 
ATOM   1004 C  C   . PRO A 1 136 ? -0.814  10.395  -9.409  1.00 13.37 ? 124 PRO A C   1 
ATOM   1005 O  O   . PRO A 1 136 ? -1.958  10.192  -9.019  1.00 14.22 ? 124 PRO A O   1 
ATOM   1006 C  CB  . PRO A 1 136 ? -0.414  12.769  -8.588  1.00 15.21 ? 124 PRO A CB  1 
ATOM   1007 C  CG  . PRO A 1 136 ? 0.810   13.586  -8.388  1.00 12.61 ? 124 PRO A CG  1 
ATOM   1008 C  CD  . PRO A 1 136 ? 1.809   12.895  -9.336  1.00 9.41  ? 124 PRO A CD  1 
ATOM   1009 N  N   . ASP A 1 137 ? -0.348  9.851   -10.530 1.00 13.03 ? 125 ASP A N   1 
ATOM   1010 C  CA  . ASP A 1 137 ? -1.173  8.912   -11.289 1.00 12.08 ? 125 ASP A CA  1 
ATOM   1011 C  C   . ASP A 1 137 ? -0.223  7.965   -11.989 1.00 11.37 ? 125 ASP A C   1 
ATOM   1012 O  O   . ASP A 1 137 ? 0.987   8.198   -11.989 1.00 12.64 ? 125 ASP A O   1 
ATOM   1013 C  CB  . ASP A 1 137 ? -2.047  9.643   -12.323 1.00 13.43 ? 125 ASP A CB  1 
ATOM   1014 C  CG  . ASP A 1 137 ? -3.255  8.820   -12.763 1.00 18.02 ? 125 ASP A CG  1 
ATOM   1015 O  OD1 . ASP A 1 137 ? -3.442  7.683   -12.268 1.00 15.28 ? 125 ASP A OD1 1 
ATOM   1016 O  OD2 . ASP A 1 137 ? -4.025  9.318   -13.610 1.00 17.28 ? 125 ASP A OD2 1 
ATOM   1017 N  N   . LEU A 1 138 ? -0.773  6.913   -12.593 1.00 12.59 ? 126 LEU A N   1 
ATOM   1018 C  CA  . LEU A 1 138 ? 0.016   5.903   -13.311 1.00 14.69 ? 126 LEU A CA  1 
ATOM   1019 C  C   . LEU A 1 138 ? -0.715  5.578   -14.601 1.00 13.97 ? 126 LEU A C   1 
ATOM   1020 O  O   . LEU A 1 138 ? -1.871  5.927   -14.756 1.00 12.52 ? 126 LEU A O   1 
ATOM   1021 C  CB  . LEU A 1 138 ? 0.141   4.626   -12.460 1.00 9.44  ? 126 LEU A CB  1 
ATOM   1022 C  CG  . LEU A 1 138 ? 1.183   4.659   -11.350 1.00 7.05  ? 126 LEU A CG  1 
ATOM   1023 C  CD1 . LEU A 1 138 ? 0.983   3.480   -10.370 1.00 8.04  ? 126 LEU A CD1 1 
ATOM   1024 C  CD2 . LEU A 1 138 ? 2.555   4.607   -11.992 1.00 10.19 ? 126 LEU A CD2 1 
ATOM   1025 N  N   . SER A 1 139 ? -0.046  4.892   -15.519 1.00 16.18 ? 127 SER A N   1 
ATOM   1026 C  CA  . SER A 1 139 ? -0.662  4.551   -16.792 1.00 16.23 ? 127 SER A CA  1 
ATOM   1027 C  C   . SER A 1 139 ? -1.732  3.483   -16.624 1.00 18.20 ? 127 SER A C   1 
ATOM   1028 O  O   . SER A 1 139 ? -1.730  2.697   -15.657 1.00 13.24 ? 127 SER A O   1 
ATOM   1029 C  CB  . SER A 1 139 ? 0.410   4.072   -17.785 1.00 12.59 ? 127 SER A CB  1 
ATOM   1030 O  OG  . SER A 1 139 ? 0.986   2.861   -17.317 1.00 16.08 ? 127 SER A OG  1 
ATOM   1031 N  N   . SER A 1 140 ? -2.651  3.448   -17.580 1.00 13.17 ? 128 SER A N   1 
ATOM   1032 C  CA  . SER A 1 140 ? -3.720  2.475   -17.541 1.00 17.21 ? 128 SER A CA  1 
ATOM   1033 C  C   . SER A 1 140 ? -3.148  1.065   -17.624 1.00 15.21 ? 128 SER A C   1 
ATOM   1034 O  O   . SER A 1 140 ? -3.733  0.137   -17.061 1.00 16.83 ? 128 SER A O   1 
ATOM   1035 C  CB  . SER A 1 140 ? -4.722  2.753   -18.679 1.00 19.72 ? 128 SER A CB  1 
ATOM   1036 O  OG  . SER A 1 140 ? -4.034  2.765   -19.898 1.00 21.94 ? 128 SER A OG  1 
ATOM   1037 N  N   . ASP A 1 141 ? -2.003  0.897   -18.298 1.00 13.98 ? 129 ASP A N   1 
ATOM   1038 C  CA  . ASP A 1 141 ? -1.345  -0.421  -18.395 1.00 15.44 ? 129 ASP A CA  1 
ATOM   1039 C  C   . ASP A 1 141 ? -0.906  -0.922  -17.004 1.00 19.87 ? 129 ASP A C   1 
ATOM   1040 O  O   . ASP A 1 141 ? -1.083  -2.112  -16.672 1.00 17.82 ? 129 ASP A O   1 
ATOM   1041 C  CB  . ASP A 1 141 ? -0.092  -0.376  -19.284 1.00 24.52 ? 129 ASP A CB  1 
ATOM   1042 C  CG  . ASP A 1 141 ? -0.419  -0.362  -20.767 1.00 35.02 ? 129 ASP A CG  1 
ATOM   1043 O  OD1 . ASP A 1 141 ? -1.581  -0.663  -21.120 1.00 40.31 ? 129 ASP A OD1 1 
ATOM   1044 O  OD2 . ASP A 1 141 ? 0.488   -0.063  -21.586 1.00 37.83 ? 129 ASP A OD2 1 
ATOM   1045 N  N   . ILE A 1 142 ? -0.306  -0.032  -16.210 1.00 14.52 ? 130 ILE A N   1 
ATOM   1046 C  CA  . ILE A 1 142 ? 0.117   -0.379  -14.857 1.00 10.70 ? 130 ILE A CA  1 
ATOM   1047 C  C   . ILE A 1 142 ? -1.124  -0.628  -13.997 1.00 12.52 ? 130 ILE A C   1 
ATOM   1048 O  O   . ILE A 1 142 ? -1.120  -1.507  -13.133 1.00 12.07 ? 130 ILE A O   1 
ATOM   1049 C  CB  . ILE A 1 142 ? 0.978   0.739   -14.179 1.00 13.27 ? 130 ILE A CB  1 
ATOM   1050 C  CG1 . ILE A 1 142 ? 2.341   0.900   -14.884 1.00 16.25 ? 130 ILE A CG1 1 
ATOM   1051 C  CG2 . ILE A 1 142 ? 1.204   0.393   -12.719 1.00 7.17  ? 130 ILE A CG2 1 
ATOM   1052 C  CD1 . ILE A 1 142 ? 3.038   -0.423  -15.154 1.00 17.80 ? 130 ILE A CD1 1 
ATOM   1053 N  N   . LYS A 1 143 ? -2.198  0.121   -14.235 1.00 12.83 ? 131 LYS A N   1 
ATOM   1054 C  CA  . LYS A 1 143 ? -3.419  -0.097  -13.454 1.00 11.09 ? 131 LYS A CA  1 
ATOM   1055 C  C   . LYS A 1 143 ? -4.027  -1.461  -13.741 1.00 14.57 ? 131 LYS A C   1 
ATOM   1056 O  O   . LYS A 1 143 ? -4.571  -2.116  -12.834 1.00 11.28 ? 131 LYS A O   1 
ATOM   1057 C  CB  . LYS A 1 143 ? -4.455  0.991   -13.720 1.00 11.62 ? 131 LYS A CB  1 
ATOM   1058 C  CG  . LYS A 1 143 ? -4.073  2.329   -13.115 1.00 11.02 ? 131 LYS A CG  1 
ATOM   1059 C  CD  . LYS A 1 143 ? -5.143  3.399   -13.334 1.00 12.75 ? 131 LYS A CD  1 
ATOM   1060 C  CE  . LYS A 1 143 ? -4.588  4.749   -12.867 1.00 12.76 ? 131 LYS A CE  1 
ATOM   1061 N  NZ  . LYS A 1 143 ? -5.614  5.851   -12.885 1.00 13.87 ? 131 LYS A NZ  1 
ATOM   1062 N  N   . GLU A 1 144 ? -3.944  -1.889  -15.000 1.00 11.94 ? 132 GLU A N   1 
ATOM   1063 C  CA  . GLU A 1 144 ? -4.470  -3.197  -15.409 1.00 11.75 ? 132 GLU A CA  1 
ATOM   1064 C  C   . GLU A 1 144 ? -3.592  -4.304  -14.785 1.00 13.20 ? 132 GLU A C   1 
ATOM   1065 O  O   . GLU A 1 144 ? -4.101  -5.311  -14.295 1.00 11.40 ? 132 GLU A O   1 
ATOM   1066 C  CB  . GLU A 1 144 ? -4.469  -3.311  -16.944 1.00 15.74 ? 132 GLU A CB  1 
ATOM   1067 C  CG  . GLU A 1 144 ? -4.943  -4.647  -17.509 1.00 15.89 ? 132 GLU A CG  1 
ATOM   1068 C  CD  . GLU A 1 144 ? -6.324  -5.065  -17.028 1.00 18.77 ? 132 GLU A CD  1 
ATOM   1069 O  OE1 . GLU A 1 144 ? -7.097  -4.196  -16.547 1.00 17.06 ? 132 GLU A OE1 1 
ATOM   1070 O  OE2 . GLU A 1 144 ? -6.637  -6.278  -17.144 1.00 15.67 ? 132 GLU A OE2 1 
ATOM   1071 N  N   . ARG A 1 145 ? -2.275  -4.117  -14.789 1.00 9.63  ? 133 ARG A N   1 
ATOM   1072 C  CA  . ARG A 1 145 ? -1.391  -5.105  -14.171 1.00 10.70 ? 133 ARG A CA  1 
ATOM   1073 C  C   . ARG A 1 145 ? -1.755  -5.235  -12.681 1.00 12.96 ? 133 ARG A C   1 
ATOM   1074 O  O   . ARG A 1 145 ? -1.702  -6.330  -12.117 1.00 8.49  ? 133 ARG A O   1 
ATOM   1075 C  CB  . ARG A 1 145 ? 0.087   -4.704  -14.310 1.00 14.69 ? 133 ARG A CB  1 
ATOM   1076 C  CG  . ARG A 1 145 ? 0.654   -4.773  -15.733 1.00 19.88 ? 133 ARG A CG  1 
ATOM   1077 C  CD  . ARG A 1 145 ? 2.164   -4.437  -15.699 1.00 23.05 ? 133 ARG A CD  1 
ATOM   1078 N  NE  . ARG A 1 145 ? 2.931   -5.478  -15.014 1.00 27.06 ? 133 ARG A NE  1 
ATOM   1079 C  CZ  . ARG A 1 145 ? 4.208   -5.359  -14.669 1.00 27.06 ? 133 ARG A CZ  1 
ATOM   1080 N  NH1 . ARG A 1 145 ? 4.863   -4.239  -14.941 1.00 20.32 ? 133 ARG A NH1 1 
ATOM   1081 N  NH2 . ARG A 1 145 ? 4.830   -6.360  -14.051 1.00 25.87 ? 133 ARG A NH2 1 
ATOM   1082 N  N   . PHE A 1 146 ? -2.150  -4.127  -12.054 1.00 10.51 ? 134 PHE A N   1 
ATOM   1083 C  CA  . PHE A 1 146 ? -2.552  -4.158  -10.650 1.00 9.90  ? 134 PHE A CA  1 
ATOM   1084 C  C   . PHE A 1 146 ? -3.884  -4.913  -10.488 1.00 11.37 ? 134 PHE A C   1 
ATOM   1085 O  O   . PHE A 1 146 ? -4.068  -5.642  -9.525  1.00 11.06 ? 134 PHE A O   1 
ATOM   1086 C  CB  . PHE A 1 146 ? -2.714  -2.750  -10.077 1.00 6.13  ? 134 PHE A CB  1 
ATOM   1087 C  CG  . PHE A 1 146 ? -3.077  -2.748  -8.612  1.00 8.49  ? 134 PHE A CG  1 
ATOM   1088 C  CD1 . PHE A 1 146 ? -2.160  -3.200  -7.661  1.00 10.03 ? 134 PHE A CD1 1 
ATOM   1089 C  CD2 . PHE A 1 146 ? -4.316  -2.262  -8.185  1.00 7.18  ? 134 PHE A CD2 1 
ATOM   1090 C  CE1 . PHE A 1 146 ? -2.461  -3.163  -6.286  1.00 8.05  ? 134 PHE A CE1 1 
ATOM   1091 C  CE2 . PHE A 1 146 ? -4.639  -2.217  -6.800  1.00 10.42 ? 134 PHE A CE2 1 
ATOM   1092 C  CZ  . PHE A 1 146 ? -3.709  -2.666  -5.860  1.00 9.84  ? 134 PHE A CZ  1 
ATOM   1093 N  N   . ALA A 1 147 ? -4.818  -4.724  -11.417 1.00 10.86 ? 135 ALA A N   1 
ATOM   1094 C  CA  . ALA A 1 147 ? -6.103  -5.442  -11.366 1.00 10.35 ? 135 ALA A CA  1 
ATOM   1095 C  C   . ALA A 1 147 ? -5.861  -6.954  -11.462 1.00 13.55 ? 135 ALA A C   1 
ATOM   1096 O  O   . ALA A 1 147 ? -6.533  -7.722  -10.776 1.00 7.26  ? 135 ALA A O   1 
ATOM   1097 C  CB  . ALA A 1 147 ? -7.031  -4.981  -12.504 1.00 11.55 ? 135 ALA A CB  1 
ATOM   1098 N  N   . GLN A 1 148 ? -4.904  -7.380  -12.303 1.00 11.03 ? 136 GLN A N   1 
ATOM   1099 C  CA  . GLN A 1 148 ? -4.559  -8.807  -12.429 1.00 12.61 ? 136 GLN A CA  1 
ATOM   1100 C  C   . GLN A 1 148 ? -3.954  -9.364  -11.124 1.00 11.28 ? 136 GLN A C   1 
ATOM   1101 O  O   . GLN A 1 148 ? -4.240  -10.495 -10.736 1.00 10.21 ? 136 GLN A O   1 
ATOM   1102 C  CB  . GLN A 1 148 ? -3.561  -9.048  -13.585 1.00 8.88  ? 136 GLN A CB  1 
ATOM   1103 C  CG  . GLN A 1 148 ? -4.113  -8.641  -14.955 1.00 14.01 ? 136 GLN A CG  1 
ATOM   1104 C  CD  . GLN A 1 148 ? -5.277  -9.512  -15.381 1.00 12.99 ? 136 GLN A CD  1 
ATOM   1105 O  OE1 . GLN A 1 148 ? -6.244  -9.040  -16.012 1.00 10.34 ? 136 GLN A OE1 1 
ATOM   1106 N  NE2 . GLN A 1 148 ? -5.205  -10.788 -15.034 1.00 8.87  ? 136 GLN A NE2 1 
ATOM   1107 N  N   . LEU A 1 149 ? -3.127  -8.576  -10.445 1.00 10.41 ? 137 LEU A N   1 
ATOM   1108 C  CA  . LEU A 1 149 ? -2.527  -9.029  -9.186  1.00 11.58 ? 137 LEU A CA  1 
ATOM   1109 C  C   . LEU A 1 149 ? -3.627  -9.161  -8.130  1.00 11.55 ? 137 LEU A C   1 
ATOM   1110 O  O   . LEU A 1 149 ? -3.591  -10.070 -7.291  1.00 11.46 ? 137 LEU A O   1 
ATOM   1111 C  CB  . LEU A 1 149 ? -1.459  -8.043  -8.698  1.00 10.61 ? 137 LEU A CB  1 
ATOM   1112 C  CG  . LEU A 1 149 ? -0.704  -8.363  -7.387  1.00 16.00 ? 137 LEU A CG  1 
ATOM   1113 C  CD1 . LEU A 1 149 ? 0.169   -9.596  -7.571  1.00 21.88 ? 137 LEU A CD1 1 
ATOM   1114 C  CD2 . LEU A 1 149 ? 0.177   -7.204  -7.021  1.00 14.02 ? 137 LEU A CD2 1 
ATOM   1115 N  N   . CYS A 1 150 ? -4.616  -8.271  -8.178  1.00 12.07 ? 138 CYS A N   1 
ATOM   1116 C  CA  . CYS A 1 150 ? -5.721  -8.337  -7.213  1.00 10.83 ? 138 CYS A CA  1 
ATOM   1117 C  C   . CYS A 1 150 ? -6.518  -9.621  -7.475  1.00 9.78  ? 138 CYS A C   1 
ATOM   1118 O  O   . CYS A 1 150 ? -6.917  -10.320 -6.547  1.00 11.03 ? 138 CYS A O   1 
ATOM   1119 C  CB  . CYS A 1 150 ? -6.630  -7.108  -7.343  1.00 7.22  ? 138 CYS A CB  1 
ATOM   1120 S  SG  . CYS A 1 150 ? -5.899  -5.601  -6.667  1.00 8.81  ? 138 CYS A SG  1 
ATOM   1121 N  N   . GLU A 1 151 ? -6.750  -9.925  -8.744  1.00 12.56 ? 139 GLU A N   1 
ATOM   1122 C  CA  . GLU A 1 151 ? -7.488  -11.137 -9.103  1.00 12.91 ? 139 GLU A CA  1 
ATOM   1123 C  C   . GLU A 1 151 ? -6.780  -12.406 -8.600  1.00 10.04 ? 139 GLU A C   1 
ATOM   1124 O  O   . GLU A 1 151 ? -7.445  -13.374 -8.247  1.00 12.08 ? 139 GLU A O   1 
ATOM   1125 C  CB  . GLU A 1 151 ? -7.675  -11.207 -10.626 1.00 10.81 ? 139 GLU A CB  1 
ATOM   1126 C  CG  . GLU A 1 151 ? -8.230  -12.544 -11.159 1.00 10.41 ? 139 GLU A CG  1 
ATOM   1127 C  CD  . GLU A 1 151 ? -8.422  -12.532 -12.681 1.00 16.54 ? 139 GLU A CD  1 
ATOM   1128 O  OE1 . GLU A 1 151 ? -8.799  -13.583 -13.276 1.00 11.07 ? 139 GLU A OE1 1 
ATOM   1129 O  OE2 . GLU A 1 151 ? -8.188  -11.465 -13.274 1.00 9.07  ? 139 GLU A OE2 1 
ATOM   1130 N  N   . GLU A 1 152 ? -5.447  -12.404 -8.586  1.00 9.42  ? 140 GLU A N   1 
ATOM   1131 C  CA  . GLU A 1 152 ? -4.657  -13.561 -8.124  1.00 10.78 ? 140 GLU A CA  1 
ATOM   1132 C  C   . GLU A 1 152 ? -4.806  -13.731 -6.599  1.00 8.37  ? 140 GLU A C   1 
ATOM   1133 O  O   . GLU A 1 152 ? -4.446  -14.764 -6.032  1.00 14.98 ? 140 GLU A O   1 
ATOM   1134 C  CB  . GLU A 1 152 ? -3.160  -13.358 -8.481  1.00 6.75  ? 140 GLU A CB  1 
ATOM   1135 C  CG  . GLU A 1 152 ? -2.950  -13.035 -9.956  1.00 20.64 ? 140 GLU A CG  1 
ATOM   1136 C  CD  . GLU A 1 152 ? -1.489  -13.056 -10.415 1.00 23.04 ? 140 GLU A CD  1 
ATOM   1137 O  OE1 . GLU A 1 152 ? -0.574  -12.834 -9.588  1.00 29.42 ? 140 GLU A OE1 1 
ATOM   1138 O  OE2 . GLU A 1 152 ? -1.263  -13.275 -11.627 1.00 30.95 ? 140 GLU A OE2 1 
ATOM   1139 N  N   . HIS A 1 153 ? -5.322  -12.704 -5.942  1.00 7.35  ? 141 HIS A N   1 
ATOM   1140 C  CA  . HIS A 1 153 ? -5.542  -12.762 -4.496  1.00 8.06  ? 141 HIS A CA  1 
ATOM   1141 C  C   . HIS A 1 153 ? -6.993  -12.881 -4.111  1.00 9.60  ? 141 HIS A C   1 
ATOM   1142 O  O   . HIS A 1 153 ? -7.332  -12.708 -2.939  1.00 14.31 ? 141 HIS A O   1 
ATOM   1143 C  CB  . HIS A 1 153 ? -4.969  -11.529 -3.848  1.00 10.09 ? 141 HIS A CB  1 
ATOM   1144 C  CG  . HIS A 1 153 ? -3.496  -11.560 -3.796  1.00 14.55 ? 141 HIS A CG  1 
ATOM   1145 N  ND1 . HIS A 1 153 ? -2.823  -12.277 -2.833  1.00 15.77 ? 141 HIS A ND1 1 
ATOM   1146 C  CD2 . HIS A 1 153 ? -2.561  -11.113 -4.666  1.00 12.72 ? 141 HIS A CD2 1 
ATOM   1147 C  CE1 . HIS A 1 153 ? -1.535  -12.270 -3.111  1.00 9.15  ? 141 HIS A CE1 1 
ATOM   1148 N  NE2 . HIS A 1 153 ? -1.348  -11.577 -4.217  1.00 11.56 ? 141 HIS A NE2 1 
ATOM   1149 N  N   . GLY A 1 154 ? -7.840  -13.167 -5.097  1.00 11.71 ? 142 GLY A N   1 
ATOM   1150 C  CA  . GLY A 1 154 ? -9.267  -13.303 -4.822  1.00 10.93 ? 142 GLY A CA  1 
ATOM   1151 C  C   . GLY A 1 154 ? -9.995  -11.984 -4.597  1.00 12.40 ? 142 GLY A C   1 
ATOM   1152 O  O   . GLY A 1 154 ? -11.054 -11.964 -3.986  1.00 6.21  ? 142 GLY A O   1 
ATOM   1153 N  N   . ILE A 1 155 ? -9.459  -10.885 -5.124  1.00 10.62 ? 143 ILE A N   1 
ATOM   1154 C  CA  . ILE A 1 155 ? -10.108 -9.589  -4.941  1.00 11.62 ? 143 ILE A CA  1 
ATOM   1155 C  C   . ILE A 1 155 ? -10.717 -9.134  -6.264  1.00 13.65 ? 143 ILE A C   1 
ATOM   1156 O  O   . ILE A 1 155 ? -10.005 -8.909  -7.240  1.00 12.04 ? 143 ILE A O   1 
ATOM   1157 C  CB  . ILE A 1 155 ? -9.102  -8.526  -4.427  1.00 13.72 ? 143 ILE A CB  1 
ATOM   1158 C  CG1 . ILE A 1 155 ? -8.507  -8.976  -3.090  1.00 15.07 ? 143 ILE A CG1 1 
ATOM   1159 C  CG2 . ILE A 1 155 ? -9.800  -7.176  -4.237  1.00 7.83  ? 143 ILE A CG2 1 
ATOM   1160 C  CD1 . ILE A 1 155 ? -7.407  -8.078  -2.587  1.00 14.81 ? 143 ILE A CD1 1 
ATOM   1161 N  N   . LEU A 1 156 ? -12.040 -9.008  -6.267  1.00 14.19 ? 144 LEU A N   1 
ATOM   1162 C  CA  . LEU A 1 156 ? -12.827 -8.602  -7.434  1.00 14.84 ? 144 LEU A CA  1 
ATOM   1163 C  C   . LEU A 1 156 ? -12.545 -7.160  -7.831  1.00 12.83 ? 144 LEU A C   1 
ATOM   1164 O  O   . LEU A 1 156 ? -12.282 -6.331  -6.968  1.00 12.27 ? 144 LEU A O   1 
ATOM   1165 C  CB  . LEU A 1 156 ? -14.329 -8.716  -7.093  1.00 19.32 ? 144 LEU A CB  1 
ATOM   1166 C  CG  . LEU A 1 156 ? -14.940 -10.108 -6.915  1.00 22.14 ? 144 LEU A CG  1 
ATOM   1167 C  CD1 . LEU A 1 156 ? -16.352 -9.975  -6.362  1.00 22.55 ? 144 LEU A CD1 1 
ATOM   1168 C  CD2 . LEU A 1 156 ? -14.953 -10.839 -8.249  1.00 22.40 ? 144 LEU A CD2 1 
ATOM   1169 N  N   . ARG A 1 157 ? -12.638 -6.845  -9.119  1.00 13.97 ? 145 ARG A N   1 
ATOM   1170 C  CA  . ARG A 1 157 ? -12.428 -5.465  -9.557  1.00 13.48 ? 145 ARG A CA  1 
ATOM   1171 C  C   . ARG A 1 157 ? -13.413 -4.515  -8.892  1.00 16.01 ? 145 ARG A C   1 
ATOM   1172 O  O   . ARG A 1 157 ? -13.088 -3.350  -8.646  1.00 15.51 ? 145 ARG A O   1 
ATOM   1173 C  CB  . ARG A 1 157 ? -12.579 -5.335  -11.073 1.00 16.89 ? 145 ARG A CB  1 
ATOM   1174 C  CG  . ARG A 1 157 ? -11.359 -5.783  -11.823 1.00 18.29 ? 145 ARG A CG  1 
ATOM   1175 C  CD  . ARG A 1 157 ? -11.677 -5.928  -13.294 1.00 17.30 ? 145 ARG A CD  1 
ATOM   1176 N  NE  . ARG A 1 157 ? -10.593 -6.560  -14.031 1.00 17.55 ? 145 ARG A NE  1 
ATOM   1177 C  CZ  . ARG A 1 157 ? -9.719  -5.903  -14.792 1.00 19.50 ? 145 ARG A CZ  1 
ATOM   1178 N  NH1 . ARG A 1 157 ? -9.800  -4.586  -14.914 1.00 14.69 ? 145 ARG A NH1 1 
ATOM   1179 N  NH2 . ARG A 1 157 ? -8.778  -6.571  -15.453 1.00 17.91 ? 145 ARG A NH2 1 
ATOM   1180 N  N   . GLU A 1 158 ? -14.621 -4.984  -8.579  1.00 14.98 ? 146 GLU A N   1 
ATOM   1181 C  CA  . GLU A 1 158 ? -15.571 -4.060  -7.954  1.00 14.60 ? 146 GLU A CA  1 
ATOM   1182 C  C   . GLU A 1 158 ? -15.103 -3.659  -6.548  1.00 15.44 ? 146 GLU A C   1 
ATOM   1183 O  O   . GLU A 1 158 ? -15.675 -2.769  -5.918  1.00 14.67 ? 146 GLU A O   1 
ATOM   1184 C  CB  . GLU A 1 158 ? -16.972 -4.671  -7.911  1.00 15.58 ? 146 GLU A CB  1 
ATOM   1185 C  CG  . GLU A 1 158 ? -17.109 -5.848  -6.965  1.00 23.82 ? 146 GLU A CG  1 
ATOM   1186 C  CD  . GLU A 1 158 ? -18.457 -6.543  -7.121  1.00 31.39 ? 146 GLU A CD  1 
ATOM   1187 O  OE1 . GLU A 1 158 ? -19.039 -6.446  -8.229  1.00 34.36 ? 146 GLU A OE1 1 
ATOM   1188 O  OE2 . GLU A 1 158 ? -18.925 -7.194  -6.155  1.00 34.80 ? 146 GLU A OE2 1 
ATOM   1189 N  N   . ASN A 1 159 ? -14.064 -4.330  -6.050  1.00 13.33 ? 147 ASN A N   1 
ATOM   1190 C  CA  . ASN A 1 159 ? -13.515 -4.018  -4.737  1.00 13.13 ? 147 ASN A CA  1 
ATOM   1191 C  C   . ASN A 1 159 ? -12.191 -3.250  -4.894  1.00 10.31 ? 147 ASN A C   1 
ATOM   1192 O  O   . ASN A 1 159 ? -11.441 -3.084  -3.941  1.00 9.22  ? 147 ASN A O   1 
ATOM   1193 C  CB  . ASN A 1 159 ? -13.261 -5.291  -3.938  1.00 14.29 ? 147 ASN A CB  1 
ATOM   1194 C  CG  . ASN A 1 159 ? -14.529 -5.933  -3.453  1.00 16.59 ? 147 ASN A CG  1 
ATOM   1195 O  OD1 . ASN A 1 159 ? -14.556 -7.127  -3.146  1.00 29.99 ? 147 ASN A OD1 1 
ATOM   1196 N  ND2 . ASN A 1 159 ? -15.578 -5.159  -3.375  1.00 10.61 ? 147 ASN A ND2 1 
ATOM   1197 N  N   . ILE A 1 160 ? -11.929 -2.766  -6.099  1.00 10.37 ? 148 ILE A N   1 
ATOM   1198 C  CA  . ILE A 1 160 ? -10.716 -2.009  -6.388  1.00 10.44 ? 148 ILE A CA  1 
ATOM   1199 C  C   . ILE A 1 160 ? -11.137 -0.546  -6.590  1.00 12.57 ? 148 ILE A C   1 
ATOM   1200 O  O   . ILE A 1 160 ? -11.933 -0.237  -7.461  1.00 11.19 ? 148 ILE A O   1 
ATOM   1201 C  CB  . ILE A 1 160 ? -10.068 -2.560  -7.675  1.00 14.41 ? 148 ILE A CB  1 
ATOM   1202 C  CG1 . ILE A 1 160 ? -9.744  -4.048  -7.481  1.00 9.16  ? 148 ILE A CG1 1 
ATOM   1203 C  CG2 . ILE A 1 160 ? -8.831  -1.757  -8.046  1.00 12.94 ? 148 ILE A CG2 1 
ATOM   1204 C  CD1 . ILE A 1 160 ? -9.238  -4.693  -8.757  1.00 10.91 ? 148 ILE A CD1 1 
ATOM   1205 N  N   . ILE A 1 161 ? -10.612 0.367   -5.786  1.00 13.97 ? 149 ILE A N   1 
ATOM   1206 C  CA  . ILE A 1 161 ? -11.012 1.761   -5.925  1.00 13.35 ? 149 ILE A CA  1 
ATOM   1207 C  C   . ILE A 1 161 ? -9.855  2.650   -6.377  1.00 14.13 ? 149 ILE A C   1 
ATOM   1208 O  O   . ILE A 1 161 ? -8.854  2.760   -5.677  1.00 12.91 ? 149 ILE A O   1 
ATOM   1209 C  CB  . ILE A 1 161 ? -11.561 2.308   -4.574  1.00 14.76 ? 149 ILE A CB  1 
ATOM   1210 C  CG1 . ILE A 1 161 ? -12.654 1.388   -4.044  1.00 17.64 ? 149 ILE A CG1 1 
ATOM   1211 C  CG2 . ILE A 1 161 ? -12.124 3.719   -4.752  1.00 14.59 ? 149 ILE A CG2 1 
ATOM   1212 C  CD1 . ILE A 1 161 ? -13.204 1.826   -2.682  1.00 16.06 ? 149 ILE A CD1 1 
ATOM   1213 N  N   . ASP A 1 162 ? -10.009 3.281   -7.542  1.00 14.15 ? 150 ASP A N   1 
ATOM   1214 C  CA  . ASP A 1 162 ? -8.995  4.203   -8.072  1.00 14.71 ? 150 ASP A CA  1 
ATOM   1215 C  C   . ASP A 1 162 ? -9.148  5.553   -7.350  1.00 16.96 ? 150 ASP A C   1 
ATOM   1216 O  O   . ASP A 1 162 ? -10.188 6.208   -7.444  1.00 17.23 ? 150 ASP A O   1 
ATOM   1217 C  CB  . ASP A 1 162 ? -9.194  4.407   -9.574  1.00 14.13 ? 150 ASP A CB  1 
ATOM   1218 C  CG  . ASP A 1 162 ? -8.090  5.262   -10.198 1.00 17.82 ? 150 ASP A CG  1 
ATOM   1219 O  OD1 . ASP A 1 162 ? -7.704  6.293   -9.600  1.00 16.58 ? 150 ASP A OD1 1 
ATOM   1220 O  OD2 . ASP A 1 162 ? -7.606  4.898   -11.291 1.00 19.59 ? 150 ASP A OD2 1 
ATOM   1221 N  N   . LEU A 1 163 ? -8.099  5.985   -6.656  1.00 16.59 ? 151 LEU A N   1 
ATOM   1222 C  CA  . LEU A 1 163 ? -8.158  7.222   -5.901  1.00 17.03 ? 151 LEU A CA  1 
ATOM   1223 C  C   . LEU A 1 163 ? -7.304  8.336   -6.483  1.00 18.00 ? 151 LEU A C   1 
ATOM   1224 O  O   . LEU A 1 163 ? -7.058  9.348   -5.803  1.00 19.13 ? 151 LEU A O   1 
ATOM   1225 C  CB  . LEU A 1 163 ? -7.735  6.938   -4.444  1.00 14.21 ? 151 LEU A CB  1 
ATOM   1226 C  CG  . LEU A 1 163 ? -8.728  6.020   -3.701  1.00 18.44 ? 151 LEU A CG  1 
ATOM   1227 C  CD1 . LEU A 1 163 ? -8.117  5.443   -2.437  1.00 11.92 ? 151 LEU A CD1 1 
ATOM   1228 C  CD2 . LEU A 1 163 ? -10.004 6.822   -3.364  1.00 11.15 ? 151 LEU A CD2 1 
ATOM   1229 N  N   . SER A 1 164 ? -6.875  8.166   -7.733  1.00 16.75 ? 152 SER A N   1 
ATOM   1230 C  CA  . SER A 1 164 ? -6.013  9.150   -8.367  1.00 23.88 ? 152 SER A CA  1 
ATOM   1231 C  C   . SER A 1 164 ? -6.637  10.535  -8.559  1.00 26.43 ? 152 SER A C   1 
ATOM   1232 O  O   . SER A 1 164 ? -5.927  11.492  -8.804  1.00 28.02 ? 152 SER A O   1 
ATOM   1233 C  CB  . SER A 1 164 ? -5.454  8.617   -9.702  1.00 18.89 ? 152 SER A CB  1 
ATOM   1234 O  OG  . SER A 1 164 ? -6.471  8.331   -10.643 1.00 16.41 ? 152 SER A OG  1 
ATOM   1235 N  N   . ASN A 1 165 ? -7.955  10.644  -8.456  1.00 32.58 ? 153 ASN A N   1 
ATOM   1236 C  CA  . ASN A 1 165 ? -8.588  11.958  -8.568  1.00 38.88 ? 153 ASN A CA  1 
ATOM   1237 C  C   . ASN A 1 165 ? -8.945  12.524  -7.191  1.00 38.56 ? 153 ASN A C   1 
ATOM   1238 O  O   . ASN A 1 165 ? -9.674  13.520  -7.091  1.00 39.36 ? 153 ASN A O   1 
ATOM   1239 C  CB  . ASN A 1 165 ? -9.846  11.884  -9.430  1.00 40.71 ? 153 ASN A CB  1 
ATOM   1240 C  CG  . ASN A 1 165 ? -9.524  11.794  -10.907 1.00 44.95 ? 153 ASN A CG  1 
ATOM   1241 O  OD1 . ASN A 1 165 ? -8.782  12.625  -11.450 1.00 49.55 ? 153 ASN A OD1 1 
ATOM   1242 N  ND2 . ASN A 1 165 ? -10.080 10.784  -11.574 1.00 46.45 ? 153 ASN A ND2 1 
ATOM   1243 N  N   . ALA A 1 166 ? -8.425  11.900  -6.135  1.00 33.37 ? 154 ALA A N   1 
ATOM   1244 C  CA  . ALA A 1 166 ? -8.705  12.353  -4.777  1.00 34.14 ? 154 ALA A CA  1 
ATOM   1245 C  C   . ALA A 1 166 ? -7.557  12.114  -3.796  1.00 35.54 ? 154 ALA A C   1 
ATOM   1246 O  O   . ALA A 1 166 ? -7.810  11.983  -2.595  1.00 32.33 ? 154 ALA A O   1 
ATOM   1247 C  CB  . ALA A 1 166 ? -9.940  11.660  -4.260  1.00 35.07 ? 154 ALA A CB  1 
ATOM   1248 N  N   . ASN A 1 167 ? -6.313  12.080  -4.289  1.00 36.72 ? 155 ASN A N   1 
ATOM   1249 C  CA  . ASN A 1 167 ? -5.151  11.831  -3.419  1.00 36.45 ? 155 ASN A CA  1 
ATOM   1250 C  C   . ASN A 1 167 ? -4.341  13.069  -3.041  1.00 39.43 ? 155 ASN A C   1 
ATOM   1251 O  O   . ASN A 1 167 ? -3.342  12.972  -2.319  1.00 39.80 ? 155 ASN A O   1 
ATOM   1252 C  CB  . ASN A 1 167 ? -4.227  10.760  -4.045  1.00 31.73 ? 155 ASN A CB  1 
ATOM   1253 C  CG  . ASN A 1 167 ? -3.712  11.152  -5.423  1.00 38.02 ? 155 ASN A CG  1 
ATOM   1254 O  OD1 . ASN A 1 167 ? -3.082  10.343  -6.131  1.00 36.55 ? 155 ASN A OD1 1 
ATOM   1255 N  ND2 . ASN A 1 167 ? -3.971  12.391  -5.814  1.00 34.37 ? 155 ASN A ND2 1 
ATOM   1256 N  N   . ARG A 1 168 ? -4.763  14.235  -3.516  1.00 39.10 ? 156 ARG A N   1 
ATOM   1257 C  CA  . ARG A 1 168 ? -4.048  15.459  -3.191  1.00 43.16 ? 156 ARG A CA  1 
ATOM   1258 C  C   . ARG A 1 168 ? -4.949  16.370  -2.351  1.00 44.54 ? 156 ARG A C   1 
ATOM   1259 O  O   . ARG A 1 168 ? -6.134  16.538  -2.651  1.00 46.01 ? 156 ARG A O   1 
ATOM   1260 C  CB  . ARG A 1 168 ? -3.565  16.144  -4.482  1.00 44.03 ? 156 ARG A CB  1 
ATOM   1261 C  CG  . ARG A 1 168 ? -2.393  15.385  -5.169  1.00 45.05 ? 156 ARG A CG  1 
ATOM   1262 C  CD  . ARG A 1 168 ? -1.973  16.003  -6.514  1.00 45.03 ? 156 ARG A CD  1 
ATOM   1263 N  NE  . ARG A 1 168 ? -3.105  16.084  -7.436  1.00 49.09 ? 156 ARG A NE  1 
ATOM   1264 C  CZ  . ARG A 1 168 ? -3.764  15.023  -7.901  1.00 50.29 ? 156 ARG A CZ  1 
ATOM   1265 N  NH1 . ARG A 1 168 ? -3.397  13.809  -7.545  1.00 52.67 ? 156 ARG A NH1 1 
ATOM   1266 N  NH2 . ARG A 1 168 ? -4.823  15.171  -8.686  1.00 54.21 ? 156 ARG A NH2 1 
ATOM   1267 N  N   . CYS A 1 169 ? -4.382  16.923  -1.279  1.00 43.56 ? 157 CYS A N   1 
ATOM   1268 C  CA  . CYS A 1 169 ? -5.120  17.785  -0.359  1.00 45.65 ? 157 CYS A CA  1 
ATOM   1269 C  C   . CYS A 1 169 ? -5.458  19.176  -0.870  1.00 45.26 ? 157 CYS A C   1 
ATOM   1270 O  O   . CYS A 1 169 ? -4.926  19.568  -1.929  1.00 46.15 ? 157 CYS A O   1 
ATOM   1271 C  CB  . CYS A 1 169 ? -4.350  17.885  0.956   1.00 47.32 ? 157 CYS A CB  1 
ATOM   1272 S  SG  . CYS A 1 169 ? -4.223  16.246  1.745   1.00 50.06 ? 157 CYS A SG  1 
HETATM 1273 CD CD  . CD  B 2 .   ? -9.039  -12.482 -15.339 1.00 14.56 ? 200 CD  A CD  1 
HETATM 1274 CD CD  . CD  C 2 .   ? 23.263  1.168   -0.149  1.00 28.64 ? 201 CD  A CD  1 
HETATM 1275 CD CD  . CD  D 2 .   ? -8.812  1.122   15.880  1.00 68.21 ? 204 CD  A CD  1 
HETATM 1276 CD CD  . CD  E 2 .   ? 12.620  1.408   -14.483 1.00 85.98 ? 205 CD  A CD  1 
HETATM 1277 CD CD  . CD  F 2 .   ? 1.156   -11.523 0.482   1.00 42.74 ? 415 CD  A CD  1 
HETATM 1278 CD CD  . CD  G 2 .   ? 1.075   -12.984 -2.883  1.00 49.51 ? 416 CD  A CD  1 
HETATM 1279 C  CAA . OC9 H 3 .   ? 4.608   0.505   1.671   1.00 27.66 ? 401 OC9 A CAA 1 
HETATM 1280 C  CAC . OC9 H 3 .   ? 3.139   0.728   2.036   1.00 27.50 ? 401 OC9 A CAC 1 
HETATM 1281 C  CAE . OC9 H 3 .   ? 2.406   -0.607  2.192   1.00 26.21 ? 401 OC9 A CAE 1 
HETATM 1282 C  CAG . OC9 H 3 .   ? 0.888   -0.419  2.144   1.00 24.42 ? 401 OC9 A CAG 1 
HETATM 1283 C  CAI . OC9 H 3 .   ? 0.305   0.167   3.431   1.00 23.88 ? 401 OC9 A CAI 1 
HETATM 1284 C  CAH . OC9 H 3 .   ? -1.157  0.557   3.214   1.00 23.35 ? 401 OC9 A CAH 1 
HETATM 1285 C  CAF . OC9 H 3 .   ? -1.870  0.828   4.542   1.00 25.93 ? 401 OC9 A CAF 1 
HETATM 1286 C  CAD . OC9 H 3 .   ? -3.121  1.690   4.351   1.00 30.77 ? 401 OC9 A CAD 1 
HETATM 1287 O  OAB . OC9 H 3 .   ? -3.972  1.153   3.338   1.00 29.46 ? 401 OC9 A OAB 1 
HETATM 1288 O  O   . HOH I 4 .   ? -19.857 -0.268  0.794   1.00 19.40 ? 206 HOH A O   1 
HETATM 1289 O  O   . HOH I 4 .   ? 23.609  2.453   -1.982  1.00 15.23 ? 208 HOH A O   1 
HETATM 1290 O  O   . HOH I 4 .   ? -7.138  -10.292 15.855  1.00 9.15  ? 209 HOH A O   1 
HETATM 1291 O  O   . HOH I 4 .   ? -2.351  3.242   1.461   1.00 11.31 ? 210 HOH A O   1 
HETATM 1292 O  O   . HOH I 4 .   ? -1.481  -15.015 -4.903  1.00 8.64  ? 211 HOH A O   1 
HETATM 1293 O  O   . HOH I 4 .   ? 2.242   -10.879 -1.767  1.00 9.62  ? 212 HOH A O   1 
HETATM 1294 O  O   . HOH I 4 .   ? -5.455  -13.861 7.402   1.00 13.68 ? 213 HOH A O   1 
HETATM 1295 O  O   . HOH I 4 .   ? -1.335  9.748   -1.680  1.00 9.03  ? 214 HOH A O   1 
HETATM 1296 O  O   . HOH I 4 .   ? -5.218  -8.482  16.010  1.00 11.69 ? 215 HOH A O   1 
HETATM 1297 O  O   . HOH I 4 .   ? 3.709   7.412   -11.236 1.00 14.35 ? 216 HOH A O   1 
HETATM 1298 O  O   . HOH I 4 .   ? -3.609  11.653  -14.560 1.00 12.63 ? 217 HOH A O   1 
HETATM 1299 O  O   . HOH I 4 .   ? -19.778 -9.474  -7.338  1.00 26.65 ? 218 HOH A O   1 
HETATM 1300 O  O   . HOH I 4 .   ? -9.858  -15.592 15.743  1.00 25.54 ? 219 HOH A O   1 
HETATM 1301 O  O   . HOH I 4 .   ? -1.836  -9.528  10.254  1.00 13.06 ? 220 HOH A O   1 
HETATM 1302 O  O   . HOH I 4 .   ? -9.128  -3.312  11.171  1.00 13.62 ? 221 HOH A O   1 
HETATM 1303 O  O   . HOH I 4 .   ? -12.563 -12.168 9.140   1.00 19.88 ? 222 HOH A O   1 
HETATM 1304 O  O   . HOH I 4 .   ? 15.910  -5.280  -7.700  1.00 26.33 ? 223 HOH A O   1 
HETATM 1305 O  O   . HOH I 4 .   ? -12.673 3.088   -9.050  1.00 23.03 ? 224 HOH A O   1 
HETATM 1306 O  O   . HOH I 4 .   ? 17.117  -4.886  0.021   1.00 20.45 ? 225 HOH A O   1 
HETATM 1307 O  O   . HOH I 4 .   ? 16.061  3.704   -14.107 1.00 23.18 ? 226 HOH A O   1 
HETATM 1308 O  O   . HOH I 4 .   ? 3.010   4.947   -15.443 1.00 14.09 ? 227 HOH A O   1 
HETATM 1309 O  O   . HOH I 4 .   ? 4.132   3.064   14.177  1.00 29.38 ? 228 HOH A O   1 
HETATM 1310 O  O   . HOH I 4 .   ? 7.038   10.798  9.967   1.00 44.40 ? 229 HOH A O   1 
HETATM 1311 O  O   . HOH I 4 .   ? 5.681   -4.102  14.300  1.00 25.15 ? 230 HOH A O   1 
HETATM 1312 O  O   . HOH I 4 .   ? -14.857 5.475   -2.828  1.00 26.31 ? 231 HOH A O   1 
HETATM 1313 O  O   . HOH I 4 .   ? -12.415 1.141   8.867   1.00 22.33 ? 232 HOH A O   1 
HETATM 1314 O  O   . HOH I 4 .   ? -4.842  2.365   15.389  1.00 31.92 ? 234 HOH A O   1 
HETATM 1315 O  O   . HOH I 4 .   ? -9.301  -7.649  10.675  1.00 12.90 ? 235 HOH A O   1 
HETATM 1316 O  O   . HOH I 4 .   ? 12.990  -10.994 -8.270  1.00 30.32 ? 236 HOH A O   1 
HETATM 1317 O  O   . HOH I 4 .   ? -11.762 -11.476 5.322   1.00 24.21 ? 237 HOH A O   1 
HETATM 1318 O  O   . HOH I 4 .   ? -2.031  5.439   -19.731 1.00 20.35 ? 239 HOH A O   1 
HETATM 1319 O  O   . HOH I 4 .   ? 11.063  10.729  5.004   1.00 39.47 ? 240 HOH A O   1 
HETATM 1320 O  O   . HOH I 4 .   ? 15.875  5.738   -10.661 1.00 21.71 ? 241 HOH A O   1 
HETATM 1321 O  O   . HOH I 4 .   ? -4.452  -1.440  16.785  1.00 21.31 ? 242 HOH A O   1 
HETATM 1322 O  O   . HOH I 4 .   ? 3.895   -0.746  15.053  1.00 32.78 ? 243 HOH A O   1 
HETATM 1323 O  O   . HOH I 4 .   ? 6.189   -1.504  14.017  1.00 23.71 ? 244 HOH A O   1 
HETATM 1324 O  O   . HOH I 4 .   ? 14.693  4.366   -6.518  1.00 24.56 ? 245 HOH A O   1 
HETATM 1325 O  O   . HOH I 4 .   ? -16.965 -8.694  11.406  1.00 32.80 ? 246 HOH A O   1 
HETATM 1326 O  O   . HOH I 4 .   ? -12.569 -7.160  12.879  1.00 30.74 ? 247 HOH A O   1 
HETATM 1327 O  O   . HOH I 4 .   ? 0.277   -12.800 7.206   1.00 22.30 ? 248 HOH A O   1 
HETATM 1328 O  O   . HOH I 4 .   ? 13.152  -9.540  -6.378  1.00 30.36 ? 249 HOH A O   1 
HETATM 1329 O  O   . HOH I 4 .   ? -13.132 -8.970  -11.188 1.00 35.19 ? 250 HOH A O   1 
HETATM 1330 O  O   . HOH I 4 .   ? -3.841  1.210   -22.268 1.00 43.27 ? 251 HOH A O   1 
HETATM 1331 O  O   . HOH I 4 .   ? -8.973  8.815   4.205   1.00 21.84 ? 253 HOH A O   1 
HETATM 1332 O  O   . HOH I 4 .   ? -14.729 -9.853  16.091  1.00 20.98 ? 254 HOH A O   1 
HETATM 1333 O  O   . HOH I 4 .   ? 13.113  -5.656  3.193   1.00 32.73 ? 255 HOH A O   1 
HETATM 1334 O  O   . HOH I 4 .   ? 1.559   -10.531 4.884   1.00 41.60 ? 256 HOH A O   1 
HETATM 1335 O  O   . HOH I 4 .   ? 12.421  2.942   13.020  1.00 30.84 ? 257 HOH A O   1 
HETATM 1336 O  O   . HOH I 4 .   ? -7.877  -16.351 -12.360 1.00 25.16 ? 258 HOH A O   1 
HETATM 1337 O  O   . HOH I 4 .   ? 11.695  -8.439  6.938   1.00 29.61 ? 259 HOH A O   1 
HETATM 1338 O  O   . HOH I 4 .   ? -9.637  -12.134 3.959   1.00 20.23 ? 260 HOH A O   1 
HETATM 1339 O  O   . HOH I 4 .   ? -11.326 -2.671  -13.837 1.00 30.82 ? 261 HOH A O   1 
HETATM 1340 O  O   . HOH I 4 .   ? -3.561  13.364  -12.204 1.00 26.20 ? 262 HOH A O   1 
HETATM 1341 O  O   . HOH I 4 .   ? 14.214  -10.020 -0.010  1.00 28.16 ? 263 HOH A O   1 
HETATM 1342 O  O   . HOH I 4 .   ? 16.411  -1.401  5.464   1.00 27.06 ? 264 HOH A O   1 
HETATM 1343 O  O   . HOH I 4 .   ? -16.672 -6.532  0.445   1.00 29.83 ? 265 HOH A O   1 
HETATM 1344 O  O   . HOH I 4 .   ? 16.059  -3.764  6.638   1.00 76.24 ? 266 HOH A O   1 
HETATM 1345 O  O   . HOH I 4 .   ? 17.280  8.797   5.776   1.00 33.06 ? 267 HOH A O   1 
HETATM 1346 O  O   . HOH I 4 .   ? 20.876  3.646   2.949   1.00 45.04 ? 268 HOH A O   1 
HETATM 1347 O  O   . HOH I 4 .   ? -3.862  12.193  -10.201 1.00 29.24 ? 269 HOH A O   1 
HETATM 1348 O  O   . HOH I 4 .   ? 12.425  -2.884  13.675  1.00 35.72 ? 270 HOH A O   1 
HETATM 1349 O  O   . HOH I 4 .   ? 15.596  0.645   11.586  1.00 27.95 ? 271 HOH A O   1 
HETATM 1350 O  O   . HOH I 4 .   ? -11.576 -0.626  10.896  1.00 26.04 ? 272 HOH A O   1 
HETATM 1351 O  O   . HOH I 4 .   ? -1.251  17.399  5.367   1.00 55.18 ? 273 HOH A O   1 
HETATM 1352 O  O   . HOH I 4 .   ? 12.373  -14.866 0.284   1.00 62.65 ? 274 HOH A O   1 
HETATM 1353 O  O   . HOH I 4 .   ? 3.139   1.873   -18.412 1.00 33.40 ? 275 HOH A O   1 
HETATM 1354 O  O   . HOH I 4 .   ? 4.091   12.787  -1.801  1.00 30.98 ? 276 HOH A O   1 
HETATM 1355 O  O   . HOH I 4 .   ? -15.830 -7.182  -9.864  1.00 21.09 ? 277 HOH A O   1 
HETATM 1356 O  O   . HOH I 4 .   ? -16.497 2.765   5.382   1.00 36.28 ? 278 HOH A O   1 
HETATM 1357 O  O   . HOH I 4 .   ? -6.517  13.267  -0.426  1.00 32.26 ? 279 HOH A O   1 
HETATM 1358 O  O   . HOH I 4 .   ? -15.347 -1.567  9.476   1.00 56.89 ? 280 HOH A O   1 
HETATM 1359 O  O   . HOH I 4 .   ? 5.624   -11.212 -6.357  1.00 33.69 ? 281 HOH A O   1 
HETATM 1360 O  O   . HOH I 4 .   ? -11.030 10.123  0.800   1.00 33.46 ? 282 HOH A O   1 
HETATM 1361 O  O   . HOH I 4 .   ? -18.581 2.455   3.945   1.00 37.94 ? 283 HOH A O   1 
HETATM 1362 O  O   . HOH I 4 .   ? -10.281 16.188  -4.084  1.00 57.00 ? 284 HOH A O   1 
HETATM 1363 O  O   . HOH I 4 .   ? -5.261  -7.636  -19.220 1.00 23.86 ? 285 HOH A O   1 
HETATM 1364 O  O   . HOH I 4 .   ? 8.529   13.215  -13.123 1.00 23.16 ? 286 HOH A O   1 
HETATM 1365 O  O   . HOH I 4 .   ? -9.591  21.277  12.020  1.00 50.76 ? 287 HOH A O   1 
HETATM 1366 O  O   . HOH I 4 .   ? -7.169  -1.204  -12.195 1.00 33.63 ? 288 HOH A O   1 
HETATM 1367 O  O   . HOH I 4 .   ? -7.000  15.188  -4.616  1.00 46.21 ? 289 HOH A O   1 
HETATM 1368 O  O   . HOH I 4 .   ? 9.832   -10.066 -8.720  1.00 45.98 ? 290 HOH A O   1 
HETATM 1369 O  O   . HOH I 4 .   ? 10.785  11.522  0.801   1.00 34.83 ? 291 HOH A O   1 
HETATM 1370 O  O   . HOH I 4 .   ? -11.743 -6.789  10.245  1.00 26.17 ? 292 HOH A O   1 
HETATM 1371 O  O   . HOH I 4 .   ? 16.396  7.529   -2.559  1.00 33.49 ? 293 HOH A O   1 
HETATM 1372 O  O   . HOH I 4 .   ? -9.446  -8.255  -10.144 1.00 19.58 ? 294 HOH A O   1 
HETATM 1373 O  O   . HOH I 4 .   ? -11.013 7.800   5.726   1.00 24.69 ? 295 HOH A O   1 
HETATM 1374 O  O   . HOH I 4 .   ? 0.135   -8.435  -12.382 1.00 32.38 ? 296 HOH A O   1 
HETATM 1375 O  O   . HOH I 4 .   ? -11.889 9.829   3.285   1.00 45.69 ? 297 HOH A O   1 
HETATM 1376 O  O   . HOH I 4 .   ? 4.572   -11.247 -1.297  1.00 44.08 ? 298 HOH A O   1 
HETATM 1377 O  O   . HOH I 4 .   ? -12.770 5.885   -8.619  1.00 39.65 ? 299 HOH A O   1 
HETATM 1378 O  O   . HOH I 4 .   ? 0.365   -13.472 -7.213  1.00 32.36 ? 300 HOH A O   1 
HETATM 1379 O  O   . HOH I 4 .   ? -8.398  -8.710  -12.973 1.00 24.07 ? 301 HOH A O   1 
HETATM 1380 O  O   . HOH I 4 .   ? 19.316  0.786   14.214  1.00 53.43 ? 302 HOH A O   1 
HETATM 1381 O  O   . HOH I 4 .   ? -16.208 -11.751 7.244   1.00 50.56 ? 303 HOH A O   1 
HETATM 1382 O  O   . HOH I 4 .   ? -1.201  2.513   -20.572 1.00 37.87 ? 304 HOH A O   1 
HETATM 1383 O  O   . HOH I 4 .   ? -14.267 -5.279  15.229  1.00 53.63 ? 305 HOH A O   1 
HETATM 1384 O  O   . HOH I 4 .   ? 1.333   -11.918 -11.136 1.00 39.53 ? 306 HOH A O   1 
HETATM 1385 O  O   . HOH I 4 .   ? -1.283  -4.431  -18.603 1.00 29.86 ? 307 HOH A O   1 
HETATM 1386 O  O   . HOH I 4 .   ? 13.922  -1.764  5.655   1.00 30.08 ? 308 HOH A O   1 
HETATM 1387 O  O   . HOH I 4 .   ? -12.478 -8.011  20.814  1.00 26.47 ? 309 HOH A O   1 
HETATM 1388 O  O   . HOH I 4 .   ? 20.095  -5.370  13.443  1.00 53.68 ? 310 HOH A O   1 
HETATM 1389 O  O   . HOH I 4 .   ? -16.091 -11.721 15.000  1.00 21.88 ? 311 HOH A O   1 
HETATM 1390 O  O   . HOH I 4 .   ? -5.487  -12.917 9.762   1.00 93.33 ? 312 HOH A O   1 
HETATM 1391 O  O   . HOH I 4 .   ? -13.105 -10.055 -3.393  1.00 34.87 ? 313 HOH A O   1 
HETATM 1392 O  O   . HOH I 4 .   ? 17.239  1.751   -13.094 1.00 19.98 ? 314 HOH A O   1 
HETATM 1393 O  O   . HOH I 4 .   ? 1.943   -12.247 -5.262  1.00 20.03 ? 316 HOH A O   1 
HETATM 1394 O  O   . HOH I 4 .   ? -9.804  -2.384  -11.571 1.00 16.80 ? 317 HOH A O   1 
HETATM 1395 O  O   . HOH I 4 .   ? 2.539   -13.552 8.055   1.00 34.43 ? 318 HOH A O   1 
HETATM 1396 O  O   . HOH I 4 .   ? -4.645  -12.275 -12.908 1.00 24.56 ? 319 HOH A O   1 
HETATM 1397 O  O   . HOH I 4 .   ? -6.308  -15.289 -14.658 1.00 22.20 ? 320 HOH A O   1 
HETATM 1398 O  O   . HOH I 4 .   ? 15.441  -6.085  2.180   1.00 27.31 ? 321 HOH A O   1 
HETATM 1399 O  O   . HOH I 4 .   ? -14.694 0.747   8.449   1.00 43.41 ? 322 HOH A O   1 
HETATM 1400 O  O   . HOH I 4 .   ? 13.067  -0.440  -12.578 1.00 27.20 ? 323 HOH A O   1 
HETATM 1401 O  O   . HOH I 4 .   ? -13.839 -12.645 2.395   1.00 54.60 ? 324 HOH A O   1 
HETATM 1402 O  O   . HOH I 4 .   ? -15.348 -8.423  -11.961 1.00 38.95 ? 325 HOH A O   1 
HETATM 1403 O  O   . HOH I 4 .   ? 8.536   12.402  0.321   1.00 47.17 ? 326 HOH A O   1 
HETATM 1404 O  O   . HOH I 4 .   ? 8.584   -2.310  -15.727 1.00 34.24 ? 327 HOH A O   1 
HETATM 1405 O  O   . HOH I 4 .   ? -10.971 -9.645  -12.959 1.00 31.44 ? 328 HOH A O   1 
HETATM 1406 O  O   . HOH I 4 .   ? -10.414 8.843   -7.940  1.00 37.59 ? 329 HOH A O   1 
HETATM 1407 O  O   . HOH I 4 .   ? -5.486  -10.393 -19.503 1.00 37.52 ? 330 HOH A O   1 
HETATM 1408 O  O   . HOH I 4 .   ? -13.315 -2.888  13.126  1.00 38.31 ? 331 HOH A O   1 
HETATM 1409 O  O   . HOH I 4 .   ? -3.365  -2.240  -20.827 1.00 38.35 ? 332 HOH A O   1 
HETATM 1410 O  O   . HOH I 4 .   ? -3.576  -3.699  17.590  1.00 30.22 ? 333 HOH A O   1 
HETATM 1411 O  O   . HOH I 4 .   ? 5.930   -8.292  14.233  1.00 37.11 ? 334 HOH A O   1 
HETATM 1412 O  O   . HOH I 4 .   ? 1.881   -7.949  -13.940 1.00 41.19 ? 335 HOH A O   1 
HETATM 1413 O  O   . HOH I 4 .   ? -3.899  17.057  -9.666  1.00 32.04 ? 336 HOH A O   1 
HETATM 1414 O  O   . HOH I 4 .   ? 4.136   15.321  -3.556  1.00 41.17 ? 337 HOH A O   1 
HETATM 1415 O  O   . HOH I 4 .   ? -2.633  16.831  10.528  1.00 40.03 ? 338 HOH A O   1 
HETATM 1416 O  O   . HOH I 4 .   ? 9.534   -13.793 -3.740  1.00 54.35 ? 339 HOH A O   1 
HETATM 1417 O  O   . HOH I 4 .   ? -11.550 9.446   8.083   1.00 36.91 ? 340 HOH A O   1 
HETATM 1418 O  O   . HOH I 4 .   ? -14.245 -12.979 10.718  1.00 30.09 ? 341 HOH A O   1 
HETATM 1419 O  O   . HOH I 4 .   ? 11.503  5.637   13.660  1.00 34.53 ? 342 HOH A O   1 
HETATM 1420 O  O   . HOH I 4 .   ? 18.146  5.117   -2.408  1.00 38.09 ? 343 HOH A O   1 
HETATM 1421 O  O   . HOH I 4 .   ? 16.067  -8.561  1.306   1.00 38.27 ? 344 HOH A O   1 
HETATM 1422 O  O   . HOH I 4 .   ? 11.016  0.760   14.779  1.00 41.74 ? 345 HOH A O   1 
HETATM 1423 O  O   . HOH I 4 .   ? 5.232   6.818   -17.376 1.00 53.32 ? 346 HOH A O   1 
HETATM 1424 O  O   . HOH I 4 .   ? -1.741  -6.878  -17.369 1.00 32.97 ? 347 HOH A O   1 
HETATM 1425 O  O   . HOH I 4 .   ? -12.566 -13.473 6.850   1.00 40.46 ? 348 HOH A O   1 
HETATM 1426 O  O   . HOH I 4 .   ? 1.015   2.647   14.577  1.00 48.31 ? 349 HOH A O   1 
HETATM 1427 O  O   . HOH I 4 .   ? -17.068 7.166   -2.839  1.00 46.27 ? 350 HOH A O   1 
HETATM 1428 O  O   . HOH I 4 .   ? -18.313 -1.991  -6.447  1.00 40.27 ? 351 HOH A O   1 
HETATM 1429 O  O   . HOH I 4 .   ? 14.912  -13.334 0.117   1.00 48.46 ? 352 HOH A O   1 
HETATM 1430 O  O   . HOH I 4 .   ? -13.197 6.751   -6.112  1.00 39.88 ? 353 HOH A O   1 
HETATM 1431 O  O   . HOH I 4 .   ? -6.877  3.566   14.467  1.00 48.98 ? 354 HOH A O   1 
HETATM 1432 O  O   . HOH I 4 .   ? -21.035 -8.260  -5.636  1.00 53.42 ? 355 HOH A O   1 
HETATM 1433 O  O   . HOH I 4 .   ? 11.969  9.468   2.079   1.00 40.30 ? 356 HOH A O   1 
HETATM 1434 O  O   . HOH I 4 .   ? 6.077   -12.937 10.049  1.00 37.68 ? 357 HOH A O   1 
HETATM 1435 O  O   . HOH I 4 .   ? 15.049  7.608   -4.603  1.00 44.15 ? 358 HOH A O   1 
HETATM 1436 O  O   . HOH I 4 .   ? -16.686 5.314   -0.905  1.00 43.55 ? 359 HOH A O   1 
HETATM 1437 O  O   . HOH I 4 .   ? 0.826   9.943   13.145  1.00 32.47 ? 360 HOH A O   1 
HETATM 1438 O  O   . HOH I 4 .   ? 1.055   -4.035  -19.607 1.00 49.05 ? 361 HOH A O   1 
HETATM 1439 O  O   . HOH I 4 .   ? -6.576  5.443   -15.859 1.00 35.90 ? 362 HOH A O   1 
HETATM 1440 O  O   . HOH I 4 .   ? 3.176   15.702  -5.892  1.00 17.07 ? 364 HOH A O   1 
HETATM 1441 O  O   . HOH I 4 .   ? 19.463  -2.079  0.078   1.00 45.50 ? 365 HOH A O   1 
HETATM 1442 O  O   . HOH I 4 .   ? 6.737   16.067  -3.456  1.00 39.29 ? 366 HOH A O   1 
HETATM 1443 O  O   . HOH I 4 .   ? -7.055  -0.483  17.383  1.00 37.24 ? 367 HOH A O   1 
HETATM 1444 O  O   . HOH I 4 .   ? 0.882   13.123  12.323  1.00 50.79 ? 368 HOH A O   1 
HETATM 1445 O  O   . HOH I 4 .   ? -16.530 9.689   -1.772  1.00 44.70 ? 369 HOH A O   1 
HETATM 1446 O  O   . HOH I 4 .   ? -1.750  16.434  -0.899  1.00 35.25 ? 370 HOH A O   1 
HETATM 1447 O  O   . HOH I 4 .   ? -0.471  -8.526  -15.902 1.00 41.61 ? 371 HOH A O   1 
HETATM 1448 O  O   . HOH I 4 .   ? 17.040  -5.182  3.824   1.00 41.41 ? 372 HOH A O   1 
HETATM 1449 O  O   . HOH I 4 .   ? -9.115  12.150  8.924   1.00 47.15 ? 373 HOH A O   1 
HETATM 1450 O  O   . HOH I 4 .   ? -3.304  1.525   16.899  1.00 51.42 ? 374 HOH A O   1 
HETATM 1451 O  O   . HOH I 4 .   ? -7.862  21.806  -0.761  1.00 47.19 ? 375 HOH A O   1 
HETATM 1452 O  O   . HOH I 4 .   ? 5.445   -14.278 12.652  1.00 40.84 ? 376 HOH A O   1 
HETATM 1453 O  O   . HOH I 4 .   ? -6.813  -12.817 -15.883 1.00 9.13  ? 402 HOH A O   1 
HETATM 1454 O  O   . HOH I 4 .   ? -9.843  -14.563 -15.741 1.00 19.07 ? 403 HOH A O   1 
HETATM 1455 O  O   . HOH I 4 .   ? -10.983 -11.548 -14.668 1.00 12.57 ? 404 HOH A O   1 
HETATM 1456 O  O   . HOH I 4 .   ? 3.652   -15.586 7.609   1.00 3.95  ? 405 HOH A O   1 
HETATM 1457 O  O   . HOH I 4 .   ? 25.670  0.047   -0.456  1.00 16.11 ? 406 HOH A O   1 
HETATM 1458 O  O   . HOH I 4 .   ? 23.032  0.052   1.928   1.00 41.91 ? 407 HOH A O   1 
HETATM 1459 O  O   . HOH I 4 .   ? 23.617  -0.773  -1.631  1.00 35.40 ? 408 HOH A O   1 
HETATM 1460 O  O   . HOH I 4 .   ? 22.751  0.554   13.229  1.00 22.27 ? 413 HOH A O   1 
HETATM 1461 O  O   . HOH I 4 .   ? 0.277   -12.089 2.968   1.00 32.00 ? 414 HOH A O   1 
HETATM 1462 O  O   . HOH I 4 .   ? -7.743  -14.763 -16.661 1.00 49.50 ? 417 HOH A O   1 
HETATM 1463 O  O   . HOH I 4 .   ? 0.711   15.784  3.900   1.00 22.30 ? 515 HOH A O   1 
# 
